data_8CY2
#
_entry.id   8CY2
#
_cell.length_a   81.531
_cell.length_b   161.814
_cell.length_c   230.342
_cell.angle_alpha   90.000
_cell.angle_beta   90.000
_cell.angle_gamma   90.000
#
_symmetry.space_group_name_H-M   'P 21 21 21'
#
loop_
_entity.id
_entity.type
_entity.pdbx_description
1 polymer 'Site-specific DNA-methyltransferase (adenine-specific)'
2 polymer 'DNA Strand 1'
3 polymer 'DNA Strand 2'
4 non-polymer 1,2-ETHANEDIOL
5 non-polymer 'POTASSIUM ION'
6 non-polymer N-[2-(4-aminophenyl)ethyl]adenosine
7 water water
#
loop_
_entity_poly.entity_id
_entity_poly.type
_entity_poly.pdbx_seq_one_letter_code
_entity_poly.pdbx_strand_id
1 'polypeptide(L)'
;HMDDISQDNFLLSKEYENSLDVDTKKASGIYYTPKIIVDYIVKKTLKNHDIIKNPYPRILDISCGCGNFLLEVYDILYDL
FEENIYELKKKYDENYWTVDNIHRHILNYCIYGADIDEKAISILKDSLTNKKVVNDLDESDIKINLFCCDSLKKKWRYKF
DYIVGNPPYIGHKKLEKKYKKFLLEKYSEVYKDKADLYFCFYKKIIDILKQGGIGSVITPRYFLESLSGKDLREYIKSNV
NVQEIVDFLGANIFKNIGVSSCILTFDKKKTKETYIDVFKIKNEDICINKFETLEELLKSSKFEHFNINQRLLSDEWILV
NKDDETFYNKIQEKCKYSLEDIAISFQGIITGCDKAFILSKDDVKLNLVDDKFLKCWIKSKNINKYIVDKSEYRLIYSND
IDNENTNKRILDEIIGLYKTKLENRRECKSGIRKWYELQWGREKLFFERKKIMYPYKSNENRFAIDYDNNFSSADVYSFF
IKEEYLDKFSYEYLVGILNSSVYDKYFKITAKKMSKNIYDYYPNKVMKIRIFRDNNYEEIENLSKQIISILLNKSIDKGK
VEKLQIKMDNLIMDSLGI
;
A,B,C
2 'polydeoxyribonucleotide' (DT)(DT)(DC)(DA)(DA)(DA)(DA)(DA)(DG)(DT)(DC)(DC)(DC)(DA) D,F,H
3 'polydeoxyribonucleotide' (DA)(DT)(DG)(DG)(DG)(DA)(DC)(DT)(DT)(DT)(DT)(DT)(DG)(DA) E,G,I
#
loop_
_chem_comp.id
_chem_comp.type
_chem_comp.name
_chem_comp.formula
DA DNA linking 2'-DEOXYADENOSINE-5'-MONOPHOSPHATE 'C10 H14 N5 O6 P'
DC DNA linking 2'-DEOXYCYTIDINE-5'-MONOPHOSPHATE 'C9 H14 N3 O7 P'
DG DNA linking 2'-DEOXYGUANOSINE-5'-MONOPHOSPHATE 'C10 H14 N5 O7 P'
DT DNA linking THYMIDINE-5'-MONOPHOSPHATE 'C10 H15 N2 O8 P'
EDO non-polymer 1,2-ETHANEDIOL 'C2 H6 O2'
K non-polymer 'POTASSIUM ION' 'K 1'
QA2 non-polymer N-[2-(4-aminophenyl)ethyl]adenosine 'C18 H22 N6 O4'
#
# COMPACT_ATOMS: atom_id res chain seq x y z
N GLY A 29 46.14 18.91 4.50
CA GLY A 29 44.99 19.29 5.32
C GLY A 29 45.02 20.72 5.83
N ILE A 30 46.20 21.36 5.77
CA ILE A 30 46.40 22.72 6.23
C ILE A 30 46.86 23.59 5.07
N TYR A 31 46.32 24.80 4.99
CA TYR A 31 46.62 25.75 3.93
C TYR A 31 47.10 27.07 4.54
N TYR A 32 48.25 27.55 4.09
CA TYR A 32 48.84 28.76 4.64
C TYR A 32 48.37 29.97 3.84
N THR A 33 47.78 30.94 4.54
CA THR A 33 47.38 32.20 3.93
C THR A 33 48.57 33.14 3.86
N PRO A 34 48.81 33.79 2.71
CA PRO A 34 49.96 34.69 2.60
C PRO A 34 49.91 35.81 3.64
N LYS A 35 51.08 36.19 4.16
CA LYS A 35 51.13 37.09 5.29
C LYS A 35 50.47 38.43 4.98
N ILE A 36 50.60 38.89 3.74
CA ILE A 36 50.05 40.20 3.40
C ILE A 36 48.54 40.20 3.57
N ILE A 37 47.87 39.10 3.19
CA ILE A 37 46.43 39.01 3.32
C ILE A 37 46.01 38.87 4.79
N VAL A 38 46.75 38.09 5.57
CA VAL A 38 46.44 37.95 6.99
C VAL A 38 46.52 39.31 7.67
N ASP A 39 47.60 40.05 7.40
CA ASP A 39 47.77 41.38 7.97
C ASP A 39 46.62 42.29 7.56
N TYR A 40 46.22 42.23 6.29
CA TYR A 40 45.11 43.06 5.85
C TYR A 40 43.83 42.74 6.61
N ILE A 41 43.53 41.45 6.80
CA ILE A 41 42.28 41.08 7.45
C ILE A 41 42.27 41.49 8.92
N VAL A 42 43.38 41.25 9.62
CA VAL A 42 43.44 41.65 11.03
C VAL A 42 43.34 43.17 11.17
N LYS A 43 44.06 43.92 10.34
CA LYS A 43 43.95 45.37 10.37
C LYS A 43 42.53 45.81 10.03
N LYS A 44 41.86 45.11 9.12
CA LYS A 44 40.49 45.47 8.76
C LYS A 44 39.56 45.35 9.96
N THR A 45 39.71 44.29 10.75
CA THR A 45 38.77 44.14 11.86
C THR A 45 39.16 44.98 13.08
N LEU A 46 40.45 45.31 13.28
CA LEU A 46 40.87 45.88 14.56
C LEU A 46 41.39 47.31 14.51
N LYS A 47 41.52 47.93 13.34
CA LYS A 47 42.27 49.19 13.26
C LYS A 47 41.59 50.32 14.00
N ASN A 48 40.26 50.30 14.13
CA ASN A 48 39.53 51.38 14.77
C ASN A 48 38.86 50.94 16.07
N HIS A 49 39.38 49.89 16.71
CA HIS A 49 38.81 49.44 17.97
C HIS A 49 39.15 50.43 19.09
N ASP A 50 38.15 50.75 19.91
CA ASP A 50 38.31 51.68 21.03
C ASP A 50 38.64 50.88 22.28
N ILE A 51 39.94 50.62 22.47
CA ILE A 51 40.37 49.76 23.58
C ILE A 51 40.03 50.38 24.93
N ILE A 52 39.92 51.71 24.99
CA ILE A 52 39.58 52.37 26.24
C ILE A 52 38.13 52.10 26.62
N LYS A 53 37.22 52.17 25.65
CA LYS A 53 35.81 51.91 25.94
C LYS A 53 35.57 50.42 26.21
N ASN A 54 36.21 49.54 25.45
CA ASN A 54 36.07 48.10 25.62
C ASN A 54 37.45 47.44 25.61
N PRO A 55 38.07 47.26 26.79
CA PRO A 55 39.37 46.58 26.86
C PRO A 55 39.28 45.06 26.90
N TYR A 56 38.12 44.47 26.63
CA TYR A 56 37.93 43.02 26.69
C TYR A 56 37.32 42.50 25.39
N PRO A 57 37.97 42.74 24.24
CA PRO A 57 37.41 42.25 22.98
C PRO A 57 37.70 40.77 22.79
N ARG A 58 36.71 40.05 22.27
CA ARG A 58 36.86 38.63 21.96
C ARG A 58 37.10 38.48 20.46
N ILE A 59 38.27 37.98 20.10
CA ILE A 59 38.66 37.76 18.70
C ILE A 59 38.78 36.26 18.49
N LEU A 60 38.07 35.75 17.49
CA LEU A 60 37.92 34.32 17.27
C LEU A 60 38.39 33.92 15.88
N ASP A 61 39.03 32.75 15.79
CA ASP A 61 39.28 32.09 14.52
C ASP A 61 38.83 30.64 14.66
N ILE A 62 37.81 30.24 13.90
CA ILE A 62 37.23 28.91 14.07
C ILE A 62 37.87 27.86 13.18
N SER A 63 38.88 28.23 12.39
CA SER A 63 39.69 27.25 11.68
C SER A 63 41.15 27.67 11.76
N CYS A 64 41.60 27.96 12.99
CA CYS A 64 42.84 28.72 13.18
C CYS A 64 44.07 27.97 12.68
N GLY A 65 44.02 26.64 12.63
CA GLY A 65 45.17 25.91 12.12
C GLY A 65 46.39 26.13 12.99
N CYS A 66 47.54 26.40 12.36
CA CYS A 66 48.78 26.60 13.10
C CYS A 66 48.83 27.95 13.80
N GLY A 67 47.88 28.83 13.54
CA GLY A 67 47.85 30.13 14.16
C GLY A 67 48.28 31.27 13.26
N ASN A 68 48.05 31.16 11.95
CA ASN A 68 48.45 32.23 11.03
C ASN A 68 47.82 33.56 11.45
N PHE A 69 46.51 33.54 11.75
CA PHE A 69 45.82 34.78 12.08
C PHE A 69 46.00 35.17 13.54
N LEU A 70 45.91 34.20 14.45
CA LEU A 70 45.85 34.53 15.87
C LEU A 70 47.17 35.12 16.39
N LEU A 71 48.31 34.70 15.84
CA LEU A 71 49.58 35.31 16.27
C LEU A 71 49.65 36.77 15.87
N GLU A 72 49.23 37.10 14.65
CA GLU A 72 49.18 38.49 14.23
C GLU A 72 48.19 39.27 15.10
N VAL A 73 47.07 38.65 15.47
CA VAL A 73 46.12 39.30 16.36
C VAL A 73 46.78 39.61 17.69
N TYR A 74 47.58 38.68 18.21
CA TYR A 74 48.29 38.92 19.46
C TYR A 74 49.22 40.12 19.34
N ASP A 75 49.96 40.20 18.23
CA ASP A 75 50.86 41.34 18.04
C ASP A 75 50.08 42.66 18.02
N ILE A 76 49.01 42.71 17.23
CA ILE A 76 48.22 43.93 17.11
C ILE A 76 47.65 44.33 18.46
N LEU A 77 47.10 43.35 19.19
CA LEU A 77 46.52 43.63 20.49
C LEU A 77 47.57 44.10 21.49
N TYR A 78 48.76 43.50 21.46
CA TYR A 78 49.80 43.91 22.38
C TYR A 78 50.17 45.37 22.15
N ASP A 79 50.35 45.76 20.88
CA ASP A 79 50.66 47.16 20.61
C ASP A 79 49.51 48.07 21.06
N LEU A 80 48.27 47.64 20.83
CA LEU A 80 47.11 48.45 21.20
C LEU A 80 47.05 48.68 22.70
N PHE A 81 47.26 47.63 23.50
CA PHE A 81 47.24 47.77 24.94
C PHE A 81 48.43 48.58 25.44
N GLU A 82 49.61 48.34 24.87
CA GLU A 82 50.80 49.00 25.38
C GLU A 82 50.76 50.50 25.10
N GLU A 83 50.16 50.92 23.99
CA GLU A 83 50.09 52.35 23.70
C GLU A 83 49.09 53.10 24.58
N ASN A 84 48.17 52.39 25.25
CA ASN A 84 47.15 53.01 26.09
C ASN A 84 47.17 52.49 27.52
N ILE A 85 48.29 51.88 27.93
CA ILE A 85 48.38 51.29 29.26
C ILE A 85 48.12 52.32 30.36
N TYR A 86 48.64 53.54 30.21
CA TYR A 86 48.48 54.50 31.30
C TYR A 86 47.05 55.02 31.38
N GLU A 87 46.40 55.21 30.22
CA GLU A 87 44.99 55.61 30.24
C GLU A 87 44.12 54.52 30.85
N LEU A 88 44.38 53.25 30.49
CA LEU A 88 43.62 52.15 31.08
C LEU A 88 43.86 52.09 32.59
N LYS A 89 45.11 52.26 33.01
CA LYS A 89 45.42 52.26 34.44
C LYS A 89 44.66 53.37 35.15
N LYS A 90 44.55 54.53 34.53
CA LYS A 90 43.87 55.64 35.19
C LYS A 90 42.35 55.45 35.23
N LYS A 91 41.78 54.83 34.19
CA LYS A 91 40.33 54.70 34.14
C LYS A 91 39.79 53.50 34.90
N TYR A 92 40.58 52.43 35.03
CA TYR A 92 40.16 51.17 35.62
C TYR A 92 41.10 50.82 36.77
N ASP A 93 41.01 49.57 37.24
CA ASP A 93 41.90 49.07 38.27
C ASP A 93 43.36 49.39 37.94
N GLU A 94 43.98 50.25 38.74
CA GLU A 94 45.35 50.70 38.44
C GLU A 94 46.38 49.61 38.70
N ASN A 95 46.05 48.61 39.51
CA ASN A 95 46.94 47.49 39.76
C ASN A 95 46.83 46.39 38.72
N TYR A 96 45.67 46.29 38.06
CA TYR A 96 45.49 45.29 37.02
C TYR A 96 46.21 45.67 35.72
N TRP A 97 46.16 46.96 35.36
CA TRP A 97 46.61 47.42 34.05
C TRP A 97 48.06 47.88 34.13
N THR A 98 48.97 46.92 33.98
CA THR A 98 50.39 47.18 33.85
C THR A 98 50.89 46.45 32.62
N VAL A 99 52.06 46.86 32.12
CA VAL A 99 52.59 46.21 30.92
C VAL A 99 52.87 44.75 31.20
N ASP A 100 53.44 44.43 32.37
CA ASP A 100 53.75 43.05 32.72
C ASP A 100 52.52 42.16 32.73
N ASN A 101 51.33 42.73 32.89
CA ASN A 101 50.11 41.94 32.90
C ASN A 101 49.43 41.88 31.54
N ILE A 102 49.98 42.52 30.50
CA ILE A 102 49.28 42.57 29.21
C ILE A 102 49.16 41.18 28.62
N HIS A 103 50.30 40.48 28.48
CA HIS A 103 50.33 39.14 27.90
C HIS A 103 49.27 38.24 28.51
N ARG A 104 49.33 38.06 29.83
CA ARG A 104 48.34 37.24 30.52
C ARG A 104 46.93 37.66 30.14
N HIS A 105 46.64 38.97 30.25
CA HIS A 105 45.30 39.45 29.95
C HIS A 105 44.90 39.04 28.54
N ILE A 106 45.79 39.23 27.57
CA ILE A 106 45.45 38.90 26.18
C ILE A 106 45.05 37.45 26.05
N LEU A 107 45.78 36.54 26.72
CA LEU A 107 45.47 35.14 26.57
C LEU A 107 44.22 34.74 27.33
N ASN A 108 43.87 35.48 28.39
CA ASN A 108 42.75 35.05 29.22
C ASN A 108 41.42 35.45 28.61
N TYR A 109 41.35 36.65 28.03
CA TYR A 109 40.08 37.27 27.72
C TYR A 109 39.88 37.64 26.26
N CYS A 110 40.92 37.57 25.43
CA CYS A 110 40.82 38.19 24.11
C CYS A 110 40.93 37.23 22.94
N ILE A 111 41.80 36.24 23.00
CA ILE A 111 42.10 35.38 21.85
C ILE A 111 41.37 34.04 22.02
N TYR A 112 40.64 33.63 20.98
CA TYR A 112 39.94 32.36 20.94
C TYR A 112 40.19 31.66 19.61
N GLY A 113 40.53 30.39 19.66
CA GLY A 113 40.76 29.61 18.45
C GLY A 113 40.09 28.26 18.53
N ALA A 114 39.75 27.74 17.35
CA ALA A 114 39.14 26.42 17.21
C ALA A 114 39.71 25.74 15.98
N ASP A 115 40.02 24.45 16.12
CA ASP A 115 40.40 23.65 14.97
C ASP A 115 40.26 22.19 15.33
N ILE A 116 40.08 21.36 14.30
CA ILE A 116 39.89 19.93 14.51
C ILE A 116 41.21 19.16 14.58
N ASP A 117 42.32 19.78 14.18
CA ASP A 117 43.63 19.14 14.20
C ASP A 117 44.32 19.37 15.55
N GLU A 118 44.53 18.28 16.30
CA GLU A 118 45.15 18.41 17.62
C GLU A 118 46.54 19.00 17.54
N LYS A 119 47.35 18.51 16.60
CA LYS A 119 48.75 18.93 16.54
C LYS A 119 48.86 20.42 16.26
N ALA A 120 48.01 20.94 15.38
CA ALA A 120 47.99 22.36 15.10
C ALA A 120 47.66 23.16 16.35
N ILE A 121 46.69 22.70 17.13
CA ILE A 121 46.33 23.38 18.36
C ILE A 121 47.49 23.37 19.35
N SER A 122 48.18 22.23 19.48
CA SER A 122 49.33 22.16 20.39
C SER A 122 50.42 23.14 19.97
N ILE A 123 50.72 23.19 18.68
CA ILE A 123 51.74 24.10 18.17
C ILE A 123 51.34 25.55 18.43
N LEU A 124 50.07 25.89 18.18
CA LEU A 124 49.61 27.25 18.41
C LEU A 124 49.67 27.62 19.89
N LYS A 125 49.30 26.69 20.76
CA LYS A 125 49.38 26.93 22.21
C LYS A 125 50.81 27.20 22.62
N ASP A 126 51.76 26.44 22.07
CA ASP A 126 53.17 26.68 22.36
C ASP A 126 53.60 28.06 21.89
N SER A 127 53.18 28.46 20.68
CA SER A 127 53.57 29.77 20.17
C SER A 127 53.02 30.89 21.04
N LEU A 128 51.73 30.80 21.38
CA LEU A 128 51.11 31.83 22.23
C LEU A 128 51.76 31.90 23.60
N THR A 129 52.13 30.74 24.18
CA THR A 129 52.85 30.76 25.44
C THR A 129 54.22 31.42 25.29
N ASN A 130 54.89 31.15 24.15
CA ASN A 130 56.24 31.66 23.91
C ASN A 130 56.25 33.11 23.45
N LYS A 131 55.09 33.75 23.32
CA LYS A 131 55.07 35.18 23.05
C LYS A 131 55.72 36.00 24.17
N LYS A 132 55.68 35.51 25.41
CA LYS A 132 56.24 36.27 26.54
C LYS A 132 57.71 35.88 26.80
N GLU A 139 56.11 30.32 37.82
CA GLU A 139 54.89 31.12 37.89
C GLU A 139 53.63 30.30 37.55
N SER A 140 52.46 30.89 37.77
CA SER A 140 51.19 30.24 37.41
C SER A 140 51.05 30.12 35.89
N ASP A 141 50.16 29.22 35.47
CA ASP A 141 49.94 28.94 34.06
C ASP A 141 48.65 29.61 33.59
N ILE A 142 48.75 30.40 32.51
CA ILE A 142 47.59 31.06 31.93
C ILE A 142 46.80 30.07 31.10
N LYS A 143 45.47 30.20 31.11
CA LYS A 143 44.57 29.30 30.42
C LYS A 143 44.25 29.88 29.05
N ILE A 144 44.64 29.19 27.99
CA ILE A 144 44.48 29.68 26.63
C ILE A 144 43.20 29.09 26.03
N ASN A 145 42.38 29.97 25.45
CA ASN A 145 41.05 29.59 24.95
C ASN A 145 41.18 29.01 23.54
N LEU A 146 41.75 27.81 23.48
CA LEU A 146 41.87 27.04 22.26
C LEU A 146 41.10 25.74 22.41
N PHE A 147 40.18 25.48 21.48
CA PHE A 147 39.33 24.30 21.53
C PHE A 147 39.65 23.41 20.35
N CYS A 148 39.84 22.11 20.61
CA CYS A 148 40.03 21.12 19.56
C CYS A 148 38.71 20.40 19.35
N CYS A 149 37.99 20.82 18.31
CA CYS A 149 36.63 20.32 18.08
C CYS A 149 36.21 20.66 16.65
N ASP A 150 35.03 20.15 16.29
CA ASP A 150 34.36 20.54 15.05
C ASP A 150 33.61 21.85 15.30
N SER A 151 34.07 22.93 14.66
CA SER A 151 33.45 24.22 14.90
C SER A 151 31.98 24.25 14.51
N LEU A 152 31.55 23.38 13.59
CA LEU A 152 30.16 23.34 13.18
C LEU A 152 29.28 22.54 14.13
N LYS A 153 29.86 21.79 15.06
CA LYS A 153 29.10 21.07 16.07
C LYS A 153 29.23 21.65 17.46
N LYS A 154 30.18 22.55 17.69
CA LYS A 154 30.43 23.03 19.04
C LYS A 154 29.28 23.90 19.53
N LYS A 155 28.81 23.62 20.74
CA LYS A 155 27.88 24.52 21.42
C LYS A 155 28.66 25.74 21.87
N TRP A 156 28.47 26.87 21.18
CA TRP A 156 29.18 28.10 21.52
C TRP A 156 28.42 28.83 22.62
N ARG A 157 29.14 29.15 23.71
CA ARG A 157 28.52 29.69 24.91
C ARG A 157 28.37 31.21 24.87
N TYR A 158 29.04 31.91 23.96
CA TYR A 158 28.90 33.36 23.89
C TYR A 158 29.29 33.82 22.49
N LYS A 159 28.85 35.04 22.16
CA LYS A 159 29.16 35.64 20.86
C LYS A 159 30.51 36.36 20.92
N PHE A 160 30.95 36.90 19.79
CA PHE A 160 32.30 37.44 19.66
C PHE A 160 32.29 38.82 19.02
N ASP A 161 33.24 39.65 19.45
CA ASP A 161 33.36 40.99 18.89
C ASP A 161 33.96 40.96 17.49
N TYR A 162 34.96 40.11 17.26
CA TYR A 162 35.69 40.08 16.00
C TYR A 162 36.00 38.65 15.60
N ILE A 163 35.81 38.32 14.32
CA ILE A 163 36.03 36.98 13.80
C ILE A 163 36.80 37.06 12.50
N VAL A 164 37.91 36.33 12.41
CA VAL A 164 38.79 36.32 11.25
C VAL A 164 39.16 34.89 10.93
N GLY A 165 39.60 34.65 9.70
CA GLY A 165 40.24 33.39 9.38
C GLY A 165 39.97 32.95 7.95
N ASN A 166 40.39 31.71 7.69
CA ASN A 166 40.33 31.08 6.37
C ASN A 166 39.70 29.69 6.55
N PRO A 167 38.41 29.54 6.29
CA PRO A 167 37.71 28.29 6.59
C PRO A 167 38.09 27.19 5.61
N PRO A 168 37.75 25.93 5.90
CA PRO A 168 38.03 24.86 4.94
C PRO A 168 37.03 24.81 3.81
N TYR A 169 37.52 24.46 2.62
CA TYR A 169 36.70 24.33 1.42
C TYR A 169 36.62 22.85 1.06
N ILE A 170 35.41 22.29 1.12
CA ILE A 170 35.17 20.92 0.67
C ILE A 170 33.93 20.93 -0.22
N GLY A 171 34.08 20.48 -1.47
CA GLY A 171 32.98 20.40 -2.38
C GLY A 171 32.12 19.16 -2.16
N HIS A 172 31.17 18.96 -3.09
CA HIS A 172 30.19 17.91 -2.88
C HIS A 172 30.74 16.52 -3.15
N LYS A 173 31.84 16.40 -3.91
CA LYS A 173 32.39 15.07 -4.15
C LYS A 173 33.30 14.61 -3.01
N LYS A 174 34.05 15.54 -2.42
CA LYS A 174 35.06 15.20 -1.43
C LYS A 174 34.54 15.23 0.00
N LEU A 175 33.25 15.48 0.20
CA LEU A 175 32.67 15.52 1.53
C LEU A 175 31.97 14.20 1.84
N GLU A 176 32.18 13.69 3.05
CA GLU A 176 31.62 12.39 3.44
C GLU A 176 30.11 12.47 3.58
N LYS A 177 29.43 11.39 3.18
CA LYS A 177 27.97 11.38 3.10
C LYS A 177 27.32 11.52 4.49
N LYS A 178 27.88 10.87 5.51
CA LYS A 178 27.33 11.02 6.86
C LYS A 178 27.34 12.48 7.29
N TYR A 179 28.50 13.14 7.17
CA TYR A 179 28.58 14.54 7.52
C TYR A 179 27.66 15.39 6.66
N LYS A 180 27.46 15.01 5.39
CA LYS A 180 26.55 15.76 4.54
C LYS A 180 25.11 15.63 5.01
N LYS A 181 24.72 14.46 5.51
CA LYS A 181 23.40 14.33 6.12
C LYS A 181 23.27 15.27 7.30
N PHE A 182 24.30 15.32 8.15
CA PHE A 182 24.28 16.27 9.27
C PHE A 182 24.09 17.71 8.77
N LEU A 183 24.89 18.11 7.77
CA LEU A 183 24.82 19.49 7.29
C LEU A 183 23.46 19.81 6.69
N LEU A 184 22.92 18.89 5.89
CA LEU A 184 21.61 19.11 5.28
C LEU A 184 20.52 19.19 6.33
N GLU A 185 20.71 18.54 7.49
CA GLU A 185 19.70 18.64 8.54
C GLU A 185 19.85 19.94 9.33
N LYS A 186 21.08 20.37 9.63
CA LYS A 186 21.26 21.47 10.58
C LYS A 186 21.63 22.79 9.94
N TYR A 187 22.17 22.79 8.73
CA TYR A 187 22.58 24.01 8.04
C TYR A 187 21.78 24.22 6.76
N SER A 188 20.52 23.81 6.78
CA SER A 188 19.69 23.86 5.57
C SER A 188 19.53 25.27 5.02
N GLU A 189 19.70 26.31 5.86
CA GLU A 189 19.52 27.67 5.38
C GLU A 189 20.56 28.06 4.32
N VAL A 190 21.73 27.42 4.33
CA VAL A 190 22.74 27.71 3.33
C VAL A 190 23.26 26.48 2.60
N TYR A 191 23.05 25.27 3.10
CA TYR A 191 23.63 24.06 2.52
C TYR A 191 22.53 23.18 1.94
N LYS A 192 22.47 23.10 0.62
CA LYS A 192 21.65 22.14 -0.11
C LYS A 192 22.41 21.73 -1.35
N ASP A 193 21.99 20.61 -1.93
CA ASP A 193 22.45 20.19 -3.25
C ASP A 193 23.97 20.19 -3.36
N LYS A 194 24.51 20.94 -4.33
CA LYS A 194 25.94 20.98 -4.61
C LYS A 194 26.67 22.07 -3.85
N ALA A 195 26.18 22.46 -2.68
CA ALA A 195 26.79 23.52 -1.89
C ALA A 195 28.11 23.05 -1.28
N ASP A 196 28.83 24.00 -0.69
CA ASP A 196 30.15 23.77 -0.13
C ASP A 196 30.13 23.97 1.39
N LEU A 197 31.13 23.35 2.04
CA LEU A 197 31.24 23.42 3.50
C LEU A 197 31.46 24.86 3.98
N TYR A 198 32.22 25.64 3.23
CA TYR A 198 32.48 27.00 3.69
C TYR A 198 31.21 27.84 3.70
N PHE A 199 30.14 27.40 3.03
CA PHE A 199 28.84 28.02 3.24
C PHE A 199 28.44 27.92 4.70
N CYS A 200 28.58 26.72 5.27
CA CYS A 200 28.23 26.50 6.66
C CYS A 200 29.13 27.31 7.57
N PHE A 201 30.41 27.43 7.22
CA PHE A 201 31.28 28.27 8.05
C PHE A 201 30.83 29.74 8.00
N TYR A 202 30.39 30.22 6.84
CA TYR A 202 29.83 31.56 6.78
C TYR A 202 28.63 31.70 7.72
N LYS A 203 27.71 30.72 7.68
CA LYS A 203 26.53 30.81 8.53
C LYS A 203 26.92 30.81 10.00
N LYS A 204 27.84 29.92 10.37
CA LYS A 204 28.26 29.84 11.77
C LYS A 204 28.90 31.14 12.23
N ILE A 205 29.76 31.72 11.40
CA ILE A 205 30.41 32.98 11.76
C ILE A 205 29.36 34.07 11.98
N ILE A 206 28.42 34.19 11.04
CA ILE A 206 27.42 35.24 11.18
C ILE A 206 26.61 35.03 12.45
N ASP A 207 26.30 33.78 12.78
CA ASP A 207 25.42 33.52 13.93
C ASP A 207 26.07 33.88 15.27
N ILE A 208 27.38 33.71 15.41
CA ILE A 208 28.04 33.92 16.69
C ILE A 208 28.77 35.26 16.73
N LEU A 209 28.39 36.21 15.89
CA LEU A 209 29.00 37.54 15.88
C LEU A 209 28.17 38.48 16.75
N LYS A 210 28.83 39.15 17.69
CA LYS A 210 28.13 40.08 18.58
C LYS A 210 27.48 41.20 17.77
N GLN A 211 26.42 41.76 18.34
CA GLN A 211 25.85 42.96 17.75
C GLN A 211 26.91 44.06 17.72
N GLY A 212 27.08 44.67 16.55
CA GLY A 212 28.17 45.59 16.35
C GLY A 212 29.52 44.96 16.05
N GLY A 213 29.58 43.63 15.93
CA GLY A 213 30.83 42.96 15.65
C GLY A 213 31.24 43.06 14.20
N ILE A 214 32.49 42.67 13.92
CA ILE A 214 33.06 42.74 12.58
C ILE A 214 33.69 41.39 12.24
N GLY A 215 33.35 40.86 11.08
CA GLY A 215 33.95 39.64 10.57
C GLY A 215 34.66 39.90 9.26
N SER A 216 35.78 39.21 9.05
CA SER A 216 36.52 39.33 7.81
C SER A 216 37.17 37.99 7.51
N VAL A 217 36.85 37.41 6.35
CA VAL A 217 37.33 36.09 5.98
C VAL A 217 37.81 36.08 4.53
N ILE A 218 38.63 35.10 4.20
CA ILE A 218 39.00 34.80 2.82
C ILE A 218 38.42 33.44 2.48
N THR A 219 37.60 33.40 1.41
CA THR A 219 36.93 32.17 0.98
C THR A 219 37.06 32.04 -0.53
N PRO A 220 36.58 30.95 -1.14
CA PRO A 220 36.50 30.93 -2.60
C PRO A 220 35.50 31.97 -3.07
N ARG A 221 35.74 32.49 -4.27
CA ARG A 221 34.88 33.53 -4.81
C ARG A 221 33.60 32.99 -5.42
N TYR A 222 33.50 31.67 -5.62
CA TYR A 222 32.47 31.11 -6.49
C TYR A 222 31.06 31.35 -5.95
N PHE A 223 30.89 31.43 -4.63
CA PHE A 223 29.56 31.64 -4.08
C PHE A 223 28.96 32.98 -4.51
N LEU A 224 29.77 33.92 -4.99
CA LEU A 224 29.25 35.21 -5.41
C LEU A 224 28.36 35.10 -6.63
N GLU A 225 28.59 34.11 -7.48
CA GLU A 225 27.85 33.99 -8.72
C GLU A 225 27.16 32.65 -8.91
N SER A 226 27.53 31.64 -8.14
CA SER A 226 27.08 30.28 -8.43
C SER A 226 25.63 30.09 -8.00
N LEU A 227 24.95 29.16 -8.70
CA LEU A 227 23.59 28.80 -8.35
C LEU A 227 23.52 28.13 -6.99
N SER A 228 24.57 27.39 -6.60
CA SER A 228 24.57 26.78 -5.27
C SER A 228 24.63 27.82 -4.17
N GLY A 229 25.25 28.98 -4.44
CA GLY A 229 25.41 29.99 -3.43
C GLY A 229 24.22 30.89 -3.20
N LYS A 230 23.09 30.64 -3.88
CA LYS A 230 21.97 31.56 -3.81
C LYS A 230 21.46 31.73 -2.38
N ASP A 231 21.21 30.61 -1.68
CA ASP A 231 20.71 30.69 -0.31
C ASP A 231 21.72 31.37 0.62
N LEU A 232 23.00 31.05 0.44
CA LEU A 232 24.04 31.70 1.25
C LEU A 232 24.09 33.20 1.01
N ARG A 233 23.99 33.62 -0.26
CA ARG A 233 23.97 35.05 -0.56
C ARG A 233 22.78 35.73 0.10
N GLU A 234 21.61 35.09 0.03
CA GLU A 234 20.44 35.64 0.71
C GLU A 234 20.70 35.78 2.20
N TYR A 235 21.31 34.76 2.82
CA TYR A 235 21.57 34.79 4.25
C TYR A 235 22.48 35.95 4.61
N ILE A 236 23.60 36.09 3.91
CA ILE A 236 24.54 37.18 4.19
C ILE A 236 23.85 38.53 4.02
N LYS A 237 23.19 38.74 2.89
CA LYS A 237 22.54 40.02 2.62
C LYS A 237 21.53 40.36 3.71
N SER A 238 20.80 39.38 4.20
CA SER A 238 19.72 39.65 5.14
C SER A 238 20.15 39.63 6.60
N ASN A 239 21.40 39.28 6.91
CA ASN A 239 21.80 39.23 8.31
C ASN A 239 22.98 40.11 8.70
N VAL A 240 23.79 40.57 7.74
CA VAL A 240 24.93 41.44 8.05
C VAL A 240 24.99 42.58 7.05
N ASN A 241 25.78 43.60 7.40
CA ASN A 241 26.11 44.69 6.50
C ASN A 241 27.46 44.37 5.87
N VAL A 242 27.47 44.08 4.57
CA VAL A 242 28.71 43.73 3.89
C VAL A 242 29.48 45.02 3.67
N GLN A 243 30.59 45.18 4.40
CA GLN A 243 31.40 46.39 4.24
C GLN A 243 32.17 46.36 2.92
N GLU A 244 32.83 45.24 2.64
CA GLU A 244 33.82 45.27 1.56
C GLU A 244 34.03 43.89 0.95
N ILE A 245 34.17 43.86 -0.37
CA ILE A 245 34.47 42.65 -1.13
C ILE A 245 35.72 42.90 -1.95
N VAL A 246 36.73 42.05 -1.76
CA VAL A 246 37.93 42.05 -2.58
C VAL A 246 37.89 40.79 -3.43
N ASP A 247 37.76 40.96 -4.76
CA ASP A 247 37.64 39.85 -5.69
C ASP A 247 38.93 39.77 -6.51
N PHE A 248 39.70 38.70 -6.28
CA PHE A 248 40.95 38.47 -7.01
C PHE A 248 40.72 37.76 -8.35
N LEU A 249 39.49 37.40 -8.69
CA LEU A 249 39.15 36.78 -9.97
C LEU A 249 40.06 35.56 -10.14
N GLY A 250 40.74 35.39 -11.26
CA GLY A 250 41.54 34.23 -11.54
C GLY A 250 42.96 34.25 -11.04
N ALA A 251 43.34 35.26 -10.26
CA ALA A 251 44.71 35.33 -9.74
C ALA A 251 44.98 34.15 -8.82
N ASN A 252 46.24 33.71 -8.81
CA ASN A 252 46.66 32.58 -7.98
C ASN A 252 47.15 33.11 -6.64
N ILE A 253 46.25 33.14 -5.66
CA ILE A 253 46.60 33.67 -4.34
C ILE A 253 47.31 32.62 -3.51
N PHE A 254 46.84 31.38 -3.53
CA PHE A 254 47.49 30.27 -2.85
C PHE A 254 48.40 29.55 -3.83
N LYS A 255 49.70 29.54 -3.54
CA LYS A 255 50.67 28.92 -4.43
C LYS A 255 50.39 27.44 -4.57
N ASN A 256 50.45 26.94 -5.80
CA ASN A 256 50.24 25.54 -6.13
C ASN A 256 48.85 25.05 -5.73
N ILE A 257 47.87 25.95 -5.62
CA ILE A 257 46.49 25.59 -5.30
C ILE A 257 45.59 26.13 -6.39
N GLY A 258 44.72 25.27 -6.92
CA GLY A 258 43.77 25.66 -7.93
C GLY A 258 42.47 26.15 -7.35
N VAL A 259 42.46 27.35 -6.78
CA VAL A 259 41.24 27.95 -6.27
C VAL A 259 41.33 29.46 -6.49
N SER A 260 40.16 30.08 -6.64
CA SER A 260 40.06 31.52 -6.87
C SER A 260 39.39 32.17 -5.67
N SER A 261 40.01 33.21 -5.13
CA SER A 261 39.74 33.67 -3.79
C SER A 261 39.08 35.05 -3.77
N CYS A 262 38.38 35.33 -2.66
CA CYS A 262 37.89 36.66 -2.36
C CYS A 262 37.95 36.87 -0.85
N ILE A 263 37.98 38.14 -0.46
CA ILE A 263 37.99 38.55 0.94
C ILE A 263 36.69 39.30 1.21
N LEU A 264 35.91 38.83 2.17
CA LEU A 264 34.65 39.45 2.55
C LEU A 264 34.79 40.06 3.93
N THR A 265 34.29 41.29 4.08
CA THR A 265 34.26 41.98 5.36
C THR A 265 32.85 42.50 5.60
N PHE A 266 32.29 42.16 6.76
CA PHE A 266 30.91 42.45 7.10
C PHE A 266 30.81 42.80 8.58
N ASP A 267 29.71 43.44 8.97
CA ASP A 267 29.51 43.82 10.36
C ASP A 267 28.03 43.71 10.71
N LYS A 268 27.76 43.79 12.02
CA LYS A 268 26.41 43.84 12.56
C LYS A 268 26.17 45.18 13.25
N LYS A 269 26.61 46.26 12.61
CA LYS A 269 26.47 47.60 13.15
C LYS A 269 25.15 48.23 12.71
N LYS A 270 24.68 49.17 13.52
CA LYS A 270 23.49 49.95 13.19
C LYS A 270 23.90 50.99 12.15
N THR A 271 23.58 50.71 10.89
CA THR A 271 23.91 51.60 9.77
C THR A 271 22.67 51.81 8.92
N LYS A 272 22.48 53.05 8.47
CA LYS A 272 21.33 53.41 7.66
C LYS A 272 21.67 53.57 6.18
N GLU A 273 22.88 53.21 5.75
CA GLU A 273 23.31 53.42 4.38
C GLU A 273 23.51 52.11 3.62
N THR A 274 24.35 51.20 4.14
CA THR A 274 24.59 49.88 3.56
C THR A 274 25.02 49.98 2.09
N TYR A 275 26.21 50.58 1.90
CA TYR A 275 26.91 50.54 0.63
C TYR A 275 28.16 49.68 0.78
N ILE A 276 28.45 48.89 -0.25
CA ILE A 276 29.59 47.99 -0.27
C ILE A 276 30.71 48.59 -1.12
N ASP A 277 31.93 48.54 -0.60
CA ASP A 277 33.13 48.83 -1.38
C ASP A 277 33.58 47.55 -2.06
N VAL A 278 33.64 47.58 -3.39
CA VAL A 278 34.08 46.45 -4.20
C VAL A 278 35.41 46.81 -4.83
N PHE A 279 36.42 45.96 -4.58
CA PHE A 279 37.72 46.08 -5.21
C PHE A 279 37.89 44.86 -6.12
N LYS A 280 37.86 45.10 -7.43
CA LYS A 280 37.94 44.04 -8.42
C LYS A 280 39.28 44.13 -9.13
N ILE A 281 40.00 43.01 -9.18
CA ILE A 281 41.32 43.03 -9.81
C ILE A 281 41.17 43.25 -11.31
N LYS A 282 42.16 43.93 -11.90
CA LYS A 282 42.17 44.19 -13.32
C LYS A 282 43.16 43.35 -14.10
N ASN A 283 44.28 42.97 -13.48
CA ASN A 283 45.31 42.15 -14.12
C ASN A 283 45.49 40.90 -13.26
N GLU A 284 45.12 39.74 -13.81
CA GLU A 284 45.24 38.49 -13.08
C GLU A 284 46.66 37.95 -13.02
N ASP A 285 47.59 38.52 -13.80
CA ASP A 285 48.96 38.06 -13.81
C ASP A 285 49.81 38.66 -12.70
N ILE A 286 49.23 39.51 -11.86
CA ILE A 286 50.02 40.25 -10.88
C ILE A 286 50.59 39.30 -9.84
N CYS A 287 51.82 39.58 -9.42
CA CYS A 287 52.36 38.98 -8.21
C CYS A 287 51.88 39.77 -7.00
N ILE A 288 51.49 39.05 -5.96
CA ILE A 288 50.82 39.70 -4.83
C ILE A 288 51.78 40.46 -3.92
N ASN A 289 53.09 40.21 -4.03
CA ASN A 289 54.08 40.81 -3.13
C ASN A 289 54.77 42.02 -3.76
N LYS A 290 54.11 42.69 -4.69
CA LYS A 290 54.70 43.87 -5.32
C LYS A 290 54.83 45.03 -4.33
N PHE A 291 53.92 45.13 -3.37
CA PHE A 291 53.93 46.18 -2.37
C PHE A 291 54.04 45.58 -0.99
N GLU A 292 54.36 46.43 -0.02
CA GLU A 292 54.48 45.96 1.36
C GLU A 292 53.13 45.59 1.96
N THR A 293 52.06 46.28 1.56
CA THR A 293 50.75 46.11 2.15
C THR A 293 49.71 45.88 1.07
N LEU A 294 48.65 45.16 1.43
CA LEU A 294 47.58 44.92 0.47
C LEU A 294 46.82 46.21 0.15
N GLU A 295 46.79 47.15 1.08
CA GLU A 295 46.10 48.42 0.84
C GLU A 295 46.77 49.19 -0.29
N GLU A 296 48.10 49.16 -0.35
CA GLU A 296 48.81 49.80 -1.45
C GLU A 296 48.39 49.17 -2.79
N LEU A 297 48.21 47.85 -2.81
CA LEU A 297 47.80 47.18 -4.04
C LEU A 297 46.36 47.55 -4.41
N LEU A 298 45.47 47.65 -3.42
CA LEU A 298 44.07 47.93 -3.71
C LEU A 298 43.89 49.36 -4.25
N LYS A 299 44.62 50.32 -3.71
CA LYS A 299 44.55 51.69 -4.20
C LYS A 299 45.23 51.86 -5.55
N SER A 300 46.01 50.89 -5.99
CA SER A 300 46.86 51.04 -7.16
C SER A 300 46.05 50.88 -8.45
N SER A 301 46.75 50.99 -9.57
CA SER A 301 46.17 50.77 -10.89
C SER A 301 45.93 49.31 -11.19
N LYS A 302 46.31 48.39 -10.29
CA LYS A 302 46.06 46.98 -10.51
C LYS A 302 44.63 46.57 -10.18
N PHE A 303 43.91 47.40 -9.42
CA PHE A 303 42.53 47.14 -9.04
C PHE A 303 41.64 48.30 -9.48
N GLU A 304 40.37 48.00 -9.68
CA GLU A 304 39.33 49.01 -9.83
C GLU A 304 38.43 48.97 -8.60
N HIS A 305 37.86 50.12 -8.26
CA HIS A 305 37.00 50.23 -7.09
C HIS A 305 35.65 50.79 -7.51
N PHE A 306 34.59 50.28 -6.91
CA PHE A 306 33.26 50.85 -7.12
C PHE A 306 32.37 50.48 -5.94
N ASN A 307 31.17 51.06 -5.92
CA ASN A 307 30.26 50.91 -4.81
C ASN A 307 28.97 50.25 -5.27
N ILE A 308 28.43 49.38 -4.41
CA ILE A 308 27.20 48.67 -4.71
C ILE A 308 26.22 48.88 -3.56
N ASN A 309 24.97 49.22 -3.88
CA ASN A 309 23.95 49.38 -2.85
C ASN A 309 23.45 48.00 -2.43
N GLN A 310 23.65 47.64 -1.16
CA GLN A 310 23.27 46.32 -0.69
C GLN A 310 21.77 46.09 -0.79
N ARG A 311 20.97 47.14 -0.61
CA ARG A 311 19.52 46.98 -0.70
C ARG A 311 19.06 46.70 -2.12
N LEU A 312 19.84 47.05 -3.13
CA LEU A 312 19.50 46.79 -4.53
C LEU A 312 19.97 45.42 -5.01
N LEU A 313 20.53 44.61 -4.13
CA LEU A 313 20.91 43.26 -4.53
C LEU A 313 19.68 42.38 -4.68
N SER A 314 19.57 41.73 -5.82
CA SER A 314 18.57 40.71 -6.05
C SER A 314 19.16 39.36 -5.62
N ASP A 315 18.51 38.25 -6.01
CA ASP A 315 19.09 36.95 -5.73
C ASP A 315 20.46 36.79 -6.37
N GLU A 316 20.74 37.55 -7.43
CA GLU A 316 22.07 37.61 -8.02
C GLU A 316 22.76 38.89 -7.60
N TRP A 317 24.07 38.81 -7.42
CA TRP A 317 24.89 39.97 -7.07
C TRP A 317 25.67 40.39 -8.30
N ILE A 318 25.22 41.46 -8.94
CA ILE A 318 25.85 41.97 -10.15
C ILE A 318 26.79 43.09 -9.70
N LEU A 319 28.02 42.71 -9.39
CA LEU A 319 29.03 43.64 -8.86
C LEU A 319 29.85 44.18 -10.02
N VAL A 320 29.39 45.28 -10.59
CA VAL A 320 30.06 45.93 -11.72
C VAL A 320 29.99 47.44 -11.55
N ASN A 321 30.83 48.14 -12.30
CA ASN A 321 30.87 49.59 -12.25
C ASN A 321 29.69 50.18 -13.03
N LYS A 322 29.57 51.52 -12.97
CA LYS A 322 28.40 52.18 -13.54
C LYS A 322 28.35 52.07 -15.06
N ASP A 323 29.49 52.09 -15.75
CA ASP A 323 29.49 51.88 -17.18
C ASP A 323 29.01 50.48 -17.54
N ASP A 324 29.52 49.46 -16.83
CA ASP A 324 29.08 48.09 -17.08
C ASP A 324 27.63 47.89 -16.68
N GLU A 325 27.20 48.51 -15.57
CA GLU A 325 25.79 48.41 -15.18
C GLU A 325 24.89 49.02 -16.25
N THR A 326 25.26 50.20 -16.76
CA THR A 326 24.49 50.82 -17.85
C THR A 326 24.43 49.90 -19.06
N PHE A 327 25.58 49.33 -19.44
CA PHE A 327 25.66 48.41 -20.57
C PHE A 327 24.70 47.22 -20.38
N TYR A 328 24.80 46.57 -19.22
CA TYR A 328 23.97 45.40 -18.93
C TYR A 328 22.50 45.76 -18.93
N ASN A 329 22.13 46.88 -18.31
CA ASN A 329 20.73 47.26 -18.25
C ASN A 329 20.17 47.61 -19.62
N LYS A 330 20.95 48.29 -20.46
CA LYS A 330 20.50 48.55 -21.82
C LYS A 330 20.20 47.23 -22.52
N ILE A 331 21.11 46.27 -22.43
CA ILE A 331 20.90 45.00 -23.12
C ILE A 331 19.67 44.29 -22.57
N GLN A 332 19.53 44.25 -21.25
CA GLN A 332 18.39 43.55 -20.65
C GLN A 332 17.07 44.19 -21.09
N GLU A 333 16.98 45.51 -21.08
CA GLU A 333 15.73 46.18 -21.42
C GLU A 333 15.40 46.01 -22.91
N LYS A 334 16.41 46.07 -23.78
CA LYS A 334 16.12 46.03 -25.21
C LYS A 334 15.67 44.65 -25.68
N CYS A 335 16.20 43.58 -25.07
CA CYS A 335 15.90 42.23 -25.53
C CYS A 335 14.58 41.74 -24.94
N LYS A 336 13.73 41.17 -25.78
CA LYS A 336 12.43 40.67 -25.35
C LYS A 336 12.42 39.17 -25.09
N TYR A 337 13.37 38.42 -25.63
CA TYR A 337 13.42 36.98 -25.46
C TYR A 337 14.69 36.58 -24.74
N SER A 338 14.66 35.42 -24.11
CA SER A 338 15.85 34.76 -23.60
C SER A 338 16.01 33.41 -24.28
N LEU A 339 17.23 32.86 -24.22
CA LEU A 339 17.48 31.56 -24.82
C LEU A 339 16.56 30.50 -24.24
N GLU A 340 16.30 30.57 -22.93
CA GLU A 340 15.42 29.58 -22.31
C GLU A 340 14.03 29.60 -22.94
N ASP A 341 13.53 30.79 -23.28
CA ASP A 341 12.22 30.88 -23.92
C ASP A 341 12.19 30.16 -25.25
N ILE A 342 13.26 30.29 -26.06
CA ILE A 342 13.22 29.85 -27.44
C ILE A 342 13.92 28.52 -27.67
N ALA A 343 14.62 27.98 -26.69
CA ALA A 343 15.50 26.85 -26.93
C ALA A 343 15.28 25.76 -25.89
N ILE A 344 15.73 24.57 -26.26
CA ILE A 344 15.77 23.39 -25.39
C ILE A 344 17.23 23.05 -25.19
N SER A 345 17.66 23.03 -23.92
CA SER A 345 19.05 22.82 -23.54
C SER A 345 19.25 21.44 -22.94
N PHE A 346 20.48 20.93 -23.04
CA PHE A 346 20.80 19.67 -22.40
C PHE A 346 22.31 19.46 -22.30
N GLN A 347 22.68 18.74 -21.23
CA GLN A 347 24.04 18.32 -20.96
C GLN A 347 24.37 17.06 -21.76
N GLY A 348 25.64 16.92 -22.10
CA GLY A 348 26.07 15.80 -22.92
C GLY A 348 26.06 14.47 -22.18
N ILE A 349 26.56 13.45 -22.88
CA ILE A 349 26.61 12.11 -22.36
C ILE A 349 27.54 12.06 -21.15
N ILE A 350 27.14 11.30 -20.13
CA ILE A 350 28.00 10.99 -19.01
C ILE A 350 28.13 9.47 -19.00
N THR A 351 29.24 8.96 -19.54
CA THR A 351 29.42 7.52 -19.61
C THR A 351 29.61 6.92 -18.23
N GLY A 352 30.35 7.61 -17.36
CA GLY A 352 30.74 7.06 -16.09
C GLY A 352 32.08 6.36 -16.11
N CYS A 353 32.58 6.01 -17.30
CA CYS A 353 33.98 5.60 -17.48
C CYS A 353 34.31 5.80 -18.95
N ASP A 354 34.99 6.92 -19.27
CA ASP A 354 35.23 7.26 -20.67
C ASP A 354 36.15 6.26 -21.36
N LYS A 355 37.18 5.77 -20.67
CA LYS A 355 38.14 4.88 -21.30
C LYS A 355 37.52 3.58 -21.78
N ALA A 356 36.36 3.20 -21.22
CA ALA A 356 35.71 1.96 -21.65
C ALA A 356 34.87 2.14 -22.91
N PHE A 357 34.41 3.35 -23.21
CA PHE A 357 33.45 3.58 -24.29
C PHE A 357 33.96 4.48 -25.41
N ILE A 358 35.03 5.23 -25.21
CA ILE A 358 35.56 6.16 -26.20
C ILE A 358 36.80 5.55 -26.85
N LEU A 359 36.80 5.48 -28.17
CA LEU A 359 37.93 4.94 -28.92
C LEU A 359 38.34 5.91 -30.02
N SER A 360 39.62 5.90 -30.35
CA SER A 360 40.08 6.67 -31.50
C SER A 360 39.45 6.11 -32.78
N LYS A 361 39.08 7.01 -33.70
CA LYS A 361 38.43 6.56 -34.93
C LYS A 361 39.34 5.70 -35.80
N ASP A 362 40.65 5.72 -35.56
CA ASP A 362 41.58 4.85 -36.25
C ASP A 362 41.95 3.62 -35.43
N ASP A 363 41.28 3.38 -34.32
CA ASP A 363 41.55 2.20 -33.51
C ASP A 363 41.06 0.95 -34.23
N VAL A 364 41.88 -0.10 -34.22
CA VAL A 364 41.51 -1.32 -34.93
C VAL A 364 40.36 -2.04 -34.24
N LYS A 365 40.21 -1.85 -32.93
CA LYS A 365 39.13 -2.52 -32.21
C LYS A 365 37.75 -2.10 -32.70
N LEU A 366 37.66 -0.94 -33.36
CA LEU A 366 36.38 -0.52 -33.92
C LEU A 366 35.90 -1.45 -35.04
N ASN A 367 36.78 -2.30 -35.57
CA ASN A 367 36.32 -3.30 -36.52
C ASN A 367 35.38 -4.32 -35.87
N LEU A 368 35.40 -4.45 -34.55
CA LEU A 368 34.49 -5.37 -33.88
C LEU A 368 33.10 -4.77 -33.66
N VAL A 369 32.96 -3.45 -33.79
CA VAL A 369 31.72 -2.76 -33.43
C VAL A 369 30.97 -2.40 -34.70
N ASP A 370 29.69 -2.80 -34.75
CA ASP A 370 28.82 -2.42 -35.86
C ASP A 370 28.67 -0.90 -35.89
N ASP A 371 28.63 -0.35 -37.10
CA ASP A 371 28.56 1.11 -37.24
C ASP A 371 27.24 1.69 -36.74
N LYS A 372 26.22 0.87 -36.49
CA LYS A 372 25.02 1.37 -35.86
C LYS A 372 25.25 1.74 -34.40
N PHE A 373 26.29 1.17 -33.77
CA PHE A 373 26.60 1.45 -32.37
C PHE A 373 27.55 2.62 -32.18
N LEU A 374 28.11 3.16 -33.25
CA LEU A 374 29.15 4.18 -33.15
C LEU A 374 28.59 5.57 -33.36
N LYS A 375 29.02 6.50 -32.51
CA LYS A 375 28.67 7.91 -32.64
C LYS A 375 29.93 8.75 -32.70
N CYS A 376 29.85 9.89 -33.38
CA CYS A 376 30.95 10.85 -33.40
C CYS A 376 31.09 11.52 -32.04
N TRP A 377 32.32 11.73 -31.60
CA TRP A 377 32.61 12.21 -30.26
C TRP A 377 33.58 13.37 -30.35
N ILE A 378 33.24 14.48 -29.69
CA ILE A 378 34.08 15.66 -29.70
C ILE A 378 34.32 16.10 -28.26
N LYS A 379 35.37 16.90 -28.08
CA LYS A 379 35.69 17.50 -26.79
C LYS A 379 35.43 18.99 -26.87
N SER A 380 35.57 19.66 -25.71
CA SER A 380 35.38 21.11 -25.67
C SER A 380 36.36 21.82 -26.59
N LYS A 381 37.58 21.30 -26.73
CA LYS A 381 38.58 21.96 -27.57
C LYS A 381 38.23 21.88 -29.05
N ASN A 382 37.30 21.02 -29.44
CA ASN A 382 36.94 20.90 -30.84
C ASN A 382 35.90 21.93 -31.25
N ILE A 383 35.52 22.82 -30.34
CA ILE A 383 34.50 23.82 -30.60
C ILE A 383 35.17 25.16 -30.77
N ASN A 384 35.03 25.75 -31.95
CA ASN A 384 35.45 27.11 -32.23
C ASN A 384 34.22 27.96 -32.38
N LYS A 385 34.43 29.26 -32.60
CA LYS A 385 33.31 30.09 -32.98
C LYS A 385 32.73 29.59 -34.30
N TYR A 386 31.41 29.40 -34.31
CA TYR A 386 30.57 29.09 -35.46
C TYR A 386 30.61 27.67 -36.00
N ILE A 387 31.66 26.89 -35.77
CA ILE A 387 31.75 25.54 -36.35
C ILE A 387 32.63 24.67 -35.48
N VAL A 388 32.48 23.34 -35.67
CA VAL A 388 33.13 22.33 -34.85
C VAL A 388 34.21 21.66 -35.68
N ASP A 389 35.36 21.41 -35.06
CA ASP A 389 36.39 20.63 -35.74
C ASP A 389 35.87 19.23 -36.06
N LYS A 390 36.44 18.61 -37.08
CA LYS A 390 36.09 17.23 -37.39
C LYS A 390 36.51 16.32 -36.23
N SER A 391 35.64 15.38 -35.88
CA SER A 391 35.85 14.56 -34.70
C SER A 391 36.91 13.49 -34.96
N GLU A 392 37.70 13.21 -33.93
CA GLU A 392 38.72 12.18 -33.98
C GLU A 392 38.38 10.99 -33.09
N TYR A 393 37.24 11.01 -32.41
CA TYR A 393 36.88 9.97 -31.46
C TYR A 393 35.48 9.44 -31.76
N ARG A 394 35.26 8.20 -31.32
CA ARG A 394 33.99 7.52 -31.49
C ARG A 394 33.52 7.01 -30.13
N LEU A 395 32.21 7.09 -29.92
CA LEU A 395 31.56 6.59 -28.72
C LEU A 395 30.79 5.32 -29.06
N ILE A 396 31.01 4.28 -28.27
CA ILE A 396 30.20 3.07 -28.36
C ILE A 396 28.92 3.30 -27.57
N TYR A 397 27.81 3.48 -28.27
CA TYR A 397 26.53 3.68 -27.59
C TYR A 397 26.03 2.32 -27.14
N SER A 398 26.59 1.85 -26.02
CA SER A 398 26.38 0.47 -25.58
C SER A 398 24.95 0.20 -25.12
N ASN A 399 24.14 1.23 -24.90
CA ASN A 399 22.75 1.01 -24.48
C ASN A 399 21.99 0.18 -25.50
N ASP A 400 22.38 0.24 -26.77
CA ASP A 400 21.66 -0.46 -27.82
C ASP A 400 22.06 -1.93 -27.94
N ILE A 401 23.00 -2.39 -27.13
CA ILE A 401 23.38 -3.80 -27.09
C ILE A 401 22.34 -4.54 -26.25
N ASP A 402 21.62 -5.47 -26.89
CA ASP A 402 20.47 -6.10 -26.24
C ASP A 402 20.92 -7.06 -25.13
N ASN A 403 21.69 -8.08 -25.48
CA ASN A 403 22.10 -9.10 -24.52
C ASN A 403 23.59 -9.40 -24.68
N GLU A 404 24.15 -10.01 -23.64
CA GLU A 404 25.58 -10.24 -23.56
C GLU A 404 26.08 -11.36 -24.47
N ASN A 405 25.18 -12.13 -25.09
CA ASN A 405 25.60 -13.28 -25.88
C ASN A 405 25.71 -12.97 -27.37
N THR A 406 24.95 -11.99 -27.87
CA THR A 406 24.99 -11.68 -29.30
C THR A 406 26.26 -10.92 -29.70
N ASN A 407 26.69 -9.97 -28.88
CA ASN A 407 27.88 -9.16 -29.15
C ASN A 407 28.95 -9.41 -28.11
N LYS A 408 29.17 -10.69 -27.78
CA LYS A 408 30.09 -11.04 -26.71
C LYS A 408 31.50 -10.50 -26.96
N ARG A 409 31.91 -10.39 -28.22
CA ARG A 409 33.26 -9.95 -28.52
C ARG A 409 33.49 -8.50 -28.08
N ILE A 410 32.50 -7.63 -28.30
CA ILE A 410 32.63 -6.23 -27.88
C ILE A 410 32.76 -6.15 -26.37
N LEU A 411 31.91 -6.90 -25.64
CA LEU A 411 31.96 -6.85 -24.19
C LEU A 411 33.27 -7.41 -23.66
N ASP A 412 33.73 -8.53 -24.21
CA ASP A 412 34.93 -9.18 -23.68
C ASP A 412 36.20 -8.38 -23.99
N GLU A 413 36.28 -7.80 -25.20
CA GLU A 413 37.56 -7.27 -25.66
C GLU A 413 37.69 -5.75 -25.55
N ILE A 414 36.59 -5.02 -25.39
CA ILE A 414 36.68 -3.56 -25.35
C ILE A 414 36.16 -3.04 -24.02
N ILE A 415 34.87 -3.25 -23.75
CA ILE A 415 34.27 -2.67 -22.55
C ILE A 415 34.71 -3.44 -21.31
N GLY A 416 34.74 -4.77 -21.39
CA GLY A 416 35.03 -5.59 -20.22
C GLY A 416 36.40 -5.34 -19.62
N LEU A 417 37.32 -4.76 -20.38
CA LEU A 417 38.62 -4.43 -19.83
C LEU A 417 38.52 -3.49 -18.65
N TYR A 418 37.39 -2.80 -18.50
CA TYR A 418 37.18 -1.90 -17.36
C TYR A 418 36.03 -2.35 -16.47
N LYS A 419 35.65 -3.64 -16.56
CA LYS A 419 34.40 -4.08 -15.94
C LYS A 419 34.35 -3.74 -14.46
N THR A 420 35.42 -4.05 -13.72
CA THR A 420 35.48 -3.70 -12.30
C THR A 420 35.08 -2.24 -12.08
N LYS A 421 35.76 -1.31 -12.74
CA LYS A 421 35.43 0.10 -12.56
C LYS A 421 33.98 0.36 -12.91
N LEU A 422 33.51 -0.20 -14.02
CA LEU A 422 32.13 0.01 -14.44
C LEU A 422 31.16 -0.49 -13.39
N GLU A 423 31.50 -1.54 -12.68
CA GLU A 423 30.59 -2.08 -11.68
C GLU A 423 30.54 -1.24 -10.41
N ASN A 424 31.47 -0.29 -10.23
CA ASN A 424 31.44 0.54 -9.05
C ASN A 424 30.67 1.84 -9.25
N ARG A 425 30.10 2.06 -10.44
CA ARG A 425 29.23 3.20 -10.64
C ARG A 425 27.96 3.03 -9.81
N ARG A 426 27.38 4.16 -9.41
CA ARG A 426 26.24 4.13 -8.49
C ARG A 426 25.08 3.33 -9.08
N GLU A 427 24.68 3.65 -10.31
CA GLU A 427 23.53 2.99 -10.90
C GLU A 427 23.78 1.52 -11.21
N CYS A 428 25.04 1.09 -11.26
CA CYS A 428 25.32 -0.34 -11.38
C CYS A 428 25.16 -1.04 -10.03
N LYS A 429 25.70 -0.46 -8.97
CA LYS A 429 25.58 -1.06 -7.65
C LYS A 429 24.13 -1.23 -7.24
N SER A 430 23.26 -0.31 -7.65
CA SER A 430 21.85 -0.39 -7.33
C SER A 430 21.04 -1.16 -8.37
N GLY A 431 21.68 -1.66 -9.42
CA GLY A 431 21.01 -2.50 -10.40
C GLY A 431 20.23 -1.76 -11.46
N ILE A 432 20.14 -0.43 -11.40
CA ILE A 432 19.36 0.31 -12.38
C ILE A 432 20.00 0.24 -13.77
N ARG A 433 21.29 -0.07 -13.83
CA ARG A 433 22.04 0.01 -15.08
C ARG A 433 22.92 -1.22 -15.17
N LYS A 434 22.93 -1.86 -16.34
CA LYS A 434 23.83 -3.00 -16.54
C LYS A 434 25.27 -2.52 -16.59
N TRP A 435 26.18 -3.45 -16.26
CA TRP A 435 27.57 -3.04 -16.05
C TRP A 435 28.20 -2.49 -17.32
N TYR A 436 27.70 -2.87 -18.49
CA TYR A 436 28.25 -2.41 -19.75
C TYR A 436 27.49 -1.23 -20.33
N GLU A 437 26.46 -0.73 -19.65
CA GLU A 437 25.67 0.37 -20.17
C GLU A 437 26.30 1.70 -19.79
N LEU A 438 26.01 2.71 -20.61
CA LEU A 438 26.38 4.08 -20.26
C LEU A 438 25.59 4.52 -19.02
N GLN A 439 26.26 5.25 -18.13
CA GLN A 439 25.59 5.66 -16.90
C GLN A 439 24.44 6.62 -17.20
N TRP A 440 24.69 7.65 -18.01
CA TRP A 440 23.67 8.64 -18.38
C TRP A 440 23.71 8.80 -19.91
N GLY A 441 23.01 7.91 -20.60
CA GLY A 441 23.03 7.87 -22.05
C GLY A 441 22.16 8.89 -22.72
N ARG A 442 21.37 9.64 -21.94
CA ARG A 442 20.54 10.74 -22.45
C ARG A 442 19.54 10.16 -23.47
N GLU A 443 19.12 10.98 -24.42
CA GLU A 443 18.28 10.55 -25.54
C GLU A 443 19.04 10.80 -26.84
N LYS A 444 19.24 9.74 -27.63
CA LYS A 444 20.00 9.87 -28.87
C LYS A 444 19.39 10.93 -29.78
N LEU A 445 18.07 10.95 -29.90
CA LEU A 445 17.41 11.85 -30.83
C LEU A 445 17.67 13.32 -30.51
N PHE A 446 18.05 13.63 -29.28
CA PHE A 446 18.42 15.01 -28.96
C PHE A 446 19.74 15.40 -29.60
N PHE A 447 20.62 14.43 -29.87
CA PHE A 447 21.94 14.72 -30.42
C PHE A 447 21.97 14.63 -31.94
N GLU A 448 21.22 13.69 -32.53
CA GLU A 448 21.24 13.47 -33.96
C GLU A 448 20.31 14.46 -34.65
N ARG A 449 20.68 15.73 -34.55
CA ARG A 449 19.91 16.80 -35.17
C ARG A 449 20.80 18.04 -35.27
N LYS A 450 20.38 18.97 -36.11
CA LYS A 450 21.01 20.28 -36.12
C LYS A 450 20.85 20.93 -34.75
N LYS A 451 21.93 21.49 -34.22
CA LYS A 451 21.93 22.05 -32.88
C LYS A 451 23.13 22.96 -32.72
N ILE A 452 23.18 23.65 -31.59
CA ILE A 452 24.27 24.54 -31.25
C ILE A 452 24.99 23.96 -30.04
N MET A 453 26.32 23.94 -30.11
CA MET A 453 27.15 23.40 -29.05
C MET A 453 28.14 24.44 -28.57
N TYR A 454 28.46 24.38 -27.27
CA TYR A 454 29.43 25.29 -26.69
C TYR A 454 30.18 24.60 -25.56
N PRO A 455 31.45 24.93 -25.35
CA PRO A 455 32.21 24.27 -24.27
C PRO A 455 31.73 24.73 -22.90
N TYR A 456 31.93 23.86 -21.90
CA TYR A 456 31.42 24.16 -20.57
C TYR A 456 32.31 25.14 -19.81
N LYS A 457 33.56 25.30 -20.23
CA LYS A 457 34.49 26.23 -19.61
C LYS A 457 35.36 26.82 -20.71
N SER A 458 35.42 28.15 -20.79
CA SER A 458 36.13 28.78 -21.89
C SER A 458 36.57 30.17 -21.46
N ASN A 459 37.52 30.71 -22.22
CA ASN A 459 37.96 32.10 -22.07
C ASN A 459 37.09 33.08 -22.83
N GLU A 460 36.22 32.60 -23.74
CA GLU A 460 35.40 33.48 -24.56
C GLU A 460 34.19 32.71 -25.05
N ASN A 461 33.21 33.45 -25.57
CA ASN A 461 32.05 32.83 -26.20
C ASN A 461 32.49 32.01 -27.41
N ARG A 462 32.17 30.71 -27.40
CA ARG A 462 32.41 29.84 -28.54
C ARG A 462 31.13 29.03 -28.75
N PHE A 463 30.19 29.57 -29.52
CA PHE A 463 28.98 28.85 -29.90
C PHE A 463 29.10 28.41 -31.35
N ALA A 464 28.84 27.14 -31.62
CA ALA A 464 28.99 26.59 -32.96
C ALA A 464 27.70 25.89 -33.37
N ILE A 465 27.51 25.80 -34.68
CA ILE A 465 26.45 24.99 -35.27
C ILE A 465 27.03 23.62 -35.58
N ASP A 466 26.46 22.57 -34.99
CA ASP A 466 26.88 21.22 -35.28
C ASP A 466 26.04 20.65 -36.43
N TYR A 467 26.69 20.35 -37.54
CA TYR A 467 26.00 19.74 -38.68
C TYR A 467 26.16 18.23 -38.73
N ASP A 468 26.98 17.64 -37.86
CA ASP A 468 27.45 16.27 -38.05
C ASP A 468 26.97 15.32 -36.98
N ASN A 469 25.87 15.63 -36.30
CA ASN A 469 25.29 14.72 -35.30
C ASN A 469 26.34 14.31 -34.26
N ASN A 470 27.10 15.29 -33.79
CA ASN A 470 28.18 15.01 -32.85
C ASN A 470 27.61 14.74 -31.46
N PHE A 471 28.12 13.69 -30.83
CA PHE A 471 27.92 13.46 -29.41
C PHE A 471 29.09 14.06 -28.64
N SER A 472 28.88 14.26 -27.34
CA SER A 472 29.94 14.82 -26.51
C SER A 472 29.67 14.45 -25.07
N SER A 473 30.68 14.64 -24.23
CA SER A 473 30.54 14.44 -22.79
C SER A 473 29.94 15.69 -22.16
N ALA A 474 30.00 15.78 -20.84
CA ALA A 474 29.44 16.92 -20.11
C ALA A 474 30.31 18.16 -20.18
N ASP A 475 31.49 18.10 -20.81
CA ASP A 475 32.28 19.29 -21.06
C ASP A 475 31.75 20.12 -22.22
N VAL A 476 30.73 19.64 -22.91
CA VAL A 476 30.09 20.35 -24.01
C VAL A 476 28.60 20.36 -23.75
N TYR A 477 27.98 21.53 -23.87
CA TYR A 477 26.54 21.67 -23.71
C TYR A 477 25.90 21.96 -25.05
N SER A 478 24.63 21.57 -25.20
CA SER A 478 23.96 21.74 -26.48
C SER A 478 22.57 22.34 -26.27
N PHE A 479 22.08 23.02 -27.30
CA PHE A 479 20.68 23.40 -27.33
C PHE A 479 20.21 23.44 -28.77
N PHE A 480 18.90 23.26 -28.94
CA PHE A 480 18.27 23.46 -30.24
C PHE A 480 17.06 24.37 -30.07
N ILE A 481 16.61 24.91 -31.19
CA ILE A 481 15.53 25.89 -31.18
C ILE A 481 14.19 25.18 -31.18
N LYS A 482 13.26 25.66 -30.36
CA LYS A 482 11.91 25.12 -30.36
C LYS A 482 11.25 25.35 -31.71
N GLU A 483 10.30 24.48 -32.06
CA GLU A 483 9.68 24.56 -33.37
C GLU A 483 8.99 25.91 -33.57
N GLU A 484 8.26 26.38 -32.55
CA GLU A 484 7.49 27.61 -32.68
C GLU A 484 8.34 28.87 -32.78
N TYR A 485 9.65 28.78 -32.54
CA TYR A 485 10.53 29.94 -32.69
C TYR A 485 11.45 29.83 -33.90
N LEU A 486 11.22 28.86 -34.79
CA LEU A 486 12.10 28.72 -35.95
C LEU A 486 11.89 29.84 -36.97
N ASP A 487 10.66 30.36 -37.06
CA ASP A 487 10.41 31.48 -37.96
C ASP A 487 10.99 32.79 -37.45
N LYS A 488 11.20 32.92 -36.15
CA LYS A 488 11.76 34.15 -35.59
C LYS A 488 13.28 34.11 -35.43
N PHE A 489 13.85 32.92 -35.22
CA PHE A 489 15.29 32.81 -34.99
C PHE A 489 15.84 31.61 -35.76
N SER A 490 16.99 31.81 -36.38
CA SER A 490 17.74 30.78 -37.08
C SER A 490 19.04 30.49 -36.36
N TYR A 491 19.61 29.31 -36.60
CA TYR A 491 20.87 28.97 -35.97
C TYR A 491 21.97 29.94 -36.39
N GLU A 492 21.97 30.34 -37.66
CA GLU A 492 23.01 31.24 -38.16
C GLU A 492 22.96 32.59 -37.46
N TYR A 493 21.76 33.16 -37.30
CA TYR A 493 21.64 34.43 -36.58
C TYR A 493 22.09 34.31 -35.13
N LEU A 494 21.71 33.21 -34.47
CA LEU A 494 22.05 33.04 -33.06
C LEU A 494 23.55 32.93 -32.86
N VAL A 495 24.24 32.14 -33.68
CA VAL A 495 25.68 32.09 -33.52
C VAL A 495 26.30 33.41 -33.91
N GLY A 496 25.68 34.15 -34.82
CA GLY A 496 26.18 35.48 -35.15
C GLY A 496 26.19 36.41 -33.96
N ILE A 497 25.07 36.52 -33.25
CA ILE A 497 25.08 37.48 -32.15
C ILE A 497 25.81 36.91 -30.94
N LEU A 498 25.64 35.62 -30.63
CA LEU A 498 26.27 35.05 -29.44
C LEU A 498 27.80 35.09 -29.50
N ASN A 499 28.36 35.02 -30.70
CA ASN A 499 29.82 35.06 -30.82
C ASN A 499 30.38 36.47 -30.91
N SER A 500 29.53 37.49 -30.87
CA SER A 500 30.01 38.86 -31.00
C SER A 500 30.73 39.33 -29.73
N SER A 501 31.54 40.37 -29.90
CA SER A 501 32.24 40.96 -28.76
C SER A 501 31.25 41.54 -27.75
N VAL A 502 30.15 42.09 -28.25
CA VAL A 502 29.10 42.63 -27.37
C VAL A 502 28.60 41.55 -26.44
N TYR A 503 28.23 40.39 -27.00
CA TYR A 503 27.67 39.34 -26.17
C TYR A 503 28.73 38.65 -25.33
N ASP A 504 29.99 38.67 -25.79
CA ASP A 504 31.07 38.16 -24.94
C ASP A 504 31.17 38.96 -23.65
N LYS A 505 31.28 40.29 -23.77
CA LYS A 505 31.30 41.14 -22.58
C LYS A 505 30.02 41.02 -21.77
N TYR A 506 28.88 40.99 -22.45
CA TYR A 506 27.58 40.91 -21.78
C TYR A 506 27.48 39.65 -20.93
N PHE A 507 27.86 38.49 -21.49
CA PHE A 507 27.81 37.27 -20.70
C PHE A 507 28.81 37.31 -19.57
N LYS A 508 30.02 37.79 -19.83
CA LYS A 508 31.03 37.78 -18.77
C LYS A 508 30.69 38.70 -17.61
N ILE A 509 29.74 39.63 -17.81
CA ILE A 509 29.33 40.49 -16.69
C ILE A 509 28.84 39.65 -15.50
N THR A 510 27.99 38.65 -15.77
CA THR A 510 27.37 37.87 -14.70
C THR A 510 27.85 36.43 -14.63
N ALA A 511 28.77 36.02 -15.51
CA ALA A 511 29.20 34.63 -15.54
C ALA A 511 30.04 34.29 -14.30
N LYS A 512 30.29 32.99 -14.14
CA LYS A 512 31.02 32.48 -12.98
C LYS A 512 32.50 32.35 -13.33
N LYS A 513 33.33 33.24 -12.78
CA LYS A 513 34.75 33.24 -13.05
C LYS A 513 35.43 32.10 -12.29
N MET A 514 36.06 31.17 -13.00
CA MET A 514 36.56 29.94 -12.39
C MET A 514 38.04 30.00 -12.04
N SER A 515 38.88 30.24 -13.03
CA SER A 515 40.32 30.41 -12.83
C SER A 515 40.81 31.37 -13.90
N LYS A 516 42.13 31.49 -14.02
CA LYS A 516 42.69 32.51 -14.91
C LYS A 516 42.21 32.26 -16.33
N ASN A 517 41.51 33.25 -16.89
CA ASN A 517 41.00 33.21 -18.26
C ASN A 517 40.05 32.03 -18.48
N ILE A 518 39.22 31.73 -17.49
CA ILE A 518 38.21 30.68 -17.61
C ILE A 518 36.91 31.13 -16.95
N TYR A 519 35.81 31.02 -17.68
CA TYR A 519 34.47 31.21 -17.16
C TYR A 519 33.65 29.95 -17.36
N ASP A 520 32.76 29.67 -16.42
CA ASP A 520 31.80 28.60 -16.63
C ASP A 520 30.79 29.02 -17.69
N TYR A 521 30.59 28.17 -18.69
CA TYR A 521 29.51 28.33 -19.64
C TYR A 521 28.52 27.18 -19.41
N TYR A 522 27.66 27.37 -18.41
CA TYR A 522 26.71 26.36 -18.00
C TYR A 522 25.29 26.86 -18.24
N PRO A 523 24.34 25.95 -18.50
CA PRO A 523 22.98 26.38 -18.83
C PRO A 523 22.33 27.26 -17.78
N ASN A 524 22.66 27.08 -16.48
CA ASN A 524 22.01 27.88 -15.45
C ASN A 524 22.31 29.36 -15.62
N LYS A 525 23.34 29.71 -16.39
CA LYS A 525 23.55 31.09 -16.79
C LYS A 525 23.45 31.29 -18.29
N VAL A 526 23.93 30.35 -19.11
CA VAL A 526 23.90 30.53 -20.56
C VAL A 526 22.46 30.65 -21.04
N MET A 527 21.53 29.92 -20.45
CA MET A 527 20.14 29.99 -20.89
C MET A 527 19.44 31.25 -20.41
N LYS A 528 20.06 32.05 -19.55
CA LYS A 528 19.50 33.33 -19.15
C LYS A 528 19.87 34.46 -20.09
N ILE A 529 20.71 34.20 -21.10
CA ILE A 529 21.14 35.24 -22.04
C ILE A 529 19.93 35.73 -22.83
N ARG A 530 19.68 37.04 -22.80
CA ARG A 530 18.56 37.61 -23.54
C ARG A 530 19.00 37.98 -24.95
N ILE A 531 18.09 37.80 -25.91
CA ILE A 531 18.36 38.05 -27.32
C ILE A 531 17.26 38.95 -27.88
N PHE A 532 17.55 39.54 -29.03
CA PHE A 532 16.69 40.56 -29.62
C PHE A 532 16.45 40.22 -31.09
N ARG A 533 15.47 40.92 -31.66
CA ARG A 533 15.10 40.72 -33.07
CA ARG A 533 15.07 40.72 -33.05
C ARG A 533 14.58 42.06 -33.59
N ASP A 534 15.30 42.64 -34.54
CA ASP A 534 14.97 43.98 -35.04
C ASP A 534 15.42 44.09 -36.50
N ASN A 535 15.54 45.32 -36.98
CA ASN A 535 15.76 45.59 -38.40
C ASN A 535 17.10 45.07 -38.91
N ASN A 536 18.07 44.84 -38.03
CA ASN A 536 19.38 44.36 -38.45
C ASN A 536 19.47 42.85 -38.56
N TYR A 537 18.36 42.13 -38.36
CA TYR A 537 18.36 40.68 -38.37
C TYR A 537 18.94 40.12 -39.67
N GLU A 538 18.45 40.60 -40.81
CA GLU A 538 18.82 40.00 -42.09
C GLU A 538 20.31 40.15 -42.38
N GLU A 539 20.88 41.32 -42.09
CA GLU A 539 22.30 41.52 -42.38
C GLU A 539 23.19 40.78 -41.40
N ILE A 540 22.80 40.71 -40.13
CA ILE A 540 23.54 39.90 -39.17
C ILE A 540 23.56 38.44 -39.62
N GLU A 541 22.41 37.94 -40.06
CA GLU A 541 22.33 36.57 -40.55
C GLU A 541 23.22 36.37 -41.77
N ASN A 542 23.20 37.33 -42.70
CA ASN A 542 24.05 37.21 -43.89
C ASN A 542 25.53 37.17 -43.53
N LEU A 543 25.96 38.03 -42.62
CA LEU A 543 27.35 38.02 -42.21
C LEU A 543 27.71 36.70 -41.54
N SER A 544 26.82 36.18 -40.70
CA SER A 544 27.10 34.90 -40.06
C SER A 544 27.24 33.79 -41.10
N LYS A 545 26.37 33.79 -42.11
CA LYS A 545 26.47 32.78 -43.16
C LYS A 545 27.77 32.92 -43.95
N GLN A 546 28.20 34.15 -44.20
CA GLN A 546 29.48 34.35 -44.89
C GLN A 546 30.64 33.82 -44.06
N ILE A 547 30.63 34.10 -42.76
CA ILE A 547 31.69 33.61 -41.89
C ILE A 547 31.70 32.09 -41.89
N ILE A 548 30.53 31.46 -41.81
CA ILE A 548 30.46 30.01 -41.81
C ILE A 548 30.95 29.45 -43.15
N SER A 549 30.59 30.09 -44.26
CA SER A 549 31.04 29.61 -45.55
C SER A 549 32.55 29.67 -45.68
N ILE A 550 33.16 30.76 -45.21
CA ILE A 550 34.62 30.86 -45.26
C ILE A 550 35.26 29.81 -44.37
N LEU A 551 34.75 29.64 -43.15
CA LEU A 551 35.37 28.73 -42.20
C LEU A 551 35.33 27.28 -42.66
N LEU A 552 34.43 26.94 -43.57
CA LEU A 552 34.30 25.58 -44.08
C LEU A 552 35.01 25.39 -45.42
N ASN A 553 35.88 26.32 -45.80
CA ASN A 553 36.65 26.19 -47.03
C ASN A 553 37.94 25.42 -46.78
N LYS A 554 38.58 25.02 -47.88
CA LYS A 554 39.88 24.37 -47.80
C LYS A 554 40.99 25.37 -47.52
N SER A 555 41.05 26.45 -48.30
CA SER A 555 42.01 27.53 -48.11
C SER A 555 41.31 28.65 -47.35
N ILE A 556 41.31 28.55 -46.03
CA ILE A 556 40.60 29.51 -45.20
C ILE A 556 41.36 30.82 -45.17
N ASP A 557 40.64 31.91 -45.45
CA ASP A 557 41.17 33.26 -45.31
C ASP A 557 40.54 33.86 -44.05
N LYS A 558 41.19 33.60 -42.90
CA LYS A 558 40.64 34.03 -41.62
C LYS A 558 40.51 35.55 -41.51
N GLY A 559 41.34 36.28 -42.26
CA GLY A 559 41.33 37.73 -42.12
C GLY A 559 39.99 38.35 -42.49
N LYS A 560 39.42 37.92 -43.62
CA LYS A 560 38.11 38.43 -43.98
C LYS A 560 37.07 38.03 -42.94
N VAL A 561 37.26 36.91 -42.27
CA VAL A 561 36.37 36.54 -41.17
C VAL A 561 36.43 37.59 -40.07
N GLU A 562 37.64 38.03 -39.73
CA GLU A 562 37.77 39.06 -38.70
C GLU A 562 37.10 40.36 -39.12
N LYS A 563 37.27 40.75 -40.40
CA LYS A 563 36.61 41.95 -40.89
C LYS A 563 35.09 41.84 -40.80
N LEU A 564 34.54 40.70 -41.22
CA LEU A 564 33.09 40.50 -41.15
C LEU A 564 32.60 40.54 -39.71
N GLN A 565 33.39 39.99 -38.79
CA GLN A 565 33.00 40.05 -37.39
C GLN A 565 32.95 41.49 -36.89
N ILE A 566 33.92 42.31 -37.30
CA ILE A 566 33.90 43.71 -36.91
C ILE A 566 32.63 44.39 -37.43
N LYS A 567 32.28 44.12 -38.68
CA LYS A 567 31.05 44.70 -39.24
C LYS A 567 29.81 44.24 -38.48
N MET A 568 29.76 42.95 -38.13
CA MET A 568 28.61 42.45 -37.38
C MET A 568 28.53 43.09 -36.00
N ASP A 569 29.66 43.27 -35.32
CA ASP A 569 29.65 43.89 -34.01
C ASP A 569 29.13 45.32 -34.11
N ASN A 570 29.51 46.03 -35.17
CA ASN A 570 28.94 47.37 -35.37
C ASN A 570 27.43 47.30 -35.53
N LEU A 571 26.94 46.32 -36.30
CA LEU A 571 25.49 46.18 -36.46
C LEU A 571 24.81 45.92 -35.12
N ILE A 572 25.40 45.06 -34.30
CA ILE A 572 24.81 44.70 -33.03
C ILE A 572 24.80 45.91 -32.09
N MET A 573 25.92 46.63 -32.00
CA MET A 573 25.96 47.82 -31.15
C MET A 573 24.97 48.88 -31.62
N ASP A 574 24.76 48.99 -32.93
CA ASP A 574 23.69 49.86 -33.40
C ASP A 574 22.33 49.37 -32.91
N SER A 575 22.08 48.06 -33.00
CA SER A 575 20.77 47.53 -32.61
C SER A 575 20.49 47.75 -31.14
N LEU A 576 21.48 47.55 -30.28
CA LEU A 576 21.28 47.63 -28.84
C LEU A 576 21.41 49.03 -28.29
N GLY A 577 21.69 50.02 -29.15
CA GLY A 577 21.78 51.39 -28.67
C GLY A 577 22.94 51.69 -27.77
N ILE A 578 24.03 50.96 -27.89
CA ILE A 578 25.25 51.26 -27.16
C ILE A 578 26.28 51.89 -28.11
N GLY B 29 -4.06 -17.14 2.38
CA GLY B 29 -3.46 -18.34 1.83
C GLY B 29 -4.41 -19.52 1.66
N ILE B 30 -5.66 -19.34 2.09
CA ILE B 30 -6.68 -20.41 2.03
C ILE B 30 -7.35 -20.30 0.67
N TYR B 31 -6.74 -20.91 -0.35
CA TYR B 31 -7.27 -20.91 -1.71
C TYR B 31 -7.52 -22.36 -2.12
N TYR B 32 -8.79 -22.70 -2.32
CA TYR B 32 -9.18 -24.07 -2.65
C TYR B 32 -9.13 -24.27 -4.15
N THR B 33 -8.25 -25.13 -4.61
CA THR B 33 -8.17 -25.47 -6.02
C THR B 33 -9.32 -26.43 -6.38
N PRO B 34 -10.05 -26.18 -7.46
CA PRO B 34 -11.16 -27.06 -7.82
C PRO B 34 -10.69 -28.50 -8.01
N LYS B 35 -11.53 -29.44 -7.59
CA LYS B 35 -11.11 -30.84 -7.54
C LYS B 35 -10.79 -31.39 -8.92
N ILE B 36 -11.53 -30.96 -9.94
CA ILE B 36 -11.28 -31.45 -11.30
C ILE B 36 -9.89 -31.04 -11.76
N ILE B 37 -9.46 -29.82 -11.41
CA ILE B 37 -8.11 -29.36 -11.73
C ILE B 37 -7.07 -30.22 -11.03
N VAL B 38 -7.28 -30.50 -9.74
CA VAL B 38 -6.33 -31.28 -8.96
C VAL B 38 -6.19 -32.68 -9.56
N ASP B 39 -7.33 -33.31 -9.88
CA ASP B 39 -7.31 -34.62 -10.50
C ASP B 39 -6.52 -34.59 -11.81
N TYR B 40 -6.80 -33.59 -12.64
CA TYR B 40 -6.11 -33.51 -13.93
C TYR B 40 -4.60 -33.37 -13.73
N ILE B 41 -4.17 -32.49 -12.82
CA ILE B 41 -2.74 -32.25 -12.63
C ILE B 41 -2.03 -33.49 -12.12
N VAL B 42 -2.63 -34.13 -11.11
CA VAL B 42 -2.02 -35.33 -10.54
C VAL B 42 -1.91 -36.44 -11.59
N LYS B 43 -2.96 -36.64 -12.39
CA LYS B 43 -2.87 -37.65 -13.45
C LYS B 43 -1.83 -37.26 -14.49
N LYS B 44 -1.79 -35.98 -14.88
CA LYS B 44 -0.83 -35.54 -15.87
C LYS B 44 0.59 -35.86 -15.45
N THR B 45 0.85 -35.85 -14.16
CA THR B 45 2.21 -36.22 -13.74
C THR B 45 2.39 -37.73 -13.54
N LEU B 46 1.42 -38.42 -12.95
CA LEU B 46 1.66 -39.78 -12.44
C LEU B 46 1.09 -40.90 -13.31
N LYS B 47 0.38 -40.58 -14.40
CA LYS B 47 -0.40 -41.62 -15.06
C LYS B 47 0.46 -42.67 -15.76
N ASN B 48 1.67 -42.30 -16.20
CA ASN B 48 2.54 -43.22 -16.93
C ASN B 48 3.74 -43.66 -16.12
N HIS B 49 3.67 -43.58 -14.79
CA HIS B 49 4.79 -43.96 -13.95
C HIS B 49 4.94 -45.48 -13.90
N ASP B 50 6.18 -45.96 -14.04
CA ASP B 50 6.50 -47.39 -13.98
C ASP B 50 6.85 -47.72 -12.53
N ILE B 51 5.85 -48.18 -11.78
CA ILE B 51 6.07 -48.45 -10.37
C ILE B 51 7.02 -49.65 -10.19
N ILE B 52 7.04 -50.58 -11.15
CA ILE B 52 7.94 -51.71 -11.05
C ILE B 52 9.39 -51.25 -11.19
N LYS B 53 9.66 -50.35 -12.12
CA LYS B 53 11.03 -49.90 -12.34
C LYS B 53 11.49 -48.99 -11.21
N ASN B 54 10.63 -48.07 -10.76
CA ASN B 54 10.94 -47.18 -9.65
C ASN B 54 9.81 -47.21 -8.65
N PRO B 55 9.89 -48.07 -7.63
CA PRO B 55 8.89 -48.06 -6.56
C PRO B 55 9.09 -46.98 -5.51
N TYR B 56 10.04 -46.06 -5.71
CA TYR B 56 10.29 -44.96 -4.79
C TYR B 56 10.23 -43.63 -5.54
N PRO B 57 9.06 -43.23 -6.04
CA PRO B 57 8.95 -41.89 -6.63
C PRO B 57 8.72 -40.84 -5.55
N ARG B 58 9.48 -39.75 -5.62
CA ARG B 58 9.29 -38.63 -4.72
C ARG B 58 8.36 -37.62 -5.37
N ILE B 59 7.21 -37.38 -4.76
CA ILE B 59 6.24 -36.39 -5.22
C ILE B 59 6.20 -35.29 -4.18
N LEU B 60 6.42 -34.05 -4.62
CA LEU B 60 6.58 -32.91 -3.73
C LEU B 60 5.59 -31.81 -4.08
N ASP B 61 5.02 -31.19 -3.04
CA ASP B 61 4.26 -29.96 -3.17
C ASP B 61 4.84 -28.92 -2.22
N ILE B 62 5.34 -27.80 -2.76
CA ILE B 62 6.05 -26.84 -1.93
C ILE B 62 5.15 -25.73 -1.44
N SER B 63 3.86 -25.83 -1.75
CA SER B 63 2.85 -24.96 -1.15
C SER B 63 1.59 -25.76 -0.84
N CYS B 64 1.79 -26.91 -0.18
CA CYS B 64 0.76 -27.96 -0.14
C CYS B 64 -0.52 -27.51 0.57
N GLY B 65 -0.43 -26.55 1.49
CA GLY B 65 -1.62 -26.11 2.19
C GLY B 65 -2.21 -27.21 3.05
N CYS B 66 -3.54 -27.32 3.04
CA CYS B 66 -4.20 -28.40 3.76
C CYS B 66 -4.05 -29.75 3.07
N GLY B 67 -3.51 -29.77 1.85
CA GLY B 67 -3.23 -31.01 1.16
C GLY B 67 -4.20 -31.33 0.05
N ASN B 68 -4.66 -30.30 -0.66
CA ASN B 68 -5.58 -30.53 -1.77
C ASN B 68 -4.99 -31.50 -2.78
N PHE B 69 -3.70 -31.33 -3.10
CA PHE B 69 -3.00 -32.17 -4.06
C PHE B 69 -2.45 -33.45 -3.43
N LEU B 70 -1.80 -33.35 -2.27
CA LEU B 70 -1.08 -34.51 -1.73
C LEU B 70 -2.02 -35.64 -1.34
N LEU B 71 -3.24 -35.32 -0.90
CA LEU B 71 -4.18 -36.38 -0.58
C LEU B 71 -4.60 -37.16 -1.83
N GLU B 72 -4.86 -36.45 -2.93
CA GLU B 72 -5.11 -37.11 -4.19
C GLU B 72 -3.90 -37.92 -4.64
N VAL B 73 -2.70 -37.38 -4.42
CA VAL B 73 -1.48 -38.11 -4.75
C VAL B 73 -1.42 -39.41 -3.95
N TYR B 74 -1.80 -39.35 -2.68
CA TYR B 74 -1.83 -40.56 -1.86
C TYR B 74 -2.76 -41.59 -2.48
N ASP B 75 -3.97 -41.18 -2.84
CA ASP B 75 -4.93 -42.14 -3.38
C ASP B 75 -4.40 -42.77 -4.67
N ILE B 76 -3.85 -41.95 -5.57
CA ILE B 76 -3.34 -42.45 -6.84
C ILE B 76 -2.20 -43.43 -6.59
N LEU B 77 -1.26 -43.06 -5.73
CA LEU B 77 -0.13 -43.92 -5.42
C LEU B 77 -0.57 -45.21 -4.75
N TYR B 78 -1.56 -45.15 -3.86
CA TYR B 78 -2.03 -46.35 -3.19
C TYR B 78 -2.62 -47.33 -4.19
N ASP B 79 -3.43 -46.83 -5.12
CA ASP B 79 -3.95 -47.71 -6.16
C ASP B 79 -2.81 -48.28 -7.01
N LEU B 80 -1.82 -47.44 -7.33
CA LEU B 80 -0.71 -47.89 -8.17
C LEU B 80 0.05 -49.03 -7.51
N PHE B 81 0.38 -48.88 -6.22
CA PHE B 81 1.07 -49.93 -5.49
C PHE B 81 0.20 -51.18 -5.37
N GLU B 82 -1.09 -51.01 -5.07
CA GLU B 82 -1.96 -52.16 -4.86
C GLU B 82 -2.08 -53.00 -6.13
N GLU B 83 -2.16 -52.34 -7.30
CA GLU B 83 -2.33 -53.09 -8.54
C GLU B 83 -1.11 -53.94 -8.89
N ASN B 84 0.09 -53.60 -8.39
CA ASN B 84 1.32 -54.29 -8.77
C ASN B 84 2.05 -54.88 -7.57
N ILE B 85 1.35 -55.02 -6.45
CA ILE B 85 1.99 -55.46 -5.21
C ILE B 85 2.69 -56.80 -5.39
N TYR B 86 2.09 -57.73 -6.12
CA TYR B 86 2.72 -59.04 -6.24
C TYR B 86 3.96 -59.02 -7.15
N GLU B 87 3.94 -58.19 -8.20
CA GLU B 87 5.15 -58.02 -9.01
C GLU B 87 6.27 -57.39 -8.20
N LEU B 88 5.94 -56.40 -7.37
CA LEU B 88 6.95 -55.81 -6.50
C LEU B 88 7.48 -56.83 -5.52
N LYS B 89 6.58 -57.63 -4.93
CA LYS B 89 6.96 -58.67 -3.99
C LYS B 89 7.91 -59.67 -4.62
N LYS B 90 7.67 -60.00 -5.90
CA LYS B 90 8.52 -60.98 -6.57
C LYS B 90 9.87 -60.38 -6.94
N LYS B 91 9.89 -59.13 -7.42
CA LYS B 91 11.12 -58.51 -7.89
C LYS B 91 12.00 -58.02 -6.75
N TYR B 92 11.42 -57.66 -5.62
CA TYR B 92 12.10 -57.03 -4.51
C TYR B 92 11.91 -57.87 -3.25
N ASP B 93 12.25 -57.30 -2.09
CA ASP B 93 12.12 -58.02 -0.83
C ASP B 93 10.69 -58.50 -0.61
N GLU B 94 10.50 -59.82 -0.58
CA GLU B 94 9.16 -60.39 -0.55
C GLU B 94 8.47 -60.13 0.79
N ASN B 95 9.23 -59.97 1.87
CA ASN B 95 8.60 -59.68 3.15
C ASN B 95 8.15 -58.24 3.28
N TYR B 96 8.82 -57.30 2.60
CA TYR B 96 8.51 -55.89 2.74
C TYR B 96 7.25 -55.51 1.96
N TRP B 97 7.06 -56.09 0.77
CA TRP B 97 6.02 -55.63 -0.14
C TRP B 97 4.72 -56.38 0.12
N THR B 98 3.94 -55.85 1.06
CA THR B 98 2.61 -56.36 1.37
C THR B 98 1.64 -55.20 1.28
N VAL B 99 0.35 -55.52 1.14
CA VAL B 99 -0.66 -54.46 1.11
C VAL B 99 -0.65 -53.68 2.41
N ASP B 100 -0.57 -54.39 3.55
CA ASP B 100 -0.59 -53.74 4.85
C ASP B 100 0.53 -52.70 4.99
N ASN B 101 1.64 -52.89 4.28
CA ASN B 101 2.76 -51.99 4.43
C ASN B 101 2.70 -50.78 3.50
N ILE B 102 1.83 -50.79 2.47
CA ILE B 102 1.88 -49.74 1.45
C ILE B 102 1.78 -48.36 2.09
N HIS B 103 0.78 -48.19 2.97
CA HIS B 103 0.60 -46.94 3.69
C HIS B 103 1.94 -46.41 4.21
N ARG B 104 2.62 -47.20 5.05
CA ARG B 104 3.86 -46.73 5.64
C ARG B 104 4.86 -46.35 4.55
N HIS B 105 5.02 -47.23 3.56
CA HIS B 105 5.93 -46.95 2.46
C HIS B 105 5.63 -45.59 1.86
N ILE B 106 4.35 -45.34 1.54
CA ILE B 106 4.00 -44.09 0.89
C ILE B 106 4.42 -42.90 1.73
N LEU B 107 4.17 -42.98 3.04
CA LEU B 107 4.50 -41.83 3.87
C LEU B 107 6.00 -41.73 4.13
N ASN B 108 6.73 -42.85 4.10
CA ASN B 108 8.15 -42.75 4.44
C ASN B 108 8.98 -42.21 3.27
N TYR B 109 8.60 -42.53 2.04
CA TYR B 109 9.50 -42.36 0.91
C TYR B 109 8.92 -41.58 -0.27
N CYS B 110 7.61 -41.38 -0.34
CA CYS B 110 6.99 -40.94 -1.59
C CYS B 110 6.37 -39.56 -1.54
N ILE B 111 5.76 -39.16 -0.43
CA ILE B 111 5.00 -37.92 -0.35
C ILE B 111 5.78 -36.89 0.46
N TYR B 112 6.00 -35.72 -0.12
CA TYR B 112 6.71 -34.61 0.53
C TYR B 112 5.89 -33.34 0.37
N GLY B 113 5.74 -32.61 1.46
CA GLY B 113 5.04 -31.34 1.42
C GLY B 113 5.78 -30.28 2.19
N ALA B 114 5.56 -29.04 1.78
CA ALA B 114 6.09 -27.88 2.50
C ALA B 114 5.04 -26.77 2.46
N ASP B 115 4.88 -26.09 3.59
CA ASP B 115 4.03 -24.91 3.66
C ASP B 115 4.46 -24.06 4.83
N ILE B 116 4.17 -22.76 4.75
CA ILE B 116 4.54 -21.81 5.79
C ILE B 116 3.53 -21.78 6.93
N ASP B 117 2.33 -22.34 6.74
CA ASP B 117 1.26 -22.27 7.73
C ASP B 117 1.31 -23.51 8.64
N GLU B 118 1.59 -23.28 9.93
CA GLU B 118 1.74 -24.40 10.85
C GLU B 118 0.44 -25.17 11.01
N LYS B 119 -0.68 -24.45 11.12
CA LYS B 119 -1.97 -25.13 11.28
C LYS B 119 -2.29 -26.02 10.09
N ALA B 120 -2.02 -25.54 8.87
CA ALA B 120 -2.28 -26.33 7.68
C ALA B 120 -1.43 -27.60 7.64
N ILE B 121 -0.15 -27.49 8.01
CA ILE B 121 0.72 -28.66 8.02
C ILE B 121 0.25 -29.66 9.07
N SER B 122 -0.15 -29.20 10.25
CA SER B 122 -0.62 -30.14 11.26
C SER B 122 -1.90 -30.83 10.79
N ILE B 123 -2.81 -30.08 10.15
CA ILE B 123 -4.03 -30.68 9.65
C ILE B 123 -3.72 -31.71 8.57
N LEU B 124 -2.76 -31.41 7.69
CA LEU B 124 -2.37 -32.37 6.67
C LEU B 124 -1.73 -33.61 7.27
N LYS B 125 -0.92 -33.46 8.31
CA LYS B 125 -0.35 -34.63 8.98
C LYS B 125 -1.47 -35.51 9.53
N ASP B 126 -2.48 -34.91 10.17
CA ASP B 126 -3.60 -35.70 10.65
C ASP B 126 -4.34 -36.39 9.50
N SER B 127 -4.55 -35.67 8.40
CA SER B 127 -5.29 -36.24 7.27
C SER B 127 -4.55 -37.43 6.68
N LEU B 128 -3.24 -37.31 6.49
CA LEU B 128 -2.46 -38.41 5.96
C LEU B 128 -2.39 -39.57 6.94
N THR B 129 -2.36 -39.28 8.25
CA THR B 129 -2.38 -40.36 9.23
C THR B 129 -3.71 -41.11 9.22
N ASN B 130 -4.81 -40.42 8.95
CA ASN B 130 -6.13 -41.05 8.97
C ASN B 130 -6.47 -41.79 7.68
N LYS B 131 -5.51 -41.95 6.76
CA LYS B 131 -5.71 -42.79 5.57
C LYS B 131 -5.61 -44.28 5.87
N LYS B 132 -5.38 -44.65 7.13
CA LYS B 132 -5.23 -46.05 7.51
C LYS B 132 -5.71 -46.20 8.95
N VAL B 133 -6.75 -47.00 9.16
CA VAL B 133 -7.26 -47.21 10.51
C VAL B 133 -6.27 -48.11 11.22
N VAL B 134 -5.38 -47.50 12.00
CA VAL B 134 -4.18 -48.17 12.48
C VAL B 134 -4.19 -48.28 14.00
N ASN B 135 -5.37 -48.43 14.57
CA ASN B 135 -5.49 -48.61 16.01
C ASN B 135 -4.79 -49.90 16.44
N ASP B 136 -3.67 -49.76 17.14
CA ASP B 136 -2.84 -50.89 17.58
C ASP B 136 -2.35 -51.71 16.38
N LEU B 137 -1.59 -51.05 15.50
CA LEU B 137 -1.03 -51.69 14.31
C LEU B 137 0.48 -51.82 14.36
N ASP B 138 1.20 -50.70 14.51
CA ASP B 138 2.67 -50.74 14.56
C ASP B 138 3.22 -49.71 15.53
N GLU B 139 2.45 -49.37 16.57
CA GLU B 139 2.85 -48.46 17.65
C GLU B 139 3.07 -47.03 17.16
N SER B 140 2.52 -46.68 15.99
CA SER B 140 2.47 -45.30 15.49
C SER B 140 3.87 -44.68 15.37
N ASP B 141 4.68 -45.28 14.50
CA ASP B 141 6.06 -44.85 14.28
C ASP B 141 6.28 -44.36 12.85
N ILE B 142 5.25 -43.76 12.26
CA ILE B 142 5.30 -43.42 10.84
C ILE B 142 5.92 -42.03 10.67
N LYS B 143 7.03 -41.98 9.93
CA LYS B 143 7.67 -40.72 9.59
C LYS B 143 6.94 -40.07 8.41
N ILE B 144 6.64 -38.78 8.55
CA ILE B 144 6.01 -38.01 7.48
C ILE B 144 7.00 -36.96 7.00
N ASN B 145 7.06 -36.78 5.68
CA ASN B 145 7.98 -35.81 5.08
C ASN B 145 7.26 -34.49 4.82
N LEU B 146 6.77 -33.88 5.90
CA LEU B 146 6.15 -32.57 5.85
C LEU B 146 7.05 -31.57 6.56
N PHE B 147 7.21 -30.39 5.96
CA PHE B 147 8.08 -29.35 6.51
C PHE B 147 7.30 -28.05 6.62
N CYS B 148 7.43 -27.38 7.75
CA CYS B 148 6.77 -26.09 7.97
C CYS B 148 7.85 -25.02 7.86
N CYS B 149 8.01 -24.47 6.66
CA CYS B 149 9.13 -23.58 6.37
C CYS B 149 8.81 -22.71 5.16
N ASP B 150 9.72 -21.80 4.85
CA ASP B 150 9.68 -21.01 3.63
C ASP B 150 10.29 -21.84 2.49
N SER B 151 9.45 -22.30 1.56
CA SER B 151 9.93 -23.18 0.49
C SER B 151 10.99 -22.51 -0.38
N LEU B 152 10.93 -21.18 -0.50
CA LEU B 152 11.94 -20.49 -1.29
C LEU B 152 13.28 -20.37 -0.56
N LYS B 153 13.29 -20.60 0.76
CA LYS B 153 14.54 -20.55 1.52
C LYS B 153 15.11 -21.91 1.85
N LYS B 154 14.30 -22.97 1.81
CA LYS B 154 14.76 -24.28 2.27
C LYS B 154 15.87 -24.82 1.37
N LYS B 155 16.89 -25.39 2.00
CA LYS B 155 17.94 -26.12 1.30
C LYS B 155 17.54 -27.59 1.21
N TRP B 156 17.40 -28.09 -0.01
CA TRP B 156 16.98 -29.46 -0.25
C TRP B 156 18.20 -30.34 -0.52
N ARG B 157 18.24 -31.51 0.11
CA ARG B 157 19.38 -32.40 -0.07
C ARG B 157 19.32 -33.19 -1.37
N TYR B 158 18.16 -33.26 -2.01
CA TYR B 158 18.00 -34.06 -3.22
C TYR B 158 16.86 -33.50 -4.06
N LYS B 159 16.84 -33.90 -5.32
CA LYS B 159 15.82 -33.45 -6.27
C LYS B 159 14.62 -34.40 -6.23
N PHE B 160 13.57 -34.05 -6.96
CA PHE B 160 12.27 -34.72 -6.83
C PHE B 160 11.77 -35.23 -8.17
N ASP B 161 11.12 -36.40 -8.14
CA ASP B 161 10.63 -37.02 -9.37
C ASP B 161 9.45 -36.26 -9.94
N TYR B 162 8.50 -35.85 -9.10
CA TYR B 162 7.31 -35.16 -9.56
C TYR B 162 7.00 -34.00 -8.62
N ILE B 163 6.57 -32.88 -9.18
CA ILE B 163 6.20 -31.70 -8.41
C ILE B 163 4.84 -31.20 -8.91
N VAL B 164 3.92 -30.97 -7.98
CA VAL B 164 2.57 -30.50 -8.31
C VAL B 164 2.19 -29.40 -7.33
N GLY B 165 1.07 -28.72 -7.61
CA GLY B 165 0.47 -27.86 -6.62
C GLY B 165 0.05 -26.52 -7.20
N ASN B 166 -0.27 -25.60 -6.28
CA ASN B 166 -0.80 -24.29 -6.63
C ASN B 166 -0.10 -23.26 -5.76
N PRO B 167 0.91 -22.57 -6.30
CA PRO B 167 1.74 -21.68 -5.48
C PRO B 167 1.00 -20.41 -5.09
N PRO B 168 1.51 -19.65 -4.13
CA PRO B 168 0.87 -18.37 -3.79
C PRO B 168 1.11 -17.33 -4.87
N TYR B 169 0.13 -16.46 -5.06
CA TYR B 169 0.26 -15.32 -5.98
C TYR B 169 0.27 -14.06 -5.13
N ILE B 170 1.39 -13.35 -5.11
CA ILE B 170 1.49 -12.07 -4.42
C ILE B 170 2.26 -11.10 -5.29
N GLY B 171 1.65 -9.93 -5.55
CA GLY B 171 2.25 -8.93 -6.40
C GLY B 171 3.13 -7.96 -5.64
N HIS B 172 3.61 -6.95 -6.37
CA HIS B 172 4.59 -6.03 -5.78
C HIS B 172 3.99 -5.19 -4.66
N LYS B 173 2.68 -4.96 -4.68
CA LYS B 173 2.08 -4.16 -3.60
C LYS B 173 1.92 -4.95 -2.31
N LYS B 174 1.42 -6.19 -2.40
CA LYS B 174 1.02 -6.93 -1.22
C LYS B 174 2.17 -7.74 -0.61
N LEU B 175 3.33 -7.75 -1.23
CA LEU B 175 4.49 -8.44 -0.70
C LEU B 175 5.25 -7.51 0.24
N GLU B 176 5.79 -8.08 1.32
CA GLU B 176 6.57 -7.28 2.27
C GLU B 176 7.88 -6.85 1.64
N LYS B 177 8.27 -5.59 1.88
CA LYS B 177 9.43 -5.02 1.22
C LYS B 177 10.73 -5.71 1.64
N LYS B 178 10.88 -5.97 2.94
CA LYS B 178 12.09 -6.61 3.42
C LYS B 178 12.28 -7.99 2.80
N TYR B 179 11.18 -8.71 2.58
CA TYR B 179 11.27 -9.99 1.88
C TYR B 179 11.64 -9.80 0.42
N LYS B 180 11.12 -8.74 -0.20
CA LYS B 180 11.46 -8.47 -1.59
C LYS B 180 12.95 -8.23 -1.75
N LYS B 181 13.62 -7.71 -0.72
CA LYS B 181 15.08 -7.62 -0.80
C LYS B 181 15.69 -9.01 -0.98
N PHE B 182 15.23 -10.00 -0.20
CA PHE B 182 15.74 -11.36 -0.33
C PHE B 182 15.45 -11.93 -1.72
N LEU B 183 14.22 -11.74 -2.20
CA LEU B 183 13.89 -12.23 -3.54
C LEU B 183 14.77 -11.59 -4.61
N LEU B 184 15.02 -10.28 -4.49
CA LEU B 184 15.84 -9.59 -5.48
C LEU B 184 17.29 -10.08 -5.45
N GLU B 185 17.77 -10.51 -4.29
CA GLU B 185 19.14 -11.00 -4.24
C GLU B 185 19.25 -12.45 -4.73
N LYS B 186 18.32 -13.31 -4.33
CA LYS B 186 18.48 -14.74 -4.56
C LYS B 186 17.74 -15.26 -5.80
N TYR B 187 16.72 -14.55 -6.27
CA TYR B 187 15.89 -15.00 -7.39
C TYR B 187 15.93 -14.01 -8.54
N SER B 188 17.10 -13.39 -8.75
CA SER B 188 17.20 -12.34 -9.76
C SER B 188 17.03 -12.87 -11.17
N GLU B 189 17.25 -14.17 -11.40
CA GLU B 189 17.08 -14.72 -12.74
C GLU B 189 15.64 -14.58 -13.22
N VAL B 190 14.67 -14.58 -12.30
CA VAL B 190 13.27 -14.42 -12.69
C VAL B 190 12.57 -13.28 -11.98
N TYR B 191 13.11 -12.71 -10.89
CA TYR B 191 12.37 -11.75 -10.08
C TYR B 191 13.06 -10.39 -10.13
N LYS B 192 12.40 -9.42 -10.77
CA LYS B 192 12.83 -8.04 -10.78
C LYS B 192 11.60 -7.15 -10.90
N ASP B 193 11.75 -5.90 -10.47
CA ASP B 193 10.77 -4.83 -10.73
C ASP B 193 9.41 -5.27 -10.22
N LYS B 194 8.38 -5.41 -11.08
CA LYS B 194 7.03 -5.71 -10.64
C LYS B 194 6.66 -7.18 -10.81
N ALA B 195 7.62 -8.08 -10.64
CA ALA B 195 7.37 -9.50 -10.79
C ALA B 195 6.52 -10.02 -9.62
N ASP B 196 6.06 -11.26 -9.76
CA ASP B 196 5.21 -11.90 -8.78
C ASP B 196 5.96 -13.02 -8.06
N LEU B 197 5.52 -13.33 -6.84
CA LEU B 197 6.15 -14.37 -6.04
C LEU B 197 6.12 -15.73 -6.73
N TYR B 198 5.04 -16.01 -7.47
CA TYR B 198 4.94 -17.29 -8.12
C TYR B 198 5.99 -17.47 -9.20
N PHE B 199 6.59 -16.37 -9.69
CA PHE B 199 7.76 -16.50 -10.54
C PHE B 199 8.86 -17.27 -9.82
N CYS B 200 9.14 -16.85 -8.59
CA CYS B 200 10.16 -17.53 -7.79
C CYS B 200 9.78 -18.96 -7.50
N PHE B 201 8.48 -19.21 -7.32
CA PHE B 201 8.06 -20.61 -7.12
C PHE B 201 8.30 -21.46 -8.37
N TYR B 202 8.04 -20.89 -9.55
CA TYR B 202 8.40 -21.58 -10.80
C TYR B 202 9.87 -21.93 -10.82
N LYS B 203 10.73 -20.95 -10.52
CA LYS B 203 12.16 -21.21 -10.58
C LYS B 203 12.55 -22.29 -9.58
N LYS B 204 12.04 -22.21 -8.35
CA LYS B 204 12.39 -23.21 -7.35
C LYS B 204 11.96 -24.60 -7.79
N ILE B 205 10.75 -24.72 -8.33
CA ILE B 205 10.24 -26.00 -8.78
C ILE B 205 11.15 -26.57 -9.88
N ILE B 206 11.52 -25.72 -10.84
CA ILE B 206 12.39 -26.20 -11.91
C ILE B 206 13.73 -26.65 -11.37
N ASP B 207 14.27 -25.90 -10.40
CA ASP B 207 15.63 -26.19 -9.93
C ASP B 207 15.72 -27.56 -9.25
N ILE B 208 14.73 -27.91 -8.45
CA ILE B 208 14.78 -29.15 -7.67
C ILE B 208 14.10 -30.31 -8.38
N LEU B 209 13.70 -30.13 -9.64
CA LEU B 209 13.11 -31.22 -10.40
C LEU B 209 14.21 -32.16 -10.89
N LYS B 210 14.04 -33.45 -10.60
CA LYS B 210 15.04 -34.44 -10.98
C LYS B 210 15.05 -34.62 -12.50
N GLN B 211 16.19 -35.08 -13.02
CA GLN B 211 16.28 -35.39 -14.45
C GLN B 211 15.24 -36.43 -14.83
N GLY B 212 14.47 -36.14 -15.87
CA GLY B 212 13.40 -37.00 -16.29
C GLY B 212 12.09 -36.81 -15.56
N GLY B 213 12.03 -35.90 -14.59
CA GLY B 213 10.82 -35.72 -13.83
C GLY B 213 9.79 -34.87 -14.54
N ILE B 214 8.60 -34.79 -13.95
CA ILE B 214 7.50 -34.02 -14.50
C ILE B 214 6.97 -33.07 -13.44
N GLY B 215 6.77 -31.82 -13.81
CA GLY B 215 6.13 -30.84 -12.94
C GLY B 215 4.86 -30.31 -13.58
N SER B 216 3.85 -30.07 -12.76
CA SER B 216 2.58 -29.53 -13.26
C SER B 216 1.97 -28.63 -12.20
N VAL B 217 1.72 -27.37 -12.54
CA VAL B 217 1.21 -26.37 -11.60
C VAL B 217 0.08 -25.58 -12.25
N ILE B 218 -0.71 -24.93 -11.39
CA ILE B 218 -1.72 -23.98 -11.84
C ILE B 218 -1.37 -22.62 -11.24
N THR B 219 -1.21 -21.62 -12.11
CA THR B 219 -0.73 -20.31 -11.71
C THR B 219 -1.57 -19.26 -12.43
N PRO B 220 -1.36 -17.97 -12.19
CA PRO B 220 -1.97 -16.97 -13.06
C PRO B 220 -1.42 -17.10 -14.48
N ARG B 221 -2.19 -16.61 -15.44
CA ARG B 221 -1.79 -16.67 -16.84
C ARG B 221 -0.94 -15.48 -17.27
N TYR B 222 -0.83 -14.44 -16.45
CA TYR B 222 -0.33 -13.16 -16.92
C TYR B 222 1.14 -13.23 -17.33
N PHE B 223 1.93 -14.14 -16.73
CA PHE B 223 3.33 -14.24 -17.11
C PHE B 223 3.51 -14.67 -18.57
N LEU B 224 2.49 -15.28 -19.16
CA LEU B 224 2.59 -15.69 -20.56
C LEU B 224 2.75 -14.50 -21.49
N GLU B 225 2.26 -13.33 -21.07
CA GLU B 225 2.25 -12.17 -21.94
C GLU B 225 2.89 -10.93 -21.33
N SER B 226 3.01 -10.83 -20.01
CA SER B 226 3.37 -9.58 -19.37
C SER B 226 4.83 -9.21 -19.59
N LEU B 227 5.11 -7.91 -19.45
CA LEU B 227 6.49 -7.42 -19.49
C LEU B 227 7.30 -7.97 -18.33
N SER B 228 6.68 -8.12 -17.16
CA SER B 228 7.42 -8.58 -15.99
C SER B 228 7.85 -10.03 -16.14
N GLY B 229 7.13 -10.81 -16.95
CA GLY B 229 7.40 -12.23 -17.09
C GLY B 229 8.45 -12.60 -18.12
N LYS B 230 9.14 -11.61 -18.70
CA LYS B 230 10.11 -11.90 -19.75
C LYS B 230 11.19 -12.85 -19.27
N ASP B 231 11.84 -12.53 -18.14
CA ASP B 231 12.92 -13.38 -17.64
C ASP B 231 12.42 -14.76 -17.25
N LEU B 232 11.24 -14.84 -16.65
CA LEU B 232 10.68 -16.14 -16.28
C LEU B 232 10.41 -16.99 -17.52
N ARG B 233 9.87 -16.38 -18.58
CA ARG B 233 9.66 -17.12 -19.82
C ARG B 233 10.97 -17.64 -20.38
N GLU B 234 12.01 -16.81 -20.39
CA GLU B 234 13.31 -17.29 -20.87
C GLU B 234 13.80 -18.46 -20.03
N TYR B 235 13.68 -18.36 -18.71
CA TYR B 235 14.16 -19.42 -17.82
C TYR B 235 13.43 -20.72 -18.07
N ILE B 236 12.10 -20.67 -18.17
CA ILE B 236 11.29 -21.86 -18.45
C ILE B 236 11.70 -22.46 -19.79
N LYS B 237 11.71 -21.63 -20.84
CA LYS B 237 11.99 -22.13 -22.17
C LYS B 237 13.37 -22.79 -22.23
N SER B 238 14.35 -22.23 -21.53
CA SER B 238 15.71 -22.71 -21.67
C SER B 238 16.11 -23.76 -20.64
N ASN B 239 15.23 -24.10 -19.68
CA ASN B 239 15.59 -25.12 -18.71
C ASN B 239 14.70 -26.36 -18.70
N VAL B 240 13.48 -26.30 -19.23
CA VAL B 240 12.59 -27.46 -19.23
C VAL B 240 11.92 -27.58 -20.59
N ASN B 241 11.41 -28.78 -20.87
CA ASN B 241 10.55 -29.01 -22.03
C ASN B 241 9.10 -28.82 -21.59
N VAL B 242 8.44 -27.82 -22.16
CA VAL B 242 7.04 -27.55 -21.80
C VAL B 242 6.17 -28.53 -22.58
N GLN B 243 5.54 -29.47 -21.87
CA GLN B 243 4.66 -30.43 -22.52
C GLN B 243 3.34 -29.78 -22.92
N GLU B 244 2.74 -29.01 -22.03
CA GLU B 244 1.37 -28.59 -22.26
C GLU B 244 1.08 -27.27 -21.55
N ILE B 245 0.21 -26.48 -22.17
CA ILE B 245 -0.33 -25.25 -21.60
C ILE B 245 -1.84 -25.26 -21.80
N VAL B 246 -2.57 -25.18 -20.69
CA VAL B 246 -4.02 -24.97 -20.72
C VAL B 246 -4.26 -23.53 -20.31
N ASP B 247 -4.78 -22.74 -21.23
CA ASP B 247 -5.03 -21.32 -20.99
C ASP B 247 -6.54 -21.13 -20.88
N PHE B 248 -7.02 -20.83 -19.69
CA PHE B 248 -8.43 -20.54 -19.48
C PHE B 248 -8.80 -19.10 -19.81
N LEU B 249 -7.84 -18.32 -20.33
CA LEU B 249 -8.05 -16.93 -20.69
C LEU B 249 -8.70 -16.19 -19.54
N GLY B 250 -9.86 -15.58 -19.78
CA GLY B 250 -10.56 -14.79 -18.79
C GLY B 250 -11.58 -15.53 -17.95
N ALA B 251 -11.64 -16.85 -18.03
CA ALA B 251 -12.64 -17.61 -17.28
C ALA B 251 -12.33 -17.59 -15.79
N ASN B 252 -13.38 -17.77 -14.97
CA ASN B 252 -13.27 -17.71 -13.52
C ASN B 252 -13.15 -19.14 -12.97
N ILE B 253 -11.92 -19.56 -12.70
CA ILE B 253 -11.64 -20.90 -12.18
C ILE B 253 -11.81 -20.96 -10.67
N PHE B 254 -11.42 -19.89 -9.97
CA PHE B 254 -11.55 -19.81 -8.51
C PHE B 254 -12.73 -18.91 -8.16
N LYS B 255 -13.70 -19.46 -7.43
CA LYS B 255 -14.89 -18.70 -7.08
C LYS B 255 -14.53 -17.52 -6.17
N ASN B 256 -15.08 -16.35 -6.50
CA ASN B 256 -14.89 -15.12 -5.75
C ASN B 256 -13.43 -14.65 -5.75
N ILE B 257 -12.65 -15.07 -6.74
CA ILE B 257 -11.27 -14.64 -6.87
C ILE B 257 -11.10 -13.95 -8.21
N GLY B 258 -10.61 -12.72 -8.19
CA GLY B 258 -10.37 -12.00 -9.42
C GLY B 258 -9.00 -12.29 -10.01
N VAL B 259 -8.77 -13.54 -10.41
CA VAL B 259 -7.54 -13.93 -11.09
C VAL B 259 -7.89 -14.80 -12.28
N SER B 260 -7.02 -14.79 -13.28
CA SER B 260 -7.18 -15.61 -14.48
C SER B 260 -6.08 -16.65 -14.53
N SER B 261 -6.46 -17.91 -14.71
CA SER B 261 -5.58 -19.03 -14.42
C SER B 261 -5.07 -19.69 -15.70
N CYS B 262 -3.99 -20.43 -15.53
CA CYS B 262 -3.49 -21.34 -16.55
C CYS B 262 -2.81 -22.51 -15.87
N ILE B 263 -2.86 -23.67 -16.54
CA ILE B 263 -2.20 -24.88 -16.08
C ILE B 263 -1.00 -25.12 -16.99
N LEU B 264 0.13 -25.51 -16.39
CA LEU B 264 1.38 -25.66 -17.14
C LEU B 264 2.06 -26.96 -16.75
N THR B 265 2.42 -27.77 -17.75
CA THR B 265 3.05 -29.05 -17.51
C THR B 265 4.36 -29.12 -18.30
N PHE B 266 5.44 -29.46 -17.60
CA PHE B 266 6.78 -29.46 -18.14
C PHE B 266 7.54 -30.67 -17.61
N ASP B 267 8.63 -31.03 -18.28
CA ASP B 267 9.45 -32.16 -17.88
C ASP B 267 10.93 -31.84 -18.11
N LYS B 268 11.77 -32.74 -17.61
CA LYS B 268 13.21 -32.72 -17.89
C LYS B 268 13.63 -34.01 -18.57
N LYS B 269 12.77 -34.55 -19.42
CA LYS B 269 13.08 -35.73 -20.20
C LYS B 269 13.94 -35.37 -21.40
N LYS B 270 14.65 -36.38 -21.92
CA LYS B 270 15.44 -36.21 -23.13
C LYS B 270 14.50 -36.30 -24.33
N THR B 271 14.13 -35.15 -24.88
CA THR B 271 13.19 -35.07 -25.99
C THR B 271 13.90 -34.56 -27.23
N LYS B 272 13.46 -35.05 -28.39
CA LYS B 272 14.12 -34.73 -29.65
C LYS B 272 13.59 -33.42 -30.26
N GLU B 273 12.29 -33.35 -30.52
CA GLU B 273 11.65 -32.16 -31.09
C GLU B 273 10.49 -31.80 -30.17
N THR B 274 10.77 -30.97 -29.17
CA THR B 274 9.73 -30.60 -28.21
C THR B 274 8.72 -29.67 -28.88
N TYR B 275 7.47 -30.14 -28.97
CA TYR B 275 6.32 -29.32 -29.31
C TYR B 275 5.43 -29.19 -28.08
N ILE B 276 4.80 -28.03 -27.93
CA ILE B 276 3.89 -27.74 -26.84
C ILE B 276 2.48 -27.97 -27.31
N ASP B 277 1.70 -28.73 -26.53
CA ASP B 277 0.26 -28.81 -26.71
C ASP B 277 -0.38 -27.60 -26.04
N VAL B 278 -1.08 -26.77 -26.81
CA VAL B 278 -1.74 -25.58 -26.31
C VAL B 278 -3.24 -25.77 -26.45
N PHE B 279 -3.94 -25.72 -25.31
CA PHE B 279 -5.39 -25.76 -25.23
C PHE B 279 -5.85 -24.36 -24.80
N LYS B 280 -6.46 -23.63 -25.72
CA LYS B 280 -6.96 -22.29 -25.47
C LYS B 280 -8.48 -22.34 -25.42
N ILE B 281 -9.07 -21.75 -24.38
CA ILE B 281 -10.52 -21.77 -24.28
C ILE B 281 -11.13 -20.90 -25.38
N LYS B 282 -12.28 -21.33 -25.90
CA LYS B 282 -12.95 -20.57 -26.95
C LYS B 282 -13.96 -19.59 -26.39
N ASN B 283 -14.68 -19.98 -25.35
CA ASN B 283 -15.69 -19.14 -24.73
C ASN B 283 -15.39 -19.07 -23.24
N GLU B 284 -15.20 -17.86 -22.71
CA GLU B 284 -14.84 -17.68 -21.31
C GLU B 284 -16.02 -17.86 -20.36
N ASP B 285 -17.24 -17.97 -20.87
CA ASP B 285 -18.41 -18.10 -20.02
C ASP B 285 -18.68 -19.52 -19.57
N ILE B 286 -17.92 -20.50 -20.08
CA ILE B 286 -18.25 -21.90 -19.81
C ILE B 286 -18.06 -22.21 -18.33
N CYS B 287 -18.81 -23.21 -17.85
CA CYS B 287 -18.65 -23.72 -16.50
C CYS B 287 -17.79 -24.98 -16.56
N ILE B 288 -16.83 -25.07 -15.62
CA ILE B 288 -15.83 -26.14 -15.66
C ILE B 288 -16.38 -27.48 -15.22
N ASN B 289 -17.57 -27.53 -14.62
CA ASN B 289 -18.19 -28.78 -14.20
C ASN B 289 -19.08 -29.39 -15.27
N LYS B 290 -18.87 -29.02 -16.54
CA LYS B 290 -19.73 -29.54 -17.61
C LYS B 290 -19.52 -31.03 -17.81
N PHE B 291 -18.31 -31.53 -17.57
CA PHE B 291 -17.99 -32.94 -17.69
C PHE B 291 -17.44 -33.43 -16.36
N GLU B 292 -17.40 -34.76 -16.21
CA GLU B 292 -16.88 -35.35 -14.98
C GLU B 292 -15.38 -35.14 -14.84
N THR B 293 -14.67 -35.01 -15.97
CA THR B 293 -13.22 -34.94 -15.98
C THR B 293 -12.77 -33.80 -16.90
N LEU B 294 -11.58 -33.25 -16.60
CA LEU B 294 -11.10 -32.11 -17.37
C LEU B 294 -10.66 -32.51 -18.78
N GLU B 295 -10.17 -33.74 -18.95
CA GLU B 295 -9.76 -34.18 -20.27
C GLU B 295 -10.92 -34.14 -21.25
N GLU B 296 -12.12 -34.53 -20.79
CA GLU B 296 -13.29 -34.47 -21.65
C GLU B 296 -13.59 -33.02 -22.05
N LEU B 297 -13.43 -32.08 -21.12
CA LEU B 297 -13.63 -30.68 -21.46
C LEU B 297 -12.61 -30.20 -22.49
N LEU B 298 -11.34 -30.59 -22.31
CA LEU B 298 -10.30 -30.13 -23.22
C LEU B 298 -10.51 -30.68 -24.63
N LYS B 299 -10.89 -31.95 -24.74
CA LYS B 299 -11.09 -32.56 -26.06
C LYS B 299 -12.35 -32.09 -26.76
N SER B 300 -13.22 -31.35 -26.07
CA SER B 300 -14.50 -30.95 -26.62
C SER B 300 -14.37 -29.68 -27.48
N SER B 301 -15.51 -29.23 -28.00
CA SER B 301 -15.56 -28.01 -28.79
C SER B 301 -15.37 -26.76 -27.96
N LYS B 302 -15.35 -26.87 -26.63
CA LYS B 302 -15.15 -25.70 -25.79
C LYS B 302 -13.72 -25.19 -25.85
N PHE B 303 -12.77 -26.03 -26.27
CA PHE B 303 -11.36 -25.67 -26.33
C PHE B 303 -10.81 -25.87 -27.73
N GLU B 304 -9.89 -24.99 -28.11
CA GLU B 304 -9.11 -25.11 -29.33
C GLU B 304 -7.74 -25.66 -28.98
N HIS B 305 -7.20 -26.49 -29.86
CA HIS B 305 -5.91 -27.12 -29.61
C HIS B 305 -4.97 -26.86 -30.78
N PHE B 306 -3.72 -26.55 -30.47
CA PHE B 306 -2.70 -26.42 -31.51
C PHE B 306 -1.33 -26.66 -30.89
N ASN B 307 -0.33 -26.83 -31.75
CA ASN B 307 1.02 -27.12 -31.31
C ASN B 307 1.92 -25.93 -31.57
N ILE B 308 2.88 -25.73 -30.66
CA ILE B 308 3.87 -24.66 -30.81
C ILE B 308 5.26 -25.26 -30.66
N ASN B 309 6.12 -25.02 -31.64
CA ASN B 309 7.51 -25.47 -31.53
C ASN B 309 8.24 -24.62 -30.50
N GLN B 310 8.70 -25.24 -29.42
CA GLN B 310 9.33 -24.49 -28.34
C GLN B 310 10.64 -23.86 -28.79
N ARG B 311 11.40 -24.58 -29.62
CA ARG B 311 12.67 -24.06 -30.10
C ARG B 311 12.51 -22.78 -30.92
N LEU B 312 11.32 -22.53 -31.47
CA LEU B 312 11.07 -21.35 -32.27
C LEU B 312 10.55 -20.18 -31.45
N LEU B 313 10.41 -20.33 -30.15
CA LEU B 313 9.93 -19.23 -29.32
C LEU B 313 10.98 -18.14 -29.20
N SER B 314 10.52 -16.90 -29.24
CA SER B 314 11.36 -15.74 -29.00
C SER B 314 11.27 -15.35 -27.51
N ASP B 315 11.72 -14.14 -27.16
CA ASP B 315 11.49 -13.62 -25.83
C ASP B 315 10.01 -13.45 -25.52
N GLU B 316 9.17 -13.28 -26.53
CA GLU B 316 7.73 -13.27 -26.37
C GLU B 316 7.17 -14.61 -26.83
N TRP B 317 6.16 -15.11 -26.11
CA TRP B 317 5.45 -16.33 -26.47
C TRP B 317 4.15 -15.94 -27.15
N ILE B 318 4.10 -16.12 -28.47
CA ILE B 318 2.90 -15.83 -29.25
C ILE B 318 2.26 -17.19 -29.54
N LEU B 319 1.35 -17.59 -28.66
CA LEU B 319 0.72 -18.90 -28.71
C LEU B 319 -0.62 -18.73 -29.42
N VAL B 320 -0.57 -18.80 -30.75
CA VAL B 320 -1.76 -18.68 -31.59
C VAL B 320 -1.69 -19.71 -32.71
N ASN B 321 -2.83 -19.92 -33.37
CA ASN B 321 -2.90 -20.87 -34.47
C ASN B 321 -2.21 -20.29 -35.70
N LYS B 322 -2.13 -21.11 -36.75
CA LYS B 322 -1.39 -20.73 -37.95
C LYS B 322 -2.02 -19.53 -38.65
N ASP B 323 -3.35 -19.48 -38.72
CA ASP B 323 -4.02 -18.35 -39.36
C ASP B 323 -3.69 -17.05 -38.64
N ASP B 324 -3.76 -17.05 -37.31
CA ASP B 324 -3.45 -15.85 -36.54
C ASP B 324 -1.99 -15.45 -36.70
N GLU B 325 -1.09 -16.43 -36.72
CA GLU B 325 0.32 -16.11 -36.90
C GLU B 325 0.58 -15.47 -38.26
N THR B 326 -0.04 -16.01 -39.32
CA THR B 326 0.16 -15.42 -40.65
C THR B 326 -0.43 -14.02 -40.72
N PHE B 327 -1.62 -13.82 -40.14
CA PHE B 327 -2.23 -12.50 -40.06
C PHE B 327 -1.30 -11.50 -39.39
N TYR B 328 -0.79 -11.86 -38.21
CA TYR B 328 0.10 -11.00 -37.45
C TYR B 328 1.38 -10.72 -38.23
N ASN B 329 1.96 -11.73 -38.87
CA ASN B 329 3.20 -11.49 -39.60
C ASN B 329 2.99 -10.60 -40.82
N LYS B 330 1.87 -10.77 -41.52
CA LYS B 330 1.58 -9.90 -42.65
C LYS B 330 1.50 -8.45 -42.19
N ILE B 331 0.76 -8.21 -41.10
CA ILE B 331 0.64 -6.84 -40.62
C ILE B 331 2.00 -6.30 -40.19
N GLN B 332 2.77 -7.10 -39.44
CA GLN B 332 4.07 -6.64 -38.94
C GLN B 332 4.99 -6.27 -40.10
N GLU B 333 5.05 -7.10 -41.14
CA GLU B 333 5.93 -6.81 -42.25
C GLU B 333 5.48 -5.58 -43.03
N LYS B 334 4.17 -5.44 -43.26
CA LYS B 334 3.71 -4.35 -44.12
C LYS B 334 3.94 -2.98 -43.49
N CYS B 335 3.92 -2.88 -42.16
CA CYS B 335 4.01 -1.59 -41.46
C CYS B 335 5.45 -1.20 -41.20
N LYS B 336 5.83 0.02 -41.63
CA LYS B 336 7.19 0.48 -41.51
C LYS B 336 7.44 1.33 -40.26
N TYR B 337 6.39 1.70 -39.52
CA TYR B 337 6.52 2.55 -38.34
C TYR B 337 5.81 1.92 -37.15
N SER B 338 6.29 2.24 -35.95
CA SER B 338 5.60 1.90 -34.72
C SER B 338 5.13 3.18 -34.04
N LEU B 339 4.11 3.02 -33.19
CA LEU B 339 3.61 4.18 -32.43
C LEU B 339 4.72 4.80 -31.61
N GLU B 340 5.61 3.99 -31.04
CA GLU B 340 6.70 4.55 -30.27
C GLU B 340 7.59 5.46 -31.10
N ASP B 341 7.76 5.13 -32.38
CA ASP B 341 8.59 5.94 -33.26
C ASP B 341 8.02 7.34 -33.43
N ILE B 342 6.70 7.45 -33.56
CA ILE B 342 6.07 8.70 -33.99
C ILE B 342 5.39 9.44 -32.86
N ALA B 343 5.32 8.87 -31.66
CA ALA B 343 4.52 9.46 -30.60
C ALA B 343 5.30 9.58 -29.30
N ILE B 344 4.87 10.55 -28.49
CA ILE B 344 5.23 10.66 -27.09
C ILE B 344 4.06 10.13 -26.29
N SER B 345 4.33 9.17 -25.41
CA SER B 345 3.32 8.49 -24.61
C SER B 345 3.50 8.83 -23.14
N PHE B 346 2.40 8.88 -22.39
CA PHE B 346 2.52 9.10 -20.96
C PHE B 346 1.29 8.62 -20.19
N GLN B 347 1.55 8.14 -18.98
CA GLN B 347 0.54 7.80 -18.00
C GLN B 347 -0.06 9.06 -17.40
N GLY B 348 -1.28 8.93 -16.90
CA GLY B 348 -2.01 10.06 -16.35
C GLY B 348 -1.54 10.45 -14.96
N ILE B 349 -2.30 11.38 -14.37
CA ILE B 349 -1.97 11.93 -13.06
C ILE B 349 -2.19 10.88 -11.99
N ILE B 350 -1.27 10.81 -11.03
CA ILE B 350 -1.44 9.98 -9.84
C ILE B 350 -1.41 10.93 -8.64
N THR B 351 -2.60 11.25 -8.13
CA THR B 351 -2.69 12.17 -6.99
C THR B 351 -2.14 11.53 -5.73
N GLY B 352 -2.42 10.24 -5.53
CA GLY B 352 -2.08 9.54 -4.31
C GLY B 352 -3.22 9.45 -3.32
N CYS B 353 -4.22 10.33 -3.44
CA CYS B 353 -5.48 10.19 -2.70
C CYS B 353 -6.55 10.97 -3.46
N ASP B 354 -7.32 10.26 -4.29
CA ASP B 354 -8.22 10.95 -5.21
C ASP B 354 -9.32 11.71 -4.50
N LYS B 355 -9.79 11.21 -3.35
CA LYS B 355 -10.88 11.86 -2.65
C LYS B 355 -10.52 13.27 -2.18
N ALA B 356 -9.23 13.59 -2.13
CA ALA B 356 -8.79 14.91 -1.66
C ALA B 356 -8.67 15.93 -2.78
N PHE B 357 -8.64 15.50 -4.04
CA PHE B 357 -8.41 16.40 -5.16
C PHE B 357 -9.49 16.36 -6.23
N ILE B 358 -10.29 15.31 -6.30
CA ILE B 358 -11.30 15.17 -7.36
C ILE B 358 -12.66 15.52 -6.78
N LEU B 359 -13.37 16.41 -7.45
CA LEU B 359 -14.68 16.85 -6.99
C LEU B 359 -15.69 16.71 -8.11
N SER B 360 -16.91 16.30 -7.76
CA SER B 360 -17.99 16.34 -8.72
C SER B 360 -18.18 17.78 -9.20
N LYS B 361 -18.41 17.94 -10.51
CA LYS B 361 -18.50 19.29 -11.06
C LYS B 361 -19.63 20.08 -10.44
N ASP B 362 -20.60 19.40 -9.82
CA ASP B 362 -21.72 20.06 -9.14
C ASP B 362 -21.44 20.31 -7.66
N ASP B 363 -20.25 19.96 -7.15
CA ASP B 363 -19.95 20.13 -5.73
C ASP B 363 -19.83 21.60 -5.37
N VAL B 364 -20.37 21.96 -4.20
CA VAL B 364 -20.37 23.36 -3.79
C VAL B 364 -18.98 23.80 -3.35
N LYS B 365 -18.14 22.86 -2.90
CA LYS B 365 -16.80 23.23 -2.46
C LYS B 365 -15.95 23.81 -3.58
N LEU B 366 -16.31 23.54 -4.85
CA LEU B 366 -15.62 24.15 -5.98
C LEU B 366 -15.74 25.68 -5.97
N ASN B 367 -16.73 26.23 -5.26
CA ASN B 367 -16.81 27.68 -5.14
C ASN B 367 -15.59 28.25 -4.40
N LEU B 368 -14.95 27.44 -3.56
CA LEU B 368 -13.77 27.89 -2.84
C LEU B 368 -12.51 27.86 -3.70
N VAL B 369 -12.53 27.13 -4.81
CA VAL B 369 -11.33 26.93 -5.63
C VAL B 369 -11.37 27.89 -6.81
N ASP B 370 -10.32 28.69 -6.94
CA ASP B 370 -10.19 29.57 -8.10
C ASP B 370 -10.11 28.73 -9.36
N ASP B 371 -10.71 29.23 -10.44
CA ASP B 371 -10.81 28.44 -11.67
C ASP B 371 -9.45 28.16 -12.30
N LYS B 372 -8.42 28.93 -11.96
CA LYS B 372 -7.08 28.64 -12.46
C LYS B 372 -6.54 27.32 -11.92
N PHE B 373 -7.02 26.86 -10.77
CA PHE B 373 -6.58 25.60 -10.20
C PHE B 373 -7.31 24.39 -10.76
N LEU B 374 -8.45 24.58 -11.41
CA LEU B 374 -9.33 23.48 -11.79
C LEU B 374 -9.01 22.97 -13.19
N LYS B 375 -9.05 21.65 -13.34
CA LYS B 375 -8.89 20.98 -14.61
C LYS B 375 -10.03 20.00 -14.82
N CYS B 376 -10.30 19.66 -16.08
CA CYS B 376 -11.30 18.64 -16.38
C CYS B 376 -10.72 17.25 -16.13
N TRP B 377 -11.56 16.35 -15.63
CA TRP B 377 -11.11 15.04 -15.17
C TRP B 377 -12.05 13.99 -15.74
N ILE B 378 -11.49 13.00 -16.44
CA ILE B 378 -12.29 11.92 -17.03
C ILE B 378 -11.80 10.57 -16.52
N LYS B 379 -12.71 9.61 -16.52
CA LYS B 379 -12.41 8.23 -16.17
C LYS B 379 -12.41 7.39 -17.43
N SER B 380 -11.89 6.16 -17.32
CA SER B 380 -11.76 5.27 -18.47
C SER B 380 -13.10 5.05 -19.17
N LYS B 381 -14.21 5.11 -18.43
CA LYS B 381 -15.50 4.88 -19.06
C LYS B 381 -15.92 6.01 -19.98
N ASN B 382 -15.29 7.18 -19.86
CA ASN B 382 -15.63 8.30 -20.73
C ASN B 382 -15.05 8.15 -22.14
N ILE B 383 -14.13 7.22 -22.34
CA ILE B 383 -13.46 7.07 -23.62
C ILE B 383 -14.31 6.19 -24.53
N ASN B 384 -14.68 6.71 -25.68
CA ASN B 384 -15.27 5.92 -26.76
C ASN B 384 -14.32 5.95 -27.95
N LYS B 385 -14.69 5.24 -29.00
CA LYS B 385 -13.97 5.41 -30.25
C LYS B 385 -14.13 6.84 -30.74
N TYR B 386 -13.00 7.48 -31.05
CA TYR B 386 -12.88 8.76 -31.74
C TYR B 386 -13.21 10.02 -30.94
N ILE B 387 -13.93 9.92 -29.81
CA ILE B 387 -14.30 11.12 -29.05
C ILE B 387 -14.53 10.73 -27.61
N VAL B 388 -14.44 11.73 -26.73
CA VAL B 388 -14.52 11.56 -25.30
C VAL B 388 -15.86 12.11 -24.80
N ASP B 389 -16.47 11.40 -23.86
CA ASP B 389 -17.65 11.90 -23.18
C ASP B 389 -17.30 13.18 -22.41
N LYS B 390 -18.31 14.01 -22.20
CA LYS B 390 -18.11 15.23 -21.44
C LYS B 390 -17.71 14.88 -20.01
N SER B 391 -16.79 15.67 -19.43
CA SER B 391 -16.28 15.34 -18.12
C SER B 391 -17.28 15.68 -17.03
N GLU B 392 -17.32 14.84 -16.00
CA GLU B 392 -18.19 15.01 -14.86
C GLU B 392 -17.44 15.36 -13.58
N TYR B 393 -16.12 15.51 -13.66
CA TYR B 393 -15.29 15.74 -12.49
C TYR B 393 -14.26 16.82 -12.75
N ARG B 394 -13.85 17.48 -11.68
CA ARG B 394 -12.85 18.55 -11.71
C ARG B 394 -11.72 18.21 -10.77
N LEU B 395 -10.49 18.44 -11.23
CA LEU B 395 -9.28 18.17 -10.47
C LEU B 395 -8.69 19.47 -9.96
N ILE B 396 -8.39 19.52 -8.66
CA ILE B 396 -7.68 20.64 -8.06
C ILE B 396 -6.20 20.38 -8.25
N TYR B 397 -5.58 21.09 -9.20
CA TYR B 397 -4.16 20.90 -9.48
C TYR B 397 -3.35 21.62 -8.40
N SER B 398 -3.23 20.95 -7.25
CA SER B 398 -2.72 21.61 -6.05
C SER B 398 -1.23 21.92 -6.12
N ASN B 399 -0.50 21.37 -7.10
CA ASN B 399 0.90 21.75 -7.27
C ASN B 399 1.06 23.24 -7.53
N ASP B 400 0.03 23.90 -8.04
CA ASP B 400 0.10 25.31 -8.40
C ASP B 400 -0.19 26.24 -7.23
N ILE B 401 -0.42 25.71 -6.04
CA ILE B 401 -0.59 26.52 -4.85
C ILE B 401 0.78 26.84 -4.27
N ASP B 402 1.11 28.14 -4.19
CA ASP B 402 2.46 28.56 -3.82
C ASP B 402 2.70 28.42 -2.31
N ASN B 403 1.90 29.13 -1.51
CA ASN B 403 2.11 29.18 -0.06
C ASN B 403 0.87 28.67 0.65
N GLU B 404 1.06 28.16 1.86
CA GLU B 404 -0.04 27.63 2.66
C GLU B 404 -0.94 28.71 3.24
N ASN B 405 -0.54 29.98 3.17
CA ASN B 405 -1.34 31.07 3.73
C ASN B 405 -2.19 31.80 2.70
N THR B 406 -1.77 31.82 1.43
CA THR B 406 -2.51 32.55 0.41
C THR B 406 -3.86 31.89 0.11
N ASN B 407 -3.89 30.56 0.05
CA ASN B 407 -5.11 29.83 -0.29
C ASN B 407 -5.53 28.93 0.88
N LYS B 408 -5.54 29.49 2.09
CA LYS B 408 -5.73 28.68 3.29
C LYS B 408 -7.06 27.93 3.26
N ARG B 409 -8.12 28.54 2.74
CA ARG B 409 -9.43 27.94 2.80
C ARG B 409 -9.47 26.62 2.03
N ILE B 410 -8.86 26.58 0.85
CA ILE B 410 -8.81 25.35 0.06
C ILE B 410 -8.10 24.25 0.82
N LEU B 411 -6.98 24.58 1.47
CA LEU B 411 -6.24 23.58 2.22
C LEU B 411 -7.03 23.09 3.43
N ASP B 412 -7.70 24.00 4.13
CA ASP B 412 -8.36 23.63 5.38
C ASP B 412 -9.63 22.84 5.13
N GLU B 413 -10.41 23.21 4.11
CA GLU B 413 -11.76 22.67 3.98
C GLU B 413 -11.89 21.57 2.94
N ILE B 414 -10.93 21.42 2.03
CA ILE B 414 -11.07 20.41 0.99
C ILE B 414 -9.95 19.37 1.09
N ILE B 415 -8.71 19.81 0.90
CA ILE B 415 -7.61 18.85 0.87
C ILE B 415 -7.25 18.38 2.27
N GLY B 416 -7.23 19.30 3.24
CA GLY B 416 -6.81 18.96 4.59
C GLY B 416 -7.64 17.88 5.24
N LEU B 417 -8.85 17.65 4.76
CA LEU B 417 -9.67 16.57 5.29
C LEU B 417 -8.99 15.22 5.16
N TYR B 418 -8.02 15.09 4.25
CA TYR B 418 -7.29 13.84 4.10
C TYR B 418 -5.82 13.99 4.45
N LYS B 419 -5.47 15.02 5.22
CA LYS B 419 -4.07 15.34 5.49
C LYS B 419 -3.30 14.12 5.96
N THR B 420 -3.83 13.41 6.95
CA THR B 420 -3.13 12.24 7.49
C THR B 420 -2.77 11.28 6.37
N LYS B 421 -3.75 10.89 5.56
CA LYS B 421 -3.48 9.95 4.48
C LYS B 421 -2.46 10.53 3.52
N LEU B 422 -2.61 11.82 3.18
CA LEU B 422 -1.66 12.47 2.29
C LEU B 422 -0.25 12.44 2.86
N GLU B 423 -0.13 12.61 4.17
CA GLU B 423 1.21 12.65 4.75
C GLU B 423 1.89 11.28 4.72
N ASN B 424 1.14 10.21 4.48
CA ASN B 424 1.70 8.87 4.48
C ASN B 424 2.23 8.46 3.10
N ARG B 425 2.11 9.33 2.12
CA ARG B 425 2.68 9.05 0.80
C ARG B 425 4.19 9.09 0.85
N ARG B 426 4.83 8.28 0.00
CA ARG B 426 6.27 8.06 0.10
C ARG B 426 7.04 9.36 -0.06
N GLU B 427 6.65 10.20 -1.01
CA GLU B 427 7.39 11.42 -1.29
C GLU B 427 7.12 12.52 -0.27
N CYS B 428 6.08 12.38 0.55
CA CYS B 428 5.89 13.31 1.66
C CYS B 428 6.75 12.94 2.86
N LYS B 429 6.90 11.63 3.13
CA LYS B 429 7.76 11.20 4.22
C LYS B 429 9.22 11.54 3.96
N SER B 430 9.62 11.62 2.69
CA SER B 430 10.99 11.97 2.35
C SER B 430 11.19 13.48 2.20
N GLY B 431 10.12 14.27 2.24
CA GLY B 431 10.22 15.71 2.26
C GLY B 431 10.29 16.38 0.90
N ILE B 432 10.33 15.64 -0.20
CA ILE B 432 10.41 16.26 -1.51
C ILE B 432 9.06 16.67 -2.06
N ARG B 433 7.96 16.32 -1.41
CA ARG B 433 6.62 16.70 -1.83
C ARG B 433 5.86 17.26 -0.64
N LYS B 434 5.23 18.41 -0.83
CA LYS B 434 4.41 18.99 0.23
C LYS B 434 3.17 18.14 0.45
N TRP B 435 2.68 18.13 1.69
CA TRP B 435 1.59 17.22 2.05
C TRP B 435 0.34 17.46 1.21
N TYR B 436 0.15 18.67 0.71
CA TYR B 436 -1.04 19.02 -0.06
C TYR B 436 -0.85 18.92 -1.56
N GLU B 437 0.33 18.48 -2.03
CA GLU B 437 0.62 18.45 -3.45
C GLU B 437 0.24 17.10 -4.05
N LEU B 438 0.05 17.09 -5.37
CA LEU B 438 -0.18 15.84 -6.07
C LEU B 438 1.08 14.98 -6.05
N GLN B 439 0.90 13.68 -5.78
CA GLN B 439 2.07 12.82 -5.63
C GLN B 439 2.87 12.74 -6.93
N TRP B 440 2.19 12.52 -8.05
CA TRP B 440 2.82 12.57 -9.37
C TRP B 440 1.91 13.44 -10.24
N GLY B 441 2.18 14.74 -10.24
CA GLY B 441 1.37 15.68 -10.99
C GLY B 441 1.70 15.80 -12.45
N ARG B 442 2.71 15.07 -12.91
CA ARG B 442 3.10 15.01 -14.33
C ARG B 442 3.38 16.43 -14.82
N GLU B 443 3.17 16.66 -16.11
CA GLU B 443 3.43 17.94 -16.74
C GLU B 443 2.16 18.42 -17.43
N LYS B 444 1.70 19.63 -17.05
CA LYS B 444 0.47 20.17 -17.63
C LYS B 444 0.60 20.39 -19.13
N LEU B 445 1.78 20.80 -19.59
CA LEU B 445 1.96 21.05 -21.03
C LEU B 445 1.74 19.79 -21.86
N PHE B 446 1.82 18.61 -21.24
CA PHE B 446 1.53 17.37 -21.95
C PHE B 446 0.04 17.10 -22.05
N PHE B 447 -0.75 17.61 -21.10
CA PHE B 447 -2.19 17.34 -21.08
C PHE B 447 -3.00 18.41 -21.79
N GLU B 448 -2.59 19.67 -21.71
CA GLU B 448 -3.37 20.78 -22.26
C GLU B 448 -2.96 21.03 -23.70
N ARG B 449 -3.26 20.03 -24.54
CA ARG B 449 -2.96 20.05 -25.96
C ARG B 449 -3.85 19.01 -26.64
N LYS B 450 -3.85 19.03 -27.97
CA LYS B 450 -4.52 17.98 -28.72
C LYS B 450 -3.75 16.68 -28.55
N LYS B 451 -4.46 15.61 -28.23
CA LYS B 451 -3.80 14.35 -27.92
C LYS B 451 -4.80 13.22 -28.11
N ILE B 452 -4.30 11.98 -28.07
CA ILE B 452 -5.13 10.79 -28.17
C ILE B 452 -5.13 10.11 -26.82
N MET B 453 -6.33 9.76 -26.35
CA MET B 453 -6.50 9.10 -25.06
C MET B 453 -7.17 7.75 -25.25
N TYR B 454 -6.79 6.79 -24.41
CA TYR B 454 -7.40 5.48 -24.46
C TYR B 454 -7.47 4.87 -23.06
N PRO B 455 -8.47 4.03 -22.79
CA PRO B 455 -8.57 3.42 -21.46
C PRO B 455 -7.47 2.41 -21.24
N TYR B 456 -7.09 2.24 -19.97
CA TYR B 456 -5.99 1.33 -19.67
C TYR B 456 -6.45 -0.12 -19.65
N LYS B 457 -7.75 -0.37 -19.54
CA LYS B 457 -8.30 -1.71 -19.53
C LYS B 457 -9.65 -1.65 -20.23
N SER B 458 -9.83 -2.50 -21.24
CA SER B 458 -11.01 -2.41 -22.08
C SER B 458 -11.24 -3.75 -22.75
N ASN B 459 -12.43 -3.89 -23.34
CA ASN B 459 -12.78 -5.05 -24.14
C ASN B 459 -12.45 -4.87 -25.62
N GLU B 460 -12.12 -3.65 -26.04
CA GLU B 460 -11.86 -3.38 -27.45
C GLU B 460 -11.08 -2.07 -27.56
N ASN B 461 -10.58 -1.81 -28.77
CA ASN B 461 -9.82 -0.59 -29.03
C ASN B 461 -10.75 0.62 -28.91
N ARG B 462 -10.39 1.57 -28.05
CA ARG B 462 -11.11 2.82 -27.88
C ARG B 462 -10.07 3.94 -27.84
N PHE B 463 -9.72 4.46 -29.00
CA PHE B 463 -8.77 5.57 -29.10
C PHE B 463 -9.53 6.82 -29.52
N ALA B 464 -9.44 7.88 -28.72
CA ALA B 464 -10.23 9.07 -28.94
C ALA B 464 -9.33 10.29 -29.03
N ILE B 465 -9.75 11.25 -29.85
CA ILE B 465 -9.07 12.53 -29.95
C ILE B 465 -9.66 13.45 -28.90
N ASP B 466 -8.84 13.92 -27.97
CA ASP B 466 -9.28 14.87 -26.95
C ASP B 466 -9.04 16.28 -27.44
N TYR B 467 -10.10 17.09 -27.48
CA TYR B 467 -9.99 18.50 -27.81
C TYR B 467 -10.13 19.41 -26.60
N ASP B 468 -10.30 18.83 -25.40
CA ASP B 468 -10.80 19.60 -24.26
C ASP B 468 -9.82 19.64 -23.09
N ASN B 469 -8.55 19.35 -23.33
CA ASN B 469 -7.51 19.44 -22.30
C ASN B 469 -7.90 18.60 -21.08
N ASN B 470 -8.50 17.44 -21.33
CA ASN B 470 -8.87 16.57 -20.23
C ASN B 470 -7.63 16.05 -19.51
N PHE B 471 -7.73 15.98 -18.19
CA PHE B 471 -6.78 15.24 -17.37
C PHE B 471 -7.40 13.92 -16.96
N SER B 472 -6.57 13.03 -16.43
CA SER B 472 -7.07 11.72 -16.01
C SER B 472 -6.06 11.07 -15.10
N SER B 473 -6.53 10.06 -14.39
CA SER B 473 -5.67 9.25 -13.54
C SER B 473 -4.95 8.21 -14.41
N ALA B 474 -4.34 7.22 -13.77
CA ALA B 474 -3.62 6.18 -14.49
C ALA B 474 -4.53 5.15 -15.13
N ASP B 475 -5.85 5.33 -15.05
CA ASP B 475 -6.74 4.45 -15.78
C ASP B 475 -6.96 4.90 -17.23
N VAL B 476 -6.34 6.00 -17.64
CA VAL B 476 -6.39 6.50 -19.01
C VAL B 476 -4.99 6.89 -19.43
N TYR B 477 -4.54 6.40 -20.57
CA TYR B 477 -3.23 6.75 -21.10
C TYR B 477 -3.37 7.73 -22.25
N SER B 478 -2.29 8.45 -22.53
CA SER B 478 -2.35 9.47 -23.56
C SER B 478 -1.08 9.43 -24.40
N PHE B 479 -1.21 9.92 -25.64
CA PHE B 479 -0.02 10.17 -26.43
C PHE B 479 -0.32 11.28 -27.42
N PHE B 480 0.74 11.99 -27.82
CA PHE B 480 0.63 12.96 -28.89
C PHE B 480 1.74 12.70 -29.90
N ILE B 481 1.57 13.26 -31.08
CA ILE B 481 2.47 12.95 -32.19
C ILE B 481 3.70 13.84 -32.12
N LYS B 482 4.87 13.24 -32.34
CA LYS B 482 6.11 14.00 -32.36
C LYS B 482 6.08 15.03 -33.48
N GLU B 483 6.81 16.13 -33.27
CA GLU B 483 6.79 17.24 -34.23
C GLU B 483 7.28 16.79 -35.60
N GLU B 484 8.31 15.96 -35.65
CA GLU B 484 8.91 15.60 -36.93
C GLU B 484 8.04 14.65 -37.73
N TYR B 485 7.06 14.00 -37.11
CA TYR B 485 6.19 13.09 -37.83
C TYR B 485 4.83 13.69 -38.17
N LEU B 486 4.58 14.95 -37.81
CA LEU B 486 3.28 15.56 -38.07
C LEU B 486 3.02 15.68 -39.58
N ASP B 487 4.08 15.76 -40.38
CA ASP B 487 3.90 15.80 -41.82
C ASP B 487 3.54 14.44 -42.41
N LYS B 488 3.76 13.37 -41.65
CA LYS B 488 3.48 12.02 -42.13
C LYS B 488 2.19 11.44 -41.55
N PHE B 489 1.83 11.79 -40.32
CA PHE B 489 0.67 11.20 -39.66
C PHE B 489 -0.13 12.28 -38.94
N SER B 490 -1.46 12.15 -39.00
CA SER B 490 -2.38 13.03 -38.28
C SER B 490 -3.21 12.23 -37.28
N TYR B 491 -3.72 12.94 -36.27
CA TYR B 491 -4.54 12.30 -35.24
C TYR B 491 -5.76 11.62 -35.86
N GLU B 492 -6.34 12.22 -36.88
CA GLU B 492 -7.53 11.67 -37.51
C GLU B 492 -7.22 10.33 -38.19
N TYR B 493 -6.13 10.26 -38.95
CA TYR B 493 -5.72 9.00 -39.55
C TYR B 493 -5.41 7.94 -38.49
N LEU B 494 -4.73 8.35 -37.40
CA LEU B 494 -4.38 7.39 -36.36
C LEU B 494 -5.61 6.79 -35.69
N VAL B 495 -6.57 7.63 -35.32
CA VAL B 495 -7.76 7.06 -34.69
C VAL B 495 -8.56 6.27 -35.72
N GLY B 496 -8.45 6.63 -37.01
CA GLY B 496 -9.10 5.83 -38.03
C GLY B 496 -8.57 4.41 -38.07
N ILE B 497 -7.25 4.25 -38.08
CA ILE B 497 -6.73 2.89 -38.22
C ILE B 497 -6.76 2.14 -36.88
N LEU B 498 -6.57 2.84 -35.76
CA LEU B 498 -6.48 2.15 -34.47
C LEU B 498 -7.83 1.63 -34.00
N ASN B 499 -8.93 2.25 -34.44
CA ASN B 499 -10.26 1.80 -34.05
C ASN B 499 -10.86 0.81 -35.04
N SER B 500 -10.12 0.42 -36.07
CA SER B 500 -10.64 -0.51 -37.05
C SER B 500 -10.69 -1.93 -36.49
N SER B 501 -11.61 -2.72 -37.05
CA SER B 501 -11.70 -4.13 -36.67
C SER B 501 -10.37 -4.83 -36.89
N VAL B 502 -9.66 -4.44 -37.95
CA VAL B 502 -8.35 -5.04 -38.25
C VAL B 502 -7.39 -4.84 -37.09
N TYR B 503 -7.27 -3.60 -36.62
CA TYR B 503 -6.31 -3.32 -35.57
C TYR B 503 -6.78 -3.85 -34.22
N ASP B 504 -8.08 -3.98 -34.01
CA ASP B 504 -8.56 -4.63 -32.80
C ASP B 504 -8.08 -6.07 -32.74
N LYS B 505 -8.33 -6.84 -33.81
CA LYS B 505 -7.85 -8.22 -33.85
C LYS B 505 -6.33 -8.29 -33.73
N TYR B 506 -5.63 -7.40 -34.45
CA TYR B 506 -4.17 -7.40 -34.45
C TYR B 506 -3.61 -7.17 -33.05
N PHE B 507 -4.11 -6.13 -32.36
CA PHE B 507 -3.63 -5.87 -31.01
C PHE B 507 -3.93 -7.04 -30.09
N LYS B 508 -5.15 -7.58 -30.15
CA LYS B 508 -5.48 -8.65 -29.22
C LYS B 508 -4.73 -9.94 -29.51
N ILE B 509 -4.05 -10.04 -30.65
CA ILE B 509 -3.18 -11.21 -30.87
C ILE B 509 -2.19 -11.39 -29.72
N THR B 510 -1.58 -10.30 -29.25
CA THR B 510 -0.55 -10.39 -28.23
C THR B 510 -0.85 -9.58 -26.98
N ALA B 511 -2.05 -9.01 -26.86
CA ALA B 511 -2.35 -8.22 -25.67
C ALA B 511 -2.48 -9.11 -24.44
N LYS B 512 -2.45 -8.47 -23.27
CA LYS B 512 -2.45 -9.15 -21.98
C LYS B 512 -3.89 -9.32 -21.50
N LYS B 513 -4.38 -10.56 -21.51
CA LYS B 513 -5.76 -10.86 -21.13
C LYS B 513 -5.89 -10.85 -19.61
N MET B 514 -6.64 -9.89 -19.06
CA MET B 514 -6.68 -9.67 -17.62
C MET B 514 -7.82 -10.41 -16.93
N SER B 515 -9.04 -10.19 -17.40
CA SER B 515 -10.21 -10.91 -16.88
C SER B 515 -11.21 -11.03 -18.03
N LYS B 516 -12.44 -11.44 -17.70
CA LYS B 516 -13.44 -11.68 -18.72
C LYS B 516 -13.74 -10.39 -19.48
N ASN B 517 -13.50 -10.42 -20.79
CA ASN B 517 -13.70 -9.26 -21.68
C ASN B 517 -12.85 -8.07 -21.27
N ILE B 518 -11.63 -8.31 -20.78
CA ILE B 518 -10.73 -7.22 -20.42
C ILE B 518 -9.32 -7.53 -20.89
N TYR B 519 -8.73 -6.61 -21.64
CA TYR B 519 -7.32 -6.64 -22.00
C TYR B 519 -6.64 -5.40 -21.42
N ASP B 520 -5.36 -5.54 -21.11
CA ASP B 520 -4.56 -4.37 -20.77
C ASP B 520 -4.28 -3.57 -22.03
N TYR B 521 -4.62 -2.28 -22.01
CA TYR B 521 -4.18 -1.34 -23.01
C TYR B 521 -3.16 -0.44 -22.34
N TYR B 522 -1.93 -0.92 -22.28
CA TYR B 522 -0.83 -0.24 -21.63
C TYR B 522 0.23 0.13 -22.66
N PRO B 523 0.99 1.19 -22.41
CA PRO B 523 2.01 1.59 -23.38
C PRO B 523 3.03 0.50 -23.70
N ASN B 524 3.34 -0.39 -22.75
CA ASN B 524 4.35 -1.40 -23.02
C ASN B 524 3.94 -2.35 -24.13
N LYS B 525 2.66 -2.37 -24.47
CA LYS B 525 2.21 -3.05 -25.68
C LYS B 525 1.57 -2.13 -26.71
N VAL B 526 0.83 -1.10 -26.28
CA VAL B 526 0.19 -0.21 -27.24
C VAL B 526 1.23 0.54 -28.05
N MET B 527 2.31 0.99 -27.41
CA MET B 527 3.33 1.72 -28.15
C MET B 527 4.12 0.81 -29.10
N LYS B 528 3.95 -0.50 -29.01
CA LYS B 528 4.57 -1.42 -29.96
C LYS B 528 3.69 -1.69 -31.18
N ILE B 529 2.48 -1.13 -31.22
CA ILE B 529 1.61 -1.32 -32.37
C ILE B 529 2.26 -0.71 -33.60
N ARG B 530 2.29 -1.48 -34.69
CA ARG B 530 2.89 -1.00 -35.93
C ARG B 530 1.83 -0.38 -36.83
N ILE B 531 2.21 0.70 -37.50
CA ILE B 531 1.30 1.46 -38.35
C ILE B 531 1.95 1.68 -39.69
N PHE B 532 1.13 2.01 -40.68
CA PHE B 532 1.56 2.12 -42.06
C PHE B 532 1.05 3.43 -42.64
N ARG B 533 1.66 3.83 -43.75
CA ARG B 533 1.10 4.89 -44.59
C ARG B 533 1.36 4.53 -46.04
N ASP B 534 0.31 4.57 -46.86
CA ASP B 534 0.39 4.17 -48.25
C ASP B 534 -0.61 5.01 -49.04
N ASN B 535 -0.97 4.53 -50.24
CA ASN B 535 -1.85 5.29 -51.12
C ASN B 535 -3.23 5.54 -50.51
N ASN B 536 -3.70 4.64 -49.66
CA ASN B 536 -5.04 4.77 -49.10
C ASN B 536 -5.14 5.83 -48.01
N TYR B 537 -4.01 6.37 -47.55
CA TYR B 537 -3.98 7.35 -46.46
C TYR B 537 -5.08 8.39 -46.59
N GLU B 538 -5.05 9.16 -47.68
CA GLU B 538 -5.97 10.28 -47.83
C GLU B 538 -7.41 9.83 -47.67
N GLU B 539 -7.78 8.67 -48.22
CA GLU B 539 -9.17 8.24 -48.08
C GLU B 539 -9.48 7.84 -46.65
N ILE B 540 -8.60 7.04 -46.03
CA ILE B 540 -8.84 6.60 -44.66
C ILE B 540 -9.06 7.81 -43.77
N GLU B 541 -8.13 8.76 -43.82
CA GLU B 541 -8.24 9.98 -43.03
C GLU B 541 -9.58 10.64 -43.26
N ASN B 542 -9.96 10.80 -44.53
CA ASN B 542 -11.21 11.52 -44.78
C ASN B 542 -12.37 10.79 -44.14
N LEU B 543 -12.42 9.46 -44.29
CA LEU B 543 -13.49 8.71 -43.65
C LEU B 543 -13.52 8.98 -42.16
N SER B 544 -12.34 8.93 -41.52
CA SER B 544 -12.27 9.21 -40.09
C SER B 544 -12.85 10.58 -39.79
N LYS B 545 -12.45 11.60 -40.56
CA LYS B 545 -12.97 12.93 -40.27
C LYS B 545 -14.49 12.93 -40.32
N GLN B 546 -15.08 12.30 -41.34
CA GLN B 546 -16.53 12.27 -41.45
C GLN B 546 -17.14 11.69 -40.19
N ILE B 547 -16.59 10.55 -39.73
CA ILE B 547 -17.14 9.90 -38.55
C ILE B 547 -17.10 10.86 -37.38
N ILE B 548 -15.98 11.56 -37.19
CA ILE B 548 -15.87 12.49 -36.09
C ILE B 548 -16.96 13.55 -36.20
N SER B 549 -17.14 14.10 -37.40
CA SER B 549 -18.19 15.11 -37.59
C SER B 549 -19.55 14.56 -37.20
N ILE B 550 -19.82 13.29 -37.53
CA ILE B 550 -21.12 12.73 -37.19
C ILE B 550 -21.24 12.56 -35.68
N LEU B 551 -20.15 12.17 -35.03
CA LEU B 551 -20.24 11.91 -33.59
C LEU B 551 -20.43 13.19 -32.80
N LEU B 552 -19.93 14.31 -33.31
CA LEU B 552 -20.07 15.61 -32.65
C LEU B 552 -21.33 16.34 -33.06
N ASN B 553 -22.15 15.75 -33.92
CA ASN B 553 -23.39 16.37 -34.35
C ASN B 553 -24.47 16.22 -33.27
N LYS B 554 -25.53 17.02 -33.41
CA LYS B 554 -26.68 16.89 -32.51
C LYS B 554 -27.44 15.60 -32.76
N SER B 555 -27.76 15.31 -34.03
CA SER B 555 -28.41 14.07 -34.42
C SER B 555 -27.32 13.11 -34.90
N ILE B 556 -27.04 12.09 -34.11
CA ILE B 556 -26.04 11.08 -34.48
C ILE B 556 -26.75 9.96 -35.23
N ASP B 557 -26.26 9.67 -36.45
CA ASP B 557 -26.74 8.58 -37.27
C ASP B 557 -25.76 7.43 -37.09
N LYS B 558 -26.09 6.53 -36.15
CA LYS B 558 -25.19 5.40 -35.90
C LYS B 558 -25.05 4.51 -37.13
N GLY B 559 -26.10 4.41 -37.95
CA GLY B 559 -26.01 3.57 -39.14
C GLY B 559 -25.01 4.09 -40.16
N LYS B 560 -25.01 5.41 -40.39
CA LYS B 560 -24.03 5.99 -41.31
C LYS B 560 -22.61 5.85 -40.76
N VAL B 561 -22.43 6.01 -39.45
CA VAL B 561 -21.14 5.75 -38.84
C VAL B 561 -20.71 4.31 -39.13
N GLU B 562 -21.65 3.37 -39.02
CA GLU B 562 -21.33 1.97 -39.28
C GLU B 562 -20.90 1.77 -40.72
N LYS B 563 -21.61 2.38 -41.68
CA LYS B 563 -21.25 2.22 -43.08
C LYS B 563 -19.88 2.79 -43.37
N LEU B 564 -19.58 3.97 -42.83
CA LEU B 564 -18.25 4.56 -43.00
C LEU B 564 -17.18 3.68 -42.36
N GLN B 565 -17.48 3.12 -41.18
CA GLN B 565 -16.52 2.26 -40.51
C GLN B 565 -16.22 1.02 -41.33
N ILE B 566 -17.25 0.40 -41.93
CA ILE B 566 -17.04 -0.77 -42.76
C ILE B 566 -16.18 -0.41 -43.98
N LYS B 567 -16.48 0.72 -44.60
CA LYS B 567 -15.68 1.18 -45.73
C LYS B 567 -14.22 1.34 -45.34
N MET B 568 -13.96 1.96 -44.18
CA MET B 568 -12.60 2.16 -43.72
C MET B 568 -11.92 0.83 -43.38
N ASP B 569 -12.67 -0.08 -42.77
CA ASP B 569 -12.14 -1.40 -42.43
C ASP B 569 -11.69 -2.13 -43.68
N ASN B 570 -12.50 -2.08 -44.74
CA ASN B 570 -12.11 -2.72 -46.00
C ASN B 570 -10.89 -2.03 -46.60
N LEU B 571 -10.81 -0.70 -46.51
CA LEU B 571 -9.62 0.00 -47.02
C LEU B 571 -8.36 -0.48 -46.30
N ILE B 572 -8.42 -0.62 -44.99
CA ILE B 572 -7.25 -1.06 -44.22
C ILE B 572 -6.92 -2.51 -44.55
N MET B 573 -7.94 -3.35 -44.67
CA MET B 573 -7.72 -4.74 -45.07
C MET B 573 -7.04 -4.82 -46.43
N ASP B 574 -7.45 -3.96 -47.36
CA ASP B 574 -6.80 -3.92 -48.67
C ASP B 574 -5.35 -3.47 -48.55
N SER B 575 -5.09 -2.45 -47.74
CA SER B 575 -3.73 -1.91 -47.62
C SER B 575 -2.77 -2.92 -47.00
N LEU B 576 -3.25 -3.70 -46.03
CA LEU B 576 -2.37 -4.65 -45.34
C LEU B 576 -2.32 -6.01 -46.03
N GLY B 577 -3.10 -6.22 -47.09
CA GLY B 577 -3.05 -7.47 -47.82
C GLY B 577 -3.62 -8.67 -47.10
N ILE B 578 -4.63 -8.46 -46.25
CA ILE B 578 -5.29 -9.56 -45.57
C ILE B 578 -6.72 -9.72 -46.08
N TYR C 31 -41.81 -3.22 32.68
CA TYR C 31 -41.48 -4.54 33.22
C TYR C 31 -41.07 -4.46 34.70
N TYR C 32 -41.97 -4.88 35.59
CA TYR C 32 -41.72 -4.82 37.02
C TYR C 32 -40.93 -6.05 37.45
N THR C 33 -39.69 -5.84 37.89
CA THR C 33 -38.85 -6.93 38.38
C THR C 33 -39.29 -7.33 39.78
N PRO C 34 -39.43 -8.62 40.08
CA PRO C 34 -39.90 -9.03 41.40
C PRO C 34 -38.97 -8.57 42.51
N LYS C 35 -39.56 -8.28 43.68
CA LYS C 35 -38.84 -7.60 44.75
C LYS C 35 -37.62 -8.38 45.21
N ILE C 36 -37.74 -9.70 45.32
CA ILE C 36 -36.61 -10.49 45.83
C ILE C 36 -35.44 -10.44 44.86
N ILE C 37 -35.70 -10.37 43.55
CA ILE C 37 -34.61 -10.27 42.58
C ILE C 37 -33.82 -8.98 42.78
N VAL C 38 -34.53 -7.84 42.86
CA VAL C 38 -33.85 -6.56 43.01
C VAL C 38 -33.13 -6.48 44.35
N ASP C 39 -33.75 -7.03 45.41
CA ASP C 39 -33.08 -7.10 46.70
C ASP C 39 -31.79 -7.90 46.60
N TYR C 40 -31.85 -9.06 45.94
CA TYR C 40 -30.67 -9.90 45.80
C TYR C 40 -29.58 -9.20 45.01
N ILE C 41 -29.95 -8.47 43.96
CA ILE C 41 -28.95 -7.77 43.14
C ILE C 41 -28.29 -6.63 43.93
N VAL C 42 -29.11 -5.83 44.62
CA VAL C 42 -28.56 -4.74 45.42
C VAL C 42 -27.67 -5.29 46.52
N LYS C 43 -28.05 -6.42 47.11
CA LYS C 43 -27.20 -7.04 48.13
C LYS C 43 -25.91 -7.55 47.51
N LYS C 44 -25.99 -8.17 46.33
CA LYS C 44 -24.81 -8.70 45.67
C LYS C 44 -23.82 -7.58 45.34
N THR C 45 -24.31 -6.37 45.13
CA THR C 45 -23.39 -5.28 44.79
C THR C 45 -22.93 -4.46 45.99
N LEU C 46 -23.76 -4.28 47.03
CA LEU C 46 -23.42 -3.36 48.11
C LEU C 46 -23.08 -4.04 49.42
N LYS C 47 -22.99 -5.37 49.46
CA LYS C 47 -22.86 -6.07 50.74
C LYS C 47 -21.57 -5.71 51.46
N ASN C 48 -20.47 -5.60 50.73
CA ASN C 48 -19.14 -5.46 51.31
C ASN C 48 -18.53 -4.08 51.07
N HIS C 49 -19.36 -3.04 50.97
CA HIS C 49 -18.84 -1.69 50.76
C HIS C 49 -18.42 -1.07 52.08
N ASP C 50 -17.21 -0.50 52.11
CA ASP C 50 -16.70 0.17 53.30
C ASP C 50 -17.10 1.64 53.22
N ILE C 51 -18.13 2.01 53.98
CA ILE C 51 -18.63 3.38 53.92
C ILE C 51 -17.67 4.34 54.62
N ILE C 52 -16.87 3.84 55.57
CA ILE C 52 -15.90 4.70 56.24
C ILE C 52 -14.75 5.06 55.30
N LYS C 53 -14.26 4.08 54.53
CA LYS C 53 -13.14 4.34 53.63
C LYS C 53 -13.56 5.18 52.44
N ASN C 54 -14.70 4.85 51.82
CA ASN C 54 -15.24 5.63 50.70
C ASN C 54 -16.69 5.97 51.00
N PRO C 55 -16.93 7.12 51.63
CA PRO C 55 -18.31 7.55 51.90
C PRO C 55 -19.01 8.19 50.72
N TYR C 56 -18.44 8.15 49.52
CA TYR C 56 -19.05 8.75 48.32
C TYR C 56 -19.07 7.72 47.19
N PRO C 57 -19.91 6.68 47.31
CA PRO C 57 -20.00 5.68 46.24
C PRO C 57 -21.04 6.05 45.20
N ARG C 58 -20.70 5.82 43.94
CA ARG C 58 -21.58 6.15 42.82
C ARG C 58 -22.21 4.86 42.30
N ILE C 59 -23.52 4.71 42.55
CA ILE C 59 -24.29 3.54 42.12
C ILE C 59 -25.22 3.98 41.00
N LEU C 60 -25.26 3.20 39.92
CA LEU C 60 -25.93 3.59 38.69
C LEU C 60 -26.89 2.52 38.20
N ASP C 61 -28.03 2.98 37.68
CA ASP C 61 -28.98 2.14 36.94
C ASP C 61 -29.32 2.82 35.63
N ILE C 62 -28.89 2.23 34.51
CA ILE C 62 -29.04 2.87 33.20
C ILE C 62 -30.35 2.50 32.50
N SER C 63 -31.21 1.71 33.14
CA SER C 63 -32.54 1.42 32.62
C SER C 63 -33.54 1.43 33.77
N CYS C 64 -33.43 2.46 34.63
CA CYS C 64 -34.08 2.45 35.93
C CYS C 64 -35.60 2.33 35.85
N GLY C 65 -36.21 2.92 34.83
CA GLY C 65 -37.67 2.92 34.75
C GLY C 65 -38.27 3.73 35.88
N CYS C 66 -39.32 3.17 36.51
CA CYS C 66 -39.93 3.83 37.66
C CYS C 66 -39.03 3.82 38.89
N GLY C 67 -37.95 3.04 38.88
CA GLY C 67 -37.00 3.03 39.98
C GLY C 67 -37.13 1.83 40.88
N ASN C 68 -37.31 0.64 40.31
CA ASN C 68 -37.41 -0.56 41.12
C ASN C 68 -36.11 -0.82 41.89
N PHE C 69 -34.97 -0.65 41.23
CA PHE C 69 -33.68 -0.93 41.86
C PHE C 69 -33.18 0.25 42.70
N LEU C 70 -33.31 1.47 42.16
CA LEU C 70 -32.69 2.63 42.81
C LEU C 70 -33.33 2.94 44.15
N LEU C 71 -34.64 2.72 44.31
CA LEU C 71 -35.28 2.97 45.59
C LEU C 71 -34.74 2.05 46.68
N GLU C 72 -34.58 0.76 46.36
CA GLU C 72 -33.96 -0.16 47.31
C GLU C 72 -32.51 0.22 47.58
N VAL C 73 -31.80 0.71 46.56
CA VAL C 73 -30.45 1.23 46.78
C VAL C 73 -30.48 2.36 47.80
N TYR C 74 -31.46 3.25 47.68
CA TYR C 74 -31.59 4.36 48.62
C TYR C 74 -31.81 3.84 50.03
N ASP C 75 -32.70 2.86 50.19
CA ASP C 75 -32.97 2.31 51.52
C ASP C 75 -31.70 1.71 52.15
N ILE C 76 -30.98 0.90 51.36
CA ILE C 76 -29.80 0.22 51.89
C ILE C 76 -28.72 1.23 52.27
N LEU C 77 -28.50 2.23 51.41
CA LEU C 77 -27.50 3.25 51.71
C LEU C 77 -27.88 4.07 52.95
N TYR C 78 -29.17 4.40 53.09
CA TYR C 78 -29.61 5.12 54.27
C TYR C 78 -29.28 4.33 55.53
N ASP C 79 -29.57 3.03 55.51
CA ASP C 79 -29.27 2.21 56.69
C ASP C 79 -27.77 2.18 56.97
N LEU C 80 -26.95 2.08 55.92
CA LEU C 80 -25.50 2.04 56.13
C LEU C 80 -24.99 3.32 56.77
N PHE C 81 -25.43 4.48 56.24
CA PHE C 81 -25.01 5.76 56.80
C PHE C 81 -25.48 5.93 58.23
N GLU C 82 -26.73 5.54 58.53
CA GLU C 82 -27.20 5.63 59.91
C GLU C 82 -26.35 4.77 60.84
N GLU C 83 -25.97 3.58 60.37
CA GLU C 83 -25.17 2.69 61.21
C GLU C 83 -23.76 3.21 61.43
N ASN C 84 -23.20 3.99 60.49
CA ASN C 84 -21.82 4.44 60.64
C ASN C 84 -21.67 5.96 60.82
N ILE C 85 -22.75 6.66 61.19
CA ILE C 85 -22.70 8.12 61.27
C ILE C 85 -21.68 8.61 62.30
N TYR C 86 -21.56 7.93 63.45
CA TYR C 86 -20.66 8.41 64.48
C TYR C 86 -19.19 8.29 64.06
N GLU C 87 -18.83 7.15 63.45
CA GLU C 87 -17.47 7.00 62.94
C GLU C 87 -17.20 7.98 61.81
N LEU C 88 -18.21 8.25 60.97
CA LEU C 88 -18.04 9.24 59.92
C LEU C 88 -17.78 10.63 60.50
N LYS C 89 -18.48 10.98 61.57
CA LYS C 89 -18.26 12.26 62.24
C LYS C 89 -16.88 12.32 62.89
N LYS C 90 -16.38 11.19 63.39
CA LYS C 90 -15.05 11.18 64.00
C LYS C 90 -13.94 11.25 62.96
N LYS C 91 -14.13 10.63 61.79
CA LYS C 91 -13.08 10.53 60.78
C LYS C 91 -13.07 11.71 59.80
N TYR C 92 -14.21 12.34 59.57
CA TYR C 92 -14.35 13.43 58.61
C TYR C 92 -14.91 14.65 59.33
N ASP C 93 -15.31 15.65 58.55
CA ASP C 93 -15.94 16.85 59.11
C ASP C 93 -17.15 16.46 59.97
N GLU C 94 -17.04 16.72 61.27
CA GLU C 94 -18.10 16.30 62.19
C GLU C 94 -19.42 17.00 61.91
N ASN C 95 -19.36 18.24 61.44
CA ASN C 95 -20.58 19.00 61.17
C ASN C 95 -21.28 18.55 59.89
N TYR C 96 -20.52 18.12 58.88
CA TYR C 96 -21.14 17.71 57.61
C TYR C 96 -21.85 16.37 57.76
N TRP C 97 -21.23 15.42 58.46
CA TRP C 97 -21.81 14.08 58.62
C TRP C 97 -22.80 14.13 59.77
N THR C 98 -24.05 14.46 59.44
CA THR C 98 -25.15 14.44 60.39
C THR C 98 -26.33 13.70 59.76
N VAL C 99 -27.21 13.17 60.62
CA VAL C 99 -28.35 12.42 60.11
C VAL C 99 -29.24 13.31 59.26
N ASP C 100 -29.45 14.56 59.69
CA ASP C 100 -30.32 15.49 58.97
C ASP C 100 -29.85 15.75 57.54
N ASN C 101 -28.56 15.53 57.26
CA ASN C 101 -28.02 15.74 55.93
C ASN C 101 -27.85 14.45 55.13
N ILE C 102 -28.28 13.30 55.67
CA ILE C 102 -28.05 12.03 54.99
C ILE C 102 -28.82 11.99 53.68
N HIS C 103 -30.13 12.27 53.75
CA HIS C 103 -31.00 12.26 52.57
C HIS C 103 -30.37 13.06 51.43
N ARG C 104 -30.14 14.36 51.67
CA ARG C 104 -29.55 15.21 50.65
C ARG C 104 -28.28 14.59 50.10
N HIS C 105 -27.40 14.12 51.00
CA HIS C 105 -26.13 13.54 50.55
C HIS C 105 -26.38 12.43 49.55
N ILE C 106 -27.27 11.50 49.88
CA ILE C 106 -27.52 10.37 48.98
C ILE C 106 -27.96 10.86 47.61
N LEU C 107 -28.82 11.87 47.59
CA LEU C 107 -29.30 12.35 46.30
C LEU C 107 -28.26 13.17 45.54
N ASN C 108 -27.28 13.74 46.23
CA ASN C 108 -26.36 14.66 45.56
C ASN C 108 -25.13 13.97 45.02
N TYR C 109 -24.69 12.86 45.63
CA TYR C 109 -23.41 12.25 45.30
C TYR C 109 -23.46 10.76 44.99
N CYS C 110 -24.52 10.04 45.33
CA CYS C 110 -24.46 8.59 45.35
C CYS C 110 -25.32 7.89 44.29
N ILE C 111 -26.53 8.37 44.01
CA ILE C 111 -27.47 7.67 43.14
C ILE C 111 -27.46 8.31 41.76
N TYR C 112 -27.36 7.48 40.72
CA TYR C 112 -27.41 7.90 39.33
C TYR C 112 -28.35 6.98 38.56
N GLY C 113 -29.23 7.56 37.76
CA GLY C 113 -30.18 6.79 36.98
C GLY C 113 -30.41 7.40 35.61
N ALA C 114 -30.73 6.54 34.66
CA ALA C 114 -30.99 6.98 33.29
C ALA C 114 -32.07 6.13 32.66
N ASP C 115 -32.95 6.77 31.88
CA ASP C 115 -33.97 6.04 31.14
C ASP C 115 -34.51 6.90 30.01
N ILE C 116 -35.03 6.24 28.98
CA ILE C 116 -35.54 6.94 27.80
C ILE C 116 -36.88 7.61 28.10
N ASP C 117 -37.72 6.96 28.90
CA ASP C 117 -39.09 7.44 29.12
C ASP C 117 -39.08 8.63 30.07
N GLU C 118 -39.60 9.77 29.60
CA GLU C 118 -39.65 10.97 30.44
C GLU C 118 -40.61 10.80 31.61
N LYS C 119 -41.76 10.15 31.37
CA LYS C 119 -42.73 9.96 32.45
C LYS C 119 -42.17 9.09 33.57
N ALA C 120 -41.44 8.03 33.22
CA ALA C 120 -40.84 7.17 34.23
C ALA C 120 -39.81 7.93 35.06
N ILE C 121 -38.99 8.75 34.41
CA ILE C 121 -38.00 9.54 35.14
C ILE C 121 -38.69 10.55 36.07
N SER C 122 -39.77 11.16 35.60
CA SER C 122 -40.51 12.09 36.45
C SER C 122 -41.11 11.38 37.67
N ILE C 123 -41.67 10.18 37.46
CA ILE C 123 -42.22 9.41 38.57
C ILE C 123 -41.12 9.06 39.57
N LEU C 124 -39.94 8.66 39.06
CA LEU C 124 -38.84 8.32 39.95
C LEU C 124 -38.37 9.54 40.74
N LYS C 125 -38.29 10.70 40.10
CA LYS C 125 -37.90 11.92 40.82
C LYS C 125 -38.91 12.28 41.89
N ASP C 126 -40.20 12.15 41.59
CA ASP C 126 -41.23 12.44 42.58
C ASP C 126 -41.15 11.46 43.76
N SER C 127 -40.91 10.17 43.46
CA SER C 127 -40.80 9.19 44.53
C SER C 127 -39.56 9.43 45.39
N LEU C 128 -38.44 9.81 44.76
CA LEU C 128 -37.21 10.07 45.49
C LEU C 128 -37.30 11.32 46.34
N THR C 129 -38.04 12.34 45.88
CA THR C 129 -38.23 13.52 46.70
C THR C 129 -39.04 13.21 47.95
N ASN C 130 -39.95 12.24 47.88
CA ASN C 130 -40.87 11.90 48.96
C ASN C 130 -40.30 10.89 49.95
N LYS C 131 -39.08 10.41 49.73
CA LYS C 131 -38.47 9.44 50.64
C LYS C 131 -37.68 10.15 51.74
N ILE C 142 -31.81 20.02 46.47
CA ILE C 142 -30.94 18.92 46.12
C ILE C 142 -31.14 18.53 44.66
N LYS C 143 -30.03 18.41 43.92
CA LYS C 143 -30.07 18.02 42.52
C LYS C 143 -29.98 16.50 42.44
N ILE C 144 -31.02 15.88 41.87
CA ILE C 144 -31.06 14.44 41.67
C ILE C 144 -30.44 14.12 40.32
N ASN C 145 -29.51 13.17 40.31
CA ASN C 145 -28.72 12.88 39.11
C ASN C 145 -29.46 11.86 38.23
N LEU C 146 -30.58 12.31 37.69
CA LEU C 146 -31.37 11.53 36.74
C LEU C 146 -31.26 12.18 35.37
N PHE C 147 -31.01 11.36 34.35
CA PHE C 147 -30.88 11.83 32.98
C PHE C 147 -31.86 11.09 32.10
N CYS C 148 -32.59 11.83 31.27
CA CYS C 148 -33.54 11.25 30.30
C CYS C 148 -32.87 11.33 28.93
N CYS C 149 -32.34 10.20 28.47
CA CYS C 149 -31.62 10.14 27.21
C CYS C 149 -31.46 8.68 26.82
N ASP C 150 -30.76 8.45 25.71
CA ASP C 150 -30.40 7.11 25.28
C ASP C 150 -29.13 6.70 26.00
N SER C 151 -29.23 5.70 26.87
CA SER C 151 -28.10 5.31 27.70
C SER C 151 -26.92 4.84 26.87
N LEU C 152 -27.17 4.22 25.73
CA LEU C 152 -26.07 3.78 24.86
C LEU C 152 -25.42 4.94 24.13
N LYS C 153 -26.04 6.12 24.08
CA LYS C 153 -25.47 7.28 23.42
C LYS C 153 -24.96 8.34 24.37
N LYS C 154 -25.30 8.27 25.66
CA LYS C 154 -24.88 9.28 26.60
C LYS C 154 -23.40 9.14 26.93
N LYS C 155 -22.65 10.23 26.82
CA LYS C 155 -21.24 10.25 27.14
C LYS C 155 -21.06 10.49 28.63
N TRP C 156 -20.44 9.53 29.32
CA TRP C 156 -20.23 9.61 30.76
C TRP C 156 -18.83 10.16 31.03
N ARG C 157 -18.77 11.26 31.79
CA ARG C 157 -17.50 11.90 32.10
C ARG C 157 -16.76 11.25 33.27
N TYR C 158 -17.41 10.32 33.98
CA TYR C 158 -16.80 9.68 35.13
C TYR C 158 -17.28 8.24 35.24
N LYS C 159 -16.48 7.41 35.88
CA LYS C 159 -16.80 6.01 36.05
C LYS C 159 -17.75 5.81 37.24
N PHE C 160 -18.08 4.56 37.54
CA PHE C 160 -19.04 4.24 38.59
C PHE C 160 -18.55 3.08 39.43
N ASP C 161 -18.82 3.14 40.74
CA ASP C 161 -18.43 2.09 41.66
C ASP C 161 -19.33 0.86 41.55
N TYR C 162 -20.63 1.06 41.36
CA TYR C 162 -21.57 -0.05 41.36
C TYR C 162 -22.63 0.19 40.30
N ILE C 163 -22.99 -0.87 39.58
CA ILE C 163 -24.01 -0.78 38.53
C ILE C 163 -25.00 -1.93 38.72
N VAL C 164 -26.29 -1.62 38.65
CA VAL C 164 -27.32 -2.64 38.82
C VAL C 164 -28.39 -2.50 37.76
N GLY C 165 -29.10 -3.59 37.50
CA GLY C 165 -30.42 -3.39 36.93
C GLY C 165 -30.86 -4.45 35.93
N ASN C 166 -31.87 -4.04 35.15
CA ASN C 166 -32.60 -4.93 34.26
C ASN C 166 -32.81 -4.21 32.92
N PRO C 167 -31.91 -4.42 31.96
CA PRO C 167 -31.96 -3.64 30.71
C PRO C 167 -33.11 -4.11 29.83
N PRO C 168 -33.41 -3.38 28.74
CA PRO C 168 -34.44 -3.84 27.81
C PRO C 168 -33.95 -4.98 26.93
N TYR C 169 -34.87 -5.88 26.58
CA TYR C 169 -34.60 -7.00 25.69
C TYR C 169 -35.37 -6.76 24.40
N ILE C 170 -34.66 -6.53 23.30
CA ILE C 170 -35.28 -6.30 22.00
C ILE C 170 -34.47 -7.05 20.94
N GLY C 171 -35.06 -8.06 20.33
CA GLY C 171 -34.39 -8.89 19.36
C GLY C 171 -34.35 -8.26 17.98
N HIS C 172 -33.86 -9.04 17.02
CA HIS C 172 -33.61 -8.50 15.69
C HIS C 172 -34.89 -8.10 14.98
N LYS C 173 -36.02 -8.76 15.27
CA LYS C 173 -37.26 -8.44 14.57
C LYS C 173 -37.85 -7.12 15.06
N LYS C 174 -37.84 -6.88 16.37
CA LYS C 174 -38.58 -5.77 16.96
C LYS C 174 -37.75 -4.50 17.11
N LEU C 175 -36.51 -4.48 16.60
CA LEU C 175 -35.65 -3.30 16.63
C LEU C 175 -35.76 -2.52 15.32
N GLU C 176 -35.76 -1.20 15.42
CA GLU C 176 -35.81 -0.36 14.23
C GLU C 176 -34.49 -0.45 13.46
N LYS C 177 -34.60 -0.42 12.13
CA LYS C 177 -33.42 -0.65 11.29
C LYS C 177 -32.36 0.43 11.45
N LYS C 178 -32.76 1.70 11.53
CA LYS C 178 -31.78 2.79 11.63
C LYS C 178 -30.99 2.69 12.94
N TYR C 179 -31.68 2.43 14.04
CA TYR C 179 -30.99 2.23 15.30
C TYR C 179 -30.05 1.04 15.23
N LYS C 180 -30.44 0.01 14.49
CA LYS C 180 -29.53 -1.12 14.29
C LYS C 180 -28.30 -0.71 13.49
N LYS C 181 -28.43 0.21 12.54
CA LYS C 181 -27.23 0.71 11.85
C LYS C 181 -26.29 1.37 12.84
N PHE C 182 -26.84 2.19 13.74
CA PHE C 182 -26.00 2.81 14.77
C PHE C 182 -25.31 1.75 15.63
N LEU C 183 -26.08 0.74 16.06
CA LEU C 183 -25.51 -0.31 16.92
C LEU C 183 -24.42 -1.08 16.19
N LEU C 184 -24.64 -1.42 14.92
CA LEU C 184 -23.67 -2.16 14.15
C LEU C 184 -22.40 -1.35 13.93
N GLU C 185 -22.51 -0.02 13.93
CA GLU C 185 -21.30 0.78 13.77
C GLU C 185 -20.52 0.89 15.08
N LYS C 186 -21.18 1.26 16.18
CA LYS C 186 -20.46 1.62 17.40
C LYS C 186 -20.41 0.51 18.46
N TYR C 187 -21.20 -0.55 18.32
CA TYR C 187 -21.21 -1.64 19.29
C TYR C 187 -20.85 -2.97 18.63
N SER C 188 -20.01 -2.92 17.60
CA SER C 188 -19.73 -4.11 16.80
C SER C 188 -19.03 -5.21 17.61
N GLU C 189 -18.37 -4.87 18.71
CA GLU C 189 -17.66 -5.89 19.49
C GLU C 189 -18.62 -6.94 20.04
N VAL C 190 -19.88 -6.59 20.25
CA VAL C 190 -20.86 -7.54 20.76
C VAL C 190 -22.10 -7.67 19.89
N TYR C 191 -22.42 -6.71 19.03
CA TYR C 191 -23.68 -6.70 18.29
C TYR C 191 -23.41 -7.00 16.82
N LYS C 192 -23.85 -8.17 16.37
CA LYS C 192 -23.82 -8.54 14.96
C LYS C 192 -25.01 -9.44 14.69
N ASP C 193 -25.45 -9.46 13.43
CA ASP C 193 -26.48 -10.38 12.93
C ASP C 193 -27.73 -10.39 13.82
N LYS C 194 -28.08 -11.55 14.36
CA LYS C 194 -29.34 -11.73 15.07
C LYS C 194 -29.23 -11.43 16.57
N ALA C 195 -28.30 -10.57 16.96
CA ALA C 195 -28.07 -10.26 18.36
C ALA C 195 -29.21 -9.41 18.94
N ASP C 196 -29.16 -9.24 20.27
CA ASP C 196 -30.17 -8.53 21.03
C ASP C 196 -29.55 -7.27 21.65
N LEU C 197 -30.42 -6.33 22.02
CA LEU C 197 -29.98 -5.04 22.55
C LEU C 197 -29.28 -5.17 23.90
N TYR C 198 -29.70 -6.14 24.73
CA TYR C 198 -29.07 -6.27 26.03
C TYR C 198 -27.61 -6.68 25.92
N PHE C 199 -27.18 -7.19 24.77
CA PHE C 199 -25.75 -7.37 24.52
C PHE C 199 -25.02 -6.03 24.62
N CYS C 200 -25.54 -5.04 23.91
CA CYS C 200 -24.95 -3.70 23.95
C CYS C 200 -25.05 -3.09 25.32
N PHE C 201 -26.13 -3.38 26.06
CA PHE C 201 -26.20 -2.88 27.43
C PHE C 201 -25.13 -3.51 28.32
N TYR C 202 -24.86 -4.80 28.14
CA TYR C 202 -23.74 -5.43 28.85
C TYR C 202 -22.44 -4.73 28.55
N LYS C 203 -22.18 -4.44 27.26
CA LYS C 203 -20.92 -3.79 26.91
C LYS C 203 -20.82 -2.40 27.51
N LYS C 204 -21.93 -1.63 27.47
CA LYS C 204 -21.91 -0.29 28.04
C LYS C 204 -21.68 -0.33 29.54
N ILE C 205 -22.32 -1.28 30.23
CA ILE C 205 -22.12 -1.42 31.67
C ILE C 205 -20.67 -1.74 31.99
N ILE C 206 -20.07 -2.67 31.23
CA ILE C 206 -18.69 -3.04 31.49
C ILE C 206 -17.76 -1.85 31.28
N ASP C 207 -17.99 -1.08 30.22
CA ASP C 207 -17.06 0.00 29.88
C ASP C 207 -17.02 1.09 30.96
N ILE C 208 -18.18 1.47 31.49
CA ILE C 208 -18.27 2.61 32.39
C ILE C 208 -18.17 2.18 33.85
N LEU C 209 -17.67 0.99 34.13
CA LEU C 209 -17.45 0.53 35.49
C LEU C 209 -16.05 0.90 35.95
N LYS C 210 -15.96 1.56 37.10
CA LYS C 210 -14.66 1.94 37.65
C LYS C 210 -13.88 0.69 38.06
N GLN C 211 -12.56 0.83 38.13
CA GLN C 211 -11.71 -0.29 38.53
C GLN C 211 -11.98 -0.65 39.98
N GLY C 212 -12.21 -1.94 40.24
CA GLY C 212 -12.67 -2.40 41.54
C GLY C 212 -14.17 -2.38 41.72
N GLY C 213 -14.93 -1.96 40.70
CA GLY C 213 -16.36 -1.84 40.83
C GLY C 213 -17.09 -3.17 40.68
N ILE C 214 -18.38 -3.14 41.01
CA ILE C 214 -19.23 -4.33 41.01
C ILE C 214 -20.44 -4.07 40.12
N GLY C 215 -20.76 -5.03 39.28
CA GLY C 215 -21.95 -4.94 38.43
C GLY C 215 -22.83 -6.15 38.58
N SER C 216 -24.14 -5.92 38.59
CA SER C 216 -25.10 -7.00 38.76
C SER C 216 -26.36 -6.71 37.98
N VAL C 217 -26.70 -7.61 37.05
CA VAL C 217 -27.86 -7.40 36.19
C VAL C 217 -28.68 -8.68 36.11
N ILE C 218 -29.96 -8.51 35.77
CA ILE C 218 -30.81 -9.63 35.38
C ILE C 218 -31.13 -9.46 33.90
N THR C 219 -30.78 -10.48 33.11
CA THR C 219 -30.93 -10.43 31.66
C THR C 219 -31.52 -11.75 31.17
N PRO C 220 -31.82 -11.90 29.88
CA PRO C 220 -32.19 -13.24 29.39
C PRO C 220 -31.00 -14.18 29.49
N ARG C 221 -31.30 -15.47 29.63
CA ARG C 221 -30.27 -16.48 29.78
C ARG C 221 -29.71 -16.97 28.44
N TYR C 222 -30.30 -16.55 27.31
CA TYR C 222 -30.00 -17.18 26.03
C TYR C 222 -28.57 -16.91 25.57
N PHE C 223 -27.99 -15.77 25.97
CA PHE C 223 -26.63 -15.45 25.52
C PHE C 223 -25.59 -16.42 26.06
N LEU C 224 -25.92 -17.18 27.12
CA LEU C 224 -24.98 -18.15 27.67
C LEU C 224 -24.70 -19.30 26.71
N GLU C 225 -25.66 -19.65 25.85
CA GLU C 225 -25.50 -20.77 24.94
C GLU C 225 -25.63 -20.40 23.46
N SER C 226 -26.27 -19.27 23.14
CA SER C 226 -26.66 -18.99 21.77
C SER C 226 -25.45 -18.63 20.90
N LEU C 227 -25.61 -18.88 19.60
CA LEU C 227 -24.57 -18.55 18.64
C LEU C 227 -24.36 -17.03 18.55
N SER C 228 -25.43 -16.26 18.66
CA SER C 228 -25.31 -14.81 18.59
C SER C 228 -24.52 -14.23 19.75
N GLY C 229 -24.45 -14.92 20.87
CA GLY C 229 -23.76 -14.43 22.06
C GLY C 229 -22.29 -14.75 22.16
N LYS C 230 -21.67 -15.33 21.14
CA LYS C 230 -20.28 -15.74 21.25
C LYS C 230 -19.37 -14.53 21.52
N ASP C 231 -19.57 -13.46 20.75
CA ASP C 231 -18.75 -12.26 20.96
C ASP C 231 -19.04 -11.62 22.31
N LEU C 232 -20.30 -11.64 22.75
CA LEU C 232 -20.61 -11.12 24.08
C LEU C 232 -19.93 -11.93 25.17
N ARG C 233 -19.95 -13.26 25.05
CA ARG C 233 -19.28 -14.11 26.03
C ARG C 233 -17.78 -13.83 26.06
N GLU C 234 -17.16 -13.68 24.87
CA GLU C 234 -15.74 -13.35 24.84
C GLU C 234 -15.46 -12.01 25.50
N TYR C 235 -16.28 -10.99 25.21
CA TYR C 235 -16.06 -9.67 25.80
C TYR C 235 -16.17 -9.73 27.32
N ILE C 236 -17.21 -10.40 27.82
CA ILE C 236 -17.38 -10.54 29.26
C ILE C 236 -16.20 -11.28 29.87
N LYS C 237 -15.80 -12.39 29.26
CA LYS C 237 -14.71 -13.20 29.81
C LYS C 237 -13.41 -12.42 29.85
N SER C 238 -13.17 -11.58 28.85
CA SER C 238 -11.90 -10.88 28.75
C SER C 238 -11.87 -9.53 29.46
N ASN C 239 -13.01 -9.02 29.95
CA ASN C 239 -12.96 -7.69 30.57
C ASN C 239 -13.37 -7.64 32.04
N VAL C 240 -14.10 -8.63 32.57
CA VAL C 240 -14.48 -8.64 33.97
C VAL C 240 -14.26 -10.03 34.55
N ASN C 241 -14.18 -10.08 35.88
CA ASN C 241 -14.21 -11.35 36.61
C ASN C 241 -15.66 -11.66 36.95
N VAL C 242 -16.14 -12.82 36.52
CA VAL C 242 -17.49 -13.26 36.81
C VAL C 242 -17.48 -13.96 38.17
N GLN C 243 -18.19 -13.39 39.15
CA GLN C 243 -18.25 -14.00 40.46
C GLN C 243 -19.28 -15.12 40.50
N GLU C 244 -20.47 -14.87 39.94
CA GLU C 244 -21.59 -15.74 40.15
C GLU C 244 -22.55 -15.66 38.98
N ILE C 245 -23.17 -16.80 38.66
CA ILE C 245 -24.22 -16.89 37.66
C ILE C 245 -25.39 -17.65 38.28
N VAL C 246 -26.58 -17.07 38.21
CA VAL C 246 -27.80 -17.68 38.71
C VAL C 246 -28.69 -17.97 37.51
N ASP C 247 -28.68 -19.22 37.06
CA ASP C 247 -29.44 -19.66 35.90
C ASP C 247 -30.76 -20.27 36.36
N PHE C 248 -31.86 -19.65 35.93
CA PHE C 248 -33.21 -20.11 36.25
C PHE C 248 -33.76 -21.06 35.20
N LEU C 249 -33.00 -21.34 34.13
CA LEU C 249 -33.41 -22.25 33.07
C LEU C 249 -34.78 -21.80 32.55
N GLY C 250 -35.75 -22.71 32.37
CA GLY C 250 -37.03 -22.36 31.81
C GLY C 250 -38.05 -21.81 32.78
N ALA C 251 -37.65 -21.50 34.02
CA ALA C 251 -38.59 -20.99 35.00
C ALA C 251 -39.10 -19.61 34.60
N ASN C 252 -40.30 -19.28 35.09
CA ASN C 252 -41.00 -18.04 34.71
C ASN C 252 -40.81 -17.01 35.82
N ILE C 253 -39.74 -16.22 35.70
CA ILE C 253 -39.47 -15.19 36.70
C ILE C 253 -40.44 -14.02 36.56
N PHE C 254 -40.74 -13.62 35.32
CA PHE C 254 -41.60 -12.48 35.05
C PHE C 254 -43.00 -12.97 34.67
N LYS C 255 -43.99 -12.55 35.46
CA LYS C 255 -45.36 -13.02 35.26
C LYS C 255 -45.90 -12.55 33.92
N ASN C 256 -46.54 -13.47 33.20
CA ASN C 256 -47.15 -13.24 31.88
C ASN C 256 -46.13 -12.77 30.84
N ILE C 257 -44.85 -13.05 31.06
CA ILE C 257 -43.80 -12.72 30.10
C ILE C 257 -43.13 -14.01 29.68
N GLY C 258 -42.99 -14.21 28.37
CA GLY C 258 -42.35 -15.39 27.84
C GLY C 258 -40.85 -15.24 27.65
N VAL C 259 -40.11 -15.14 28.75
CA VAL C 259 -38.65 -15.03 28.71
C VAL C 259 -38.07 -15.82 29.87
N SER C 260 -36.89 -16.40 29.64
CA SER C 260 -36.15 -17.13 30.64
C SER C 260 -34.94 -16.31 31.06
N SER C 261 -34.79 -16.12 32.37
CA SER C 261 -33.90 -15.11 32.92
C SER C 261 -32.65 -15.73 33.55
N CYS C 262 -31.70 -14.84 33.86
CA CYS C 262 -30.52 -15.20 34.64
C CYS C 262 -29.98 -13.93 35.27
N ILE C 263 -29.16 -14.11 36.31
CA ILE C 263 -28.56 -13.02 37.05
C ILE C 263 -27.05 -13.15 36.94
N LEU C 264 -26.39 -12.08 36.48
CA LEU C 264 -24.95 -12.05 36.31
C LEU C 264 -24.34 -11.04 37.26
N THR C 265 -23.29 -11.47 37.98
CA THR C 265 -22.56 -10.63 38.92
C THR C 265 -21.08 -10.68 38.58
N PHE C 266 -20.46 -9.51 38.42
CA PHE C 266 -19.08 -9.42 37.96
C PHE C 266 -18.40 -8.24 38.63
N ASP C 267 -17.07 -8.23 38.51
CA ASP C 267 -16.24 -7.20 39.13
C ASP C 267 -15.06 -6.90 38.22
N LYS C 268 -14.38 -5.79 38.52
CA LYS C 268 -13.11 -5.44 37.92
C LYS C 268 -12.00 -5.38 38.97
N LYS C 269 -12.02 -6.35 39.89
CA LYS C 269 -11.04 -6.41 40.97
C LYS C 269 -9.82 -7.22 40.56
N LYS C 270 -8.77 -7.13 41.38
CA LYS C 270 -7.55 -7.91 41.13
C LYS C 270 -7.86 -9.39 41.20
N THR C 271 -7.75 -10.08 40.07
CA THR C 271 -8.08 -11.50 39.99
C THR C 271 -7.21 -12.32 40.93
N LYS C 272 -7.84 -13.00 41.88
CA LYS C 272 -7.15 -13.85 42.84
C LYS C 272 -7.13 -15.32 42.41
N GLU C 273 -8.29 -15.96 42.36
CA GLU C 273 -8.41 -17.34 41.87
C GLU C 273 -9.79 -17.45 41.24
N THR C 274 -9.84 -17.32 39.91
CA THR C 274 -11.12 -17.05 39.26
C THR C 274 -12.00 -18.28 39.20
N TYR C 275 -12.81 -18.46 40.25
CA TYR C 275 -13.78 -19.53 40.31
C TYR C 275 -15.17 -18.92 40.37
N ILE C 276 -16.00 -19.25 39.40
CA ILE C 276 -17.35 -18.73 39.26
C ILE C 276 -18.30 -19.68 39.98
N ASP C 277 -19.16 -19.13 40.84
CA ASP C 277 -20.20 -19.88 41.51
C ASP C 277 -21.44 -19.92 40.62
N VAL C 278 -21.81 -21.11 40.15
CA VAL C 278 -22.94 -21.29 39.24
C VAL C 278 -24.05 -22.00 40.00
N PHE C 279 -25.23 -21.38 40.01
CA PHE C 279 -26.45 -21.93 40.60
C PHE C 279 -27.44 -22.22 39.47
N LYS C 280 -27.67 -23.50 39.18
CA LYS C 280 -28.65 -23.91 38.18
C LYS C 280 -29.90 -24.42 38.88
N ILE C 281 -31.06 -23.87 38.50
CA ILE C 281 -32.30 -24.36 39.10
C ILE C 281 -32.54 -25.81 38.70
N LYS C 282 -33.08 -26.60 39.62
CA LYS C 282 -33.35 -28.01 39.35
C LYS C 282 -34.81 -28.30 39.07
N ASN C 283 -35.73 -27.46 39.55
CA ASN C 283 -37.16 -27.62 39.31
C ASN C 283 -37.68 -26.34 38.66
N GLU C 284 -37.99 -26.41 37.36
CA GLU C 284 -38.48 -25.25 36.65
C GLU C 284 -39.87 -24.83 37.08
N ASP C 285 -40.61 -25.70 37.79
CA ASP C 285 -42.00 -25.44 38.09
C ASP C 285 -42.21 -24.50 39.27
N ILE C 286 -41.15 -24.09 39.97
CA ILE C 286 -41.32 -23.33 41.19
C ILE C 286 -41.90 -21.94 40.88
N CYS C 287 -42.72 -21.45 41.80
CA CYS C 287 -43.26 -20.09 41.72
C CYS C 287 -42.44 -19.19 42.63
N ILE C 288 -41.89 -18.12 42.06
CA ILE C 288 -40.88 -17.33 42.76
C ILE C 288 -41.44 -16.48 43.89
N ASN C 289 -42.72 -16.12 43.84
CA ASN C 289 -43.31 -15.27 44.87
C ASN C 289 -43.61 -16.01 46.17
N LYS C 290 -43.33 -17.32 46.22
CA LYS C 290 -43.59 -18.10 47.42
C LYS C 290 -42.47 -18.01 48.45
N PHE C 291 -41.36 -17.33 48.14
CA PHE C 291 -40.17 -17.33 48.97
C PHE C 291 -39.86 -15.92 49.48
N GLU C 292 -39.41 -15.84 50.74
CA GLU C 292 -39.12 -14.54 51.33
C GLU C 292 -37.86 -13.93 50.75
N THR C 293 -36.85 -14.76 50.46
CA THR C 293 -35.57 -14.29 49.93
C THR C 293 -35.08 -15.25 48.86
N LEU C 294 -34.25 -14.74 47.94
CA LEU C 294 -33.65 -15.59 46.93
C LEU C 294 -32.59 -16.52 47.52
N GLU C 295 -31.88 -16.06 48.55
CA GLU C 295 -30.88 -16.90 49.20
C GLU C 295 -31.51 -18.14 49.81
N GLU C 296 -32.75 -18.03 50.28
CA GLU C 296 -33.49 -19.20 50.75
C GLU C 296 -33.59 -20.26 49.64
N LEU C 297 -33.80 -19.82 48.41
CA LEU C 297 -33.82 -20.74 47.28
C LEU C 297 -32.44 -21.28 46.96
N LEU C 298 -31.43 -20.42 46.90
CA LEU C 298 -30.10 -20.84 46.47
C LEU C 298 -29.49 -21.86 47.42
N LYS C 299 -29.65 -21.66 48.73
CA LYS C 299 -29.13 -22.59 49.72
C LYS C 299 -29.99 -23.84 49.87
N SER C 300 -31.10 -23.92 49.15
CA SER C 300 -32.03 -25.04 49.27
C SER C 300 -31.67 -26.15 48.27
N SER C 301 -32.39 -27.26 48.37
CA SER C 301 -32.27 -28.36 47.43
C SER C 301 -32.78 -28.02 46.05
N LYS C 302 -33.45 -26.87 45.87
CA LYS C 302 -34.03 -26.52 44.58
C LYS C 302 -32.98 -26.05 43.58
N PHE C 303 -31.74 -25.84 44.01
CA PHE C 303 -30.69 -25.36 43.13
C PHE C 303 -29.45 -26.22 43.29
N GLU C 304 -28.78 -26.49 42.18
CA GLU C 304 -27.48 -27.13 42.20
C GLU C 304 -26.40 -26.05 42.09
N HIS C 305 -25.33 -26.23 42.84
CA HIS C 305 -24.21 -25.29 42.82
C HIS C 305 -22.94 -26.00 42.39
N PHE C 306 -22.13 -25.31 41.59
CA PHE C 306 -20.81 -25.82 41.27
C PHE C 306 -19.91 -24.66 40.86
N ASN C 307 -18.62 -24.97 40.73
CA ASN C 307 -17.60 -23.97 40.43
C ASN C 307 -17.05 -24.17 39.02
N ILE C 308 -16.79 -23.05 38.35
CA ILE C 308 -16.22 -23.07 37.01
C ILE C 308 -14.96 -22.21 37.01
N ASN C 309 -13.86 -22.76 36.47
CA ASN C 309 -12.64 -21.98 36.32
C ASN C 309 -12.77 -21.07 35.11
N GLN C 310 -12.68 -19.75 35.35
CA GLN C 310 -12.93 -18.80 34.26
C GLN C 310 -11.83 -18.85 33.20
N ARG C 311 -10.59 -19.10 33.61
CA ARG C 311 -9.48 -19.18 32.66
C ARG C 311 -9.63 -20.35 31.70
N LEU C 312 -10.44 -21.35 32.05
CA LEU C 312 -10.63 -22.52 31.22
C LEU C 312 -11.80 -22.41 30.25
N LEU C 313 -12.48 -21.26 30.22
CA LEU C 313 -13.60 -21.09 29.31
C LEU C 313 -13.10 -20.89 27.88
N SER C 314 -13.70 -21.60 26.95
CA SER C 314 -13.44 -21.43 25.52
C SER C 314 -14.46 -20.43 24.97
N ASP C 315 -14.59 -20.36 23.65
CA ASP C 315 -15.69 -19.60 23.05
C ASP C 315 -17.05 -20.11 23.48
N GLU C 316 -17.14 -21.36 23.95
CA GLU C 316 -18.36 -21.94 24.47
C GLU C 316 -18.26 -22.11 25.98
N TRP C 317 -19.30 -21.70 26.70
CA TRP C 317 -19.33 -21.79 28.16
C TRP C 317 -20.10 -23.04 28.55
N ILE C 318 -19.35 -24.07 28.94
CA ILE C 318 -19.94 -25.37 29.31
C ILE C 318 -20.09 -25.37 30.82
N LEU C 319 -21.23 -24.87 31.30
CA LEU C 319 -21.46 -24.72 32.74
C LEU C 319 -22.15 -25.97 33.27
N VAL C 320 -21.33 -26.98 33.59
CA VAL C 320 -21.81 -28.27 34.08
C VAL C 320 -20.90 -28.71 35.22
N ASN C 321 -21.37 -29.71 35.98
CA ASN C 321 -20.57 -30.29 37.04
C ASN C 321 -19.52 -31.23 36.47
N LYS C 322 -18.64 -31.71 37.35
CA LYS C 322 -17.50 -32.52 36.91
C LYS C 322 -17.97 -33.78 36.20
N ASP C 323 -19.06 -34.40 36.67
CA ASP C 323 -19.55 -35.64 36.09
C ASP C 323 -19.96 -35.44 34.64
N ASP C 324 -20.77 -34.41 34.40
CA ASP C 324 -21.21 -34.10 33.04
C ASP C 324 -20.03 -33.71 32.17
N GLU C 325 -19.06 -32.97 32.72
CA GLU C 325 -17.89 -32.59 31.95
C GLU C 325 -17.12 -33.83 31.47
N THR C 326 -16.89 -34.78 32.38
CA THR C 326 -16.20 -36.02 32.01
C THR C 326 -16.99 -36.81 30.97
N PHE C 327 -18.31 -36.91 31.15
CA PHE C 327 -19.16 -37.62 30.21
C PHE C 327 -19.08 -36.99 28.81
N TYR C 328 -19.26 -35.68 28.74
CA TYR C 328 -19.23 -34.96 27.48
C TYR C 328 -17.88 -35.10 26.79
N ASN C 329 -16.79 -34.98 27.55
CA ASN C 329 -15.47 -35.08 26.94
C ASN C 329 -15.16 -36.50 26.46
N LYS C 330 -15.61 -37.52 27.21
CA LYS C 330 -15.48 -38.89 26.73
C LYS C 330 -16.14 -39.06 25.38
N ILE C 331 -17.40 -38.61 25.26
CA ILE C 331 -18.10 -38.76 23.98
C ILE C 331 -17.38 -37.96 22.90
N GLN C 332 -16.89 -36.77 23.23
CA GLN C 332 -16.22 -35.93 22.24
C GLN C 332 -14.99 -36.62 21.67
N GLU C 333 -14.19 -37.25 22.53
CA GLU C 333 -12.97 -37.89 22.03
C GLU C 333 -13.26 -39.18 21.29
N LYS C 334 -14.24 -39.96 21.77
CA LYS C 334 -14.45 -41.28 21.17
C LYS C 334 -14.98 -41.20 19.75
N CYS C 335 -15.71 -40.13 19.41
CA CYS C 335 -16.40 -40.04 18.12
C CYS C 335 -15.50 -39.42 17.05
N LYS C 336 -15.45 -40.06 15.89
CA LYS C 336 -14.60 -39.60 14.79
C LYS C 336 -15.30 -38.66 13.83
N TYR C 337 -16.63 -38.72 13.74
CA TYR C 337 -17.41 -37.94 12.79
C TYR C 337 -18.36 -37.01 13.52
N SER C 338 -18.83 -35.99 12.80
CA SER C 338 -19.96 -35.18 13.22
C SER C 338 -21.04 -35.25 12.15
N LEU C 339 -22.27 -34.94 12.55
CA LEU C 339 -23.36 -34.91 11.57
C LEU C 339 -23.04 -33.95 10.43
N GLU C 340 -22.39 -32.83 10.74
CA GLU C 340 -22.04 -31.87 9.69
C GLU C 340 -21.14 -32.50 8.65
N ASP C 341 -20.25 -33.41 9.08
CA ASP C 341 -19.35 -34.09 8.14
C ASP C 341 -20.12 -34.97 7.16
N ILE C 342 -21.16 -35.66 7.64
CA ILE C 342 -21.79 -36.74 6.87
C ILE C 342 -23.14 -36.35 6.29
N ALA C 343 -23.68 -35.18 6.62
CA ALA C 343 -25.05 -34.88 6.26
C ALA C 343 -25.19 -33.48 5.66
N ILE C 344 -26.18 -33.35 4.78
CA ILE C 344 -26.63 -32.07 4.26
C ILE C 344 -27.84 -31.66 5.06
N SER C 345 -27.77 -30.48 5.67
CA SER C 345 -28.79 -29.95 6.56
C SER C 345 -29.52 -28.79 5.90
N PHE C 346 -30.81 -28.65 6.21
CA PHE C 346 -31.54 -27.50 5.70
C PHE C 346 -32.80 -27.23 6.53
N GLN C 347 -33.16 -25.95 6.52
CA GLN C 347 -34.38 -25.42 7.12
C GLN C 347 -35.54 -25.59 6.15
N GLY C 348 -36.75 -25.61 6.71
CA GLY C 348 -37.94 -25.87 5.92
C GLY C 348 -38.37 -24.68 5.07
N ILE C 349 -39.48 -24.90 4.37
CA ILE C 349 -40.11 -23.85 3.59
C ILE C 349 -40.48 -22.69 4.51
N ILE C 350 -40.26 -21.47 4.02
CA ILE C 350 -40.78 -20.27 4.67
C ILE C 350 -41.65 -19.57 3.63
N THR C 351 -42.97 -19.69 3.77
CA THR C 351 -43.88 -19.08 2.81
C THR C 351 -43.88 -17.57 2.93
N GLY C 352 -43.84 -17.05 4.16
CA GLY C 352 -44.02 -15.65 4.45
C GLY C 352 -45.44 -15.29 4.83
N CYS C 353 -46.42 -16.15 4.49
CA CYS C 353 -47.78 -16.02 4.99
C CYS C 353 -48.44 -17.40 4.88
N ASP C 354 -48.47 -18.15 5.99
CA ASP C 354 -48.92 -19.54 5.93
C ASP C 354 -50.39 -19.64 5.54
N LYS C 355 -51.22 -18.70 6.00
CA LYS C 355 -52.64 -18.75 5.71
C LYS C 355 -52.95 -18.64 4.21
N ALA C 356 -51.97 -18.20 3.41
CA ALA C 356 -52.16 -18.09 1.96
C ALA C 356 -51.83 -19.38 1.21
N PHE C 357 -50.98 -20.25 1.76
CA PHE C 357 -50.49 -21.41 1.03
C PHE C 357 -50.80 -22.75 1.69
N ILE C 358 -51.23 -22.77 2.94
CA ILE C 358 -51.44 -24.00 3.70
C ILE C 358 -52.93 -24.21 3.88
N LEU C 359 -53.41 -25.42 3.53
CA LEU C 359 -54.81 -25.76 3.71
C LEU C 359 -54.92 -27.13 4.39
N SER C 360 -55.98 -27.29 5.19
CA SER C 360 -56.28 -28.61 5.72
C SER C 360 -56.61 -29.55 4.57
N LYS C 361 -56.11 -30.79 4.65
CA LYS C 361 -56.30 -31.70 3.52
C LYS C 361 -57.77 -32.05 3.31
N ASP C 362 -58.63 -31.77 4.28
CA ASP C 362 -60.07 -31.93 4.13
C ASP C 362 -60.77 -30.66 3.65
N ASP C 363 -60.02 -29.58 3.40
CA ASP C 363 -60.62 -28.34 2.91
C ASP C 363 -61.12 -28.53 1.48
N VAL C 364 -62.34 -28.03 1.22
CA VAL C 364 -62.96 -28.22 -0.08
C VAL C 364 -62.27 -27.39 -1.16
N LYS C 365 -61.64 -26.27 -0.78
CA LYS C 365 -60.98 -25.43 -1.77
C LYS C 365 -59.81 -26.12 -2.45
N LEU C 366 -59.34 -27.25 -1.90
CA LEU C 366 -58.33 -28.05 -2.59
C LEU C 366 -58.83 -28.59 -3.92
N ASN C 367 -60.15 -28.58 -4.15
CA ASN C 367 -60.66 -28.95 -5.46
C ASN C 367 -60.18 -27.98 -6.54
N LEU C 368 -59.77 -26.77 -6.16
CA LEU C 368 -59.30 -25.78 -7.13
C LEU C 368 -57.84 -25.98 -7.51
N VAL C 369 -57.10 -26.83 -6.81
CA VAL C 369 -55.66 -26.99 -6.99
C VAL C 369 -55.38 -28.35 -7.61
N ASP C 370 -54.66 -28.34 -8.73
CA ASP C 370 -54.19 -29.59 -9.32
C ASP C 370 -53.25 -30.29 -8.34
N ASP C 371 -53.34 -31.63 -8.31
CA ASP C 371 -52.56 -32.39 -7.34
C ASP C 371 -51.06 -32.26 -7.56
N LYS C 372 -50.62 -31.82 -8.75
CA LYS C 372 -49.19 -31.67 -8.99
C LYS C 372 -48.59 -30.52 -8.19
N PHE C 373 -49.41 -29.55 -7.80
CA PHE C 373 -48.94 -28.42 -7.00
C PHE C 373 -48.96 -28.69 -5.49
N LEU C 374 -49.60 -29.78 -5.05
CA LEU C 374 -49.85 -30.01 -3.64
C LEU C 374 -48.77 -30.90 -3.03
N LYS C 375 -48.28 -30.49 -1.87
CA LYS C 375 -47.28 -31.24 -1.11
C LYS C 375 -47.83 -31.53 0.28
N CYS C 376 -47.36 -32.62 0.89
CA CYS C 376 -47.76 -32.90 2.27
C CYS C 376 -47.04 -31.95 3.23
N TRP C 377 -47.74 -31.53 4.28
CA TRP C 377 -47.25 -30.48 5.17
C TRP C 377 -47.37 -30.97 6.60
N ILE C 378 -46.24 -30.99 7.32
CA ILE C 378 -46.25 -31.42 8.72
C ILE C 378 -45.75 -30.29 9.60
N LYS C 379 -46.18 -30.33 10.86
CA LYS C 379 -45.72 -29.41 11.89
C LYS C 379 -44.84 -30.17 12.89
N SER C 380 -44.16 -29.42 13.76
CA SER C 380 -43.31 -30.04 14.77
C SER C 380 -44.10 -31.00 15.65
N LYS C 381 -45.40 -30.76 15.79
CA LYS C 381 -46.27 -31.64 16.56
C LYS C 381 -46.26 -33.07 16.02
N ASN C 382 -45.96 -33.25 14.74
CA ASN C 382 -46.08 -34.54 14.10
C ASN C 382 -44.83 -35.40 14.18
N ILE C 383 -43.73 -34.87 14.72
CA ILE C 383 -42.46 -35.61 14.78
C ILE C 383 -42.41 -36.38 16.10
N ASN C 384 -42.21 -37.69 16.00
CA ASN C 384 -41.96 -38.54 17.16
C ASN C 384 -40.56 -39.15 17.02
N LYS C 385 -40.20 -40.00 17.98
CA LYS C 385 -39.00 -40.81 17.82
C LYS C 385 -39.23 -41.85 16.72
N TYR C 386 -38.37 -41.80 15.70
CA TYR C 386 -38.25 -42.74 14.59
C TYR C 386 -39.29 -42.63 13.47
N ILE C 387 -40.42 -41.97 13.68
CA ILE C 387 -41.48 -41.95 12.66
C ILE C 387 -42.28 -40.66 12.76
N VAL C 388 -42.95 -40.31 11.67
CA VAL C 388 -43.72 -39.08 11.55
C VAL C 388 -45.20 -39.44 11.46
N ASP C 389 -46.03 -38.66 12.14
CA ASP C 389 -47.47 -38.81 12.01
C ASP C 389 -47.92 -38.51 10.58
N LYS C 390 -49.05 -39.10 10.20
CA LYS C 390 -49.68 -38.75 8.93
C LYS C 390 -49.99 -37.27 8.91
N SER C 391 -49.73 -36.62 7.77
CA SER C 391 -49.88 -35.18 7.65
C SER C 391 -51.35 -34.79 7.49
N GLU C 392 -51.73 -33.73 8.18
CA GLU C 392 -53.09 -33.22 8.17
C GLU C 392 -53.26 -31.99 7.28
N TYR C 393 -52.19 -31.52 6.64
CA TYR C 393 -52.23 -30.32 5.84
C TYR C 393 -51.53 -30.52 4.50
N ARG C 394 -51.87 -29.64 3.56
CA ARG C 394 -51.29 -29.59 2.24
C ARG C 394 -50.74 -28.19 1.97
N LEU C 395 -49.58 -28.15 1.33
CA LEU C 395 -48.92 -26.92 0.91
C LEU C 395 -49.15 -26.73 -0.58
N ILE C 396 -49.51 -25.50 -0.97
CA ILE C 396 -49.58 -25.12 -2.37
C ILE C 396 -48.21 -24.59 -2.75
N TYR C 397 -47.43 -25.41 -3.45
CA TYR C 397 -46.08 -25.02 -3.88
C TYR C 397 -46.23 -24.08 -5.08
N SER C 398 -46.60 -22.83 -4.78
CA SER C 398 -47.04 -21.91 -5.82
C SER C 398 -45.94 -21.54 -6.80
N ASN C 399 -44.66 -21.81 -6.46
CA ASN C 399 -43.57 -21.49 -7.37
C ASN C 399 -43.66 -22.26 -8.68
N ASP C 400 -44.38 -23.37 -8.72
CA ASP C 400 -44.48 -24.16 -9.94
C ASP C 400 -45.57 -23.66 -10.88
N ILE C 401 -46.28 -22.60 -10.52
CA ILE C 401 -47.18 -21.91 -11.44
C ILE C 401 -46.35 -20.89 -12.20
N ASP C 402 -46.34 -21.01 -13.53
CA ASP C 402 -45.42 -20.20 -14.33
C ASP C 402 -45.80 -18.72 -14.30
N ASN C 403 -47.05 -18.40 -14.67
CA ASN C 403 -47.51 -17.02 -14.74
C ASN C 403 -48.92 -16.93 -14.15
N GLU C 404 -49.38 -15.69 -14.00
CA GLU C 404 -50.69 -15.43 -13.40
C GLU C 404 -51.86 -15.82 -14.29
N ASN C 405 -51.62 -16.14 -15.56
CA ASN C 405 -52.70 -16.37 -16.52
C ASN C 405 -53.05 -17.84 -16.72
N THR C 406 -52.20 -18.77 -16.28
CA THR C 406 -52.44 -20.19 -16.55
C THR C 406 -53.43 -20.80 -15.57
N ASN C 407 -53.19 -20.63 -14.27
CA ASN C 407 -54.00 -21.23 -13.21
C ASN C 407 -54.66 -20.15 -12.36
N LYS C 408 -55.21 -19.12 -13.02
CA LYS C 408 -55.59 -17.89 -12.32
C LYS C 408 -56.56 -18.15 -11.18
N ARG C 409 -57.36 -19.21 -11.26
CA ARG C 409 -58.38 -19.45 -10.25
C ARG C 409 -57.74 -19.69 -8.88
N ILE C 410 -56.60 -20.38 -8.85
CA ILE C 410 -55.88 -20.59 -7.59
C ILE C 410 -55.48 -19.24 -6.99
N LEU C 411 -54.87 -18.37 -7.79
CA LEU C 411 -54.43 -17.08 -7.29
C LEU C 411 -55.61 -16.22 -6.83
N ASP C 412 -56.72 -16.29 -7.56
CA ASP C 412 -57.85 -15.42 -7.25
C ASP C 412 -58.64 -15.89 -6.02
N GLU C 413 -58.69 -17.19 -5.76
CA GLU C 413 -59.57 -17.69 -4.71
C GLU C 413 -58.85 -18.17 -3.46
N ILE C 414 -57.53 -18.40 -3.51
CA ILE C 414 -56.84 -18.93 -2.35
C ILE C 414 -55.73 -17.99 -1.91
N ILE C 415 -54.72 -17.82 -2.77
CA ILE C 415 -53.55 -17.02 -2.42
C ILE C 415 -53.90 -15.54 -2.36
N GLY C 416 -54.64 -15.05 -3.36
CA GLY C 416 -54.91 -13.62 -3.47
C GLY C 416 -55.67 -13.04 -2.30
N LEU C 417 -56.31 -13.90 -1.50
CA LEU C 417 -56.99 -13.40 -0.31
C LEU C 417 -56.04 -12.70 0.65
N TYR C 418 -54.73 -12.94 0.52
CA TYR C 418 -53.74 -12.26 1.35
C TYR C 418 -52.78 -11.42 0.52
N LYS C 419 -53.22 -11.01 -0.68
CA LYS C 419 -52.30 -10.42 -1.66
C LYS C 419 -51.55 -9.22 -1.08
N THR C 420 -52.26 -8.30 -0.45
CA THR C 420 -51.60 -7.12 0.11
C THR C 420 -50.49 -7.54 1.06
N LYS C 421 -50.78 -8.47 1.99
CA LYS C 421 -49.74 -8.90 2.90
C LYS C 421 -48.57 -9.52 2.14
N LEU C 422 -48.88 -10.35 1.14
CA LEU C 422 -47.81 -10.94 0.35
C LEU C 422 -46.99 -9.86 -0.36
N GLU C 423 -47.64 -8.78 -0.78
CA GLU C 423 -46.91 -7.73 -1.47
C GLU C 423 -46.03 -6.93 -0.52
N ASN C 424 -46.19 -7.08 0.80
CA ASN C 424 -45.36 -6.36 1.73
C ASN C 424 -44.07 -7.10 2.06
N ARG C 425 -43.92 -8.33 1.61
CA ARG C 425 -42.71 -9.10 1.88
C ARG C 425 -41.51 -8.46 1.18
N ARG C 426 -40.32 -8.65 1.77
CA ARG C 426 -39.14 -7.92 1.32
C ARG C 426 -38.82 -8.22 -0.14
N GLU C 427 -38.82 -9.51 -0.50
CA GLU C 427 -38.41 -9.90 -1.84
C GLU C 427 -39.43 -9.50 -2.89
N CYS C 428 -40.68 -9.30 -2.50
CA CYS C 428 -41.68 -8.80 -3.44
C CYS C 428 -41.51 -7.31 -3.67
N LYS C 429 -41.12 -6.55 -2.65
CA LYS C 429 -40.96 -5.12 -2.81
C LYS C 429 -39.71 -4.79 -3.63
N SER C 430 -38.72 -5.68 -3.63
CA SER C 430 -37.52 -5.54 -4.44
C SER C 430 -37.70 -6.07 -5.86
N GLY C 431 -38.79 -6.78 -6.12
CA GLY C 431 -39.11 -7.22 -7.47
C GLY C 431 -38.58 -8.58 -7.86
N ILE C 432 -37.74 -9.21 -7.03
CA ILE C 432 -37.18 -10.50 -7.42
C ILE C 432 -38.13 -11.66 -7.17
N ARG C 433 -39.21 -11.43 -6.40
CA ARG C 433 -40.18 -12.46 -6.08
C ARG C 433 -41.56 -11.99 -6.51
N LYS C 434 -42.32 -12.85 -7.19
CA LYS C 434 -43.69 -12.54 -7.53
C LYS C 434 -44.57 -12.62 -6.30
N TRP C 435 -45.68 -11.85 -6.31
CA TRP C 435 -46.49 -11.71 -5.11
C TRP C 435 -47.08 -13.04 -4.66
N TYR C 436 -47.39 -13.93 -5.60
CA TYR C 436 -48.01 -15.20 -5.28
C TYR C 436 -47.02 -16.32 -5.01
N GLU C 437 -45.72 -16.06 -5.08
CA GLU C 437 -44.73 -17.10 -4.89
C GLU C 437 -44.40 -17.25 -3.41
N LEU C 438 -43.83 -18.41 -3.08
CA LEU C 438 -43.31 -18.62 -1.73
C LEU C 438 -42.08 -17.76 -1.50
N GLN C 439 -41.99 -17.16 -0.31
CA GLN C 439 -40.87 -16.27 -0.04
C GLN C 439 -39.54 -17.01 -0.10
N TRP C 440 -39.45 -18.17 0.57
CA TRP C 440 -38.27 -19.02 0.50
C TRP C 440 -38.74 -20.44 0.20
N GLY C 441 -38.81 -20.77 -1.09
CA GLY C 441 -39.34 -22.06 -1.53
C GLY C 441 -38.35 -23.20 -1.51
N ARG C 442 -37.08 -22.94 -1.22
CA ARG C 442 -36.04 -23.95 -1.07
C ARG C 442 -35.93 -24.75 -2.38
N GLU C 443 -35.52 -26.01 -2.29
CA GLU C 443 -35.44 -26.93 -3.42
C GLU C 443 -36.34 -28.12 -3.15
N LYS C 444 -37.22 -28.45 -4.10
CA LYS C 444 -38.09 -29.61 -3.93
C LYS C 444 -37.29 -30.89 -3.81
N LEU C 445 -36.21 -31.02 -4.59
CA LEU C 445 -35.40 -32.23 -4.58
C LEU C 445 -34.78 -32.50 -3.21
N PHE C 446 -34.68 -31.50 -2.36
CA PHE C 446 -34.20 -31.75 -1.00
C PHE C 446 -35.28 -32.36 -0.11
N PHE C 447 -36.54 -31.97 -0.30
CA PHE C 447 -37.63 -32.51 0.52
C PHE C 447 -38.15 -33.85 0.00
N GLU C 448 -38.20 -34.03 -1.31
CA GLU C 448 -38.83 -35.21 -1.90
C GLU C 448 -37.82 -36.36 -2.04
N ARG C 449 -37.32 -36.79 -0.89
CA ARG C 449 -36.37 -37.88 -0.79
C ARG C 449 -36.43 -38.43 0.62
N LYS C 450 -35.78 -39.58 0.81
CA LYS C 450 -35.63 -40.13 2.15
C LYS C 450 -34.74 -39.21 2.98
N LYS C 451 -35.16 -38.91 4.20
CA LYS C 451 -34.45 -37.92 5.00
C LYS C 451 -34.85 -38.08 6.46
N ILE C 452 -34.18 -37.34 7.33
CA ILE C 452 -34.46 -37.32 8.75
C ILE C 452 -34.96 -35.93 9.12
N MET C 453 -36.06 -35.89 9.88
CA MET C 453 -36.67 -34.66 10.31
C MET C 453 -36.75 -34.61 11.83
N TYR C 454 -36.61 -33.40 12.37
CA TYR C 454 -36.73 -33.23 13.82
C TYR C 454 -37.33 -31.87 14.11
N PRO C 455 -38.09 -31.72 15.20
CA PRO C 455 -38.70 -30.43 15.50
C PRO C 455 -37.65 -29.41 15.92
N TYR C 456 -37.96 -28.13 15.66
CA TYR C 456 -37.00 -27.06 15.95
C TYR C 456 -36.96 -26.72 17.44
N LYS C 457 -38.01 -27.05 18.19
CA LYS C 457 -38.05 -26.89 19.63
C LYS C 457 -38.74 -28.10 20.23
N SER C 458 -38.14 -28.70 21.25
CA SER C 458 -38.70 -29.91 21.84
C SER C 458 -38.14 -30.10 23.24
N ASN C 459 -38.78 -31.00 23.99
CA ASN C 459 -38.31 -31.39 25.31
C ASN C 459 -37.30 -32.52 25.29
N GLU C 460 -37.14 -33.20 24.15
CA GLU C 460 -36.25 -34.36 24.08
C GLU C 460 -35.86 -34.56 22.63
N ASN C 461 -34.88 -35.44 22.42
CA ASN C 461 -34.46 -35.78 21.07
C ASN C 461 -35.58 -36.53 20.36
N ARG C 462 -36.05 -35.97 19.25
CA ARG C 462 -37.08 -36.59 18.41
C ARG C 462 -36.61 -36.51 16.96
N PHE C 463 -35.84 -37.50 16.54
CA PHE C 463 -35.33 -37.59 15.17
C PHE C 463 -36.05 -38.73 14.47
N ALA C 464 -36.75 -38.44 13.37
CA ALA C 464 -37.59 -39.43 12.72
C ALA C 464 -37.21 -39.54 11.24
N ILE C 465 -37.42 -40.74 10.69
CA ILE C 465 -37.21 -40.97 9.27
C ILE C 465 -38.50 -40.65 8.52
N ASP C 466 -38.40 -39.77 7.53
CA ASP C 466 -39.54 -39.42 6.70
C ASP C 466 -39.49 -40.25 5.42
N TYR C 467 -40.57 -41.01 5.18
CA TYR C 467 -40.71 -41.79 3.96
C TYR C 467 -41.64 -41.16 2.95
N ASP C 468 -42.42 -40.14 3.36
CA ASP C 468 -43.58 -39.68 2.61
C ASP C 468 -43.36 -38.33 1.92
N ASN C 469 -42.10 -37.91 1.74
CA ASN C 469 -41.80 -36.65 1.05
C ASN C 469 -42.51 -35.48 1.71
N ASN C 470 -42.38 -35.39 3.03
CA ASN C 470 -43.08 -34.36 3.78
C ASN C 470 -42.36 -33.02 3.68
N PHE C 471 -43.14 -31.96 3.46
CA PHE C 471 -42.67 -30.59 3.55
C PHE C 471 -43.05 -30.02 4.91
N SER C 472 -42.33 -28.97 5.32
CA SER C 472 -42.55 -28.38 6.63
C SER C 472 -42.11 -26.92 6.61
N SER C 473 -42.58 -26.18 7.61
CA SER C 473 -42.12 -24.82 7.79
C SER C 473 -40.78 -24.84 8.51
N ALA C 474 -40.36 -23.68 9.03
CA ALA C 474 -39.09 -23.59 9.76
C ALA C 474 -39.15 -24.27 11.13
N ASP C 475 -40.34 -24.71 11.56
CA ASP C 475 -40.47 -25.39 12.85
C ASP C 475 -39.97 -26.84 12.80
N VAL C 476 -39.62 -27.35 11.63
CA VAL C 476 -39.04 -28.68 11.49
C VAL C 476 -37.82 -28.58 10.60
N TYR C 477 -36.70 -29.13 11.05
CA TYR C 477 -35.46 -29.16 10.27
C TYR C 477 -35.25 -30.53 9.68
N SER C 478 -34.50 -30.59 8.57
CA SER C 478 -34.27 -31.85 7.88
C SER C 478 -32.80 -31.99 7.52
N PHE C 479 -32.36 -33.25 7.41
CA PHE C 479 -31.06 -33.52 6.81
C PHE C 479 -31.09 -34.88 6.11
N PHE C 480 -30.15 -35.05 5.19
CA PHE C 480 -29.98 -36.34 4.52
C PHE C 480 -28.49 -36.65 4.39
N ILE C 481 -28.17 -37.93 4.35
CA ILE C 481 -26.77 -38.36 4.36
C ILE C 481 -26.15 -38.13 3.00
N LYS C 482 -24.90 -37.67 3.00
CA LYS C 482 -24.16 -37.47 1.76
C LYS C 482 -23.96 -38.79 1.03
N GLU C 483 -23.91 -38.72 -0.30
CA GLU C 483 -23.78 -39.94 -1.11
C GLU C 483 -22.50 -40.69 -0.80
N GLU C 484 -21.42 -39.99 -0.44
CA GLU C 484 -20.17 -40.68 -0.15
C GLU C 484 -20.18 -41.40 1.19
N TYR C 485 -21.11 -41.06 2.08
CA TYR C 485 -21.17 -41.69 3.39
C TYR C 485 -22.27 -42.74 3.49
N LEU C 486 -23.04 -42.96 2.42
CA LEU C 486 -24.16 -43.89 2.52
C LEU C 486 -23.71 -45.33 2.80
N ASP C 487 -22.50 -45.70 2.36
CA ASP C 487 -21.98 -47.03 2.63
C ASP C 487 -21.44 -47.17 4.05
N LYS C 488 -21.29 -46.08 4.80
CA LYS C 488 -20.85 -46.13 6.19
C LYS C 488 -21.97 -45.89 7.18
N PHE C 489 -22.99 -45.11 6.81
CA PHE C 489 -24.06 -44.73 7.72
C PHE C 489 -25.42 -44.91 7.05
N SER C 490 -26.38 -45.41 7.82
CA SER C 490 -27.76 -45.54 7.38
C SER C 490 -28.65 -44.62 8.20
N TYR C 491 -29.83 -44.31 7.65
CA TYR C 491 -30.79 -43.51 8.39
C TYR C 491 -31.27 -44.25 9.64
N GLU C 492 -31.47 -45.56 9.53
CA GLU C 492 -31.94 -46.34 10.67
C GLU C 492 -30.95 -46.30 11.83
N TYR C 493 -29.66 -46.48 11.53
CA TYR C 493 -28.65 -46.40 12.59
C TYR C 493 -28.60 -45.00 13.21
N LEU C 494 -28.68 -43.97 12.37
CA LEU C 494 -28.60 -42.60 12.88
C LEU C 494 -29.77 -42.29 13.80
N VAL C 495 -30.99 -42.66 13.42
CA VAL C 495 -32.11 -42.40 14.32
C VAL C 495 -32.03 -43.28 15.55
N GLY C 496 -31.44 -44.48 15.43
CA GLY C 496 -31.24 -45.30 16.60
C GLY C 496 -30.37 -44.60 17.63
N ILE C 497 -29.24 -44.05 17.19
CA ILE C 497 -28.34 -43.47 18.19
C ILE C 497 -28.82 -42.09 18.63
N LEU C 498 -29.44 -41.32 17.72
CA LEU C 498 -29.83 -39.95 18.05
C LEU C 498 -30.99 -39.92 19.05
N ASN C 499 -31.85 -40.92 19.04
CA ASN C 499 -32.99 -40.99 19.95
C ASN C 499 -32.67 -41.67 21.27
N SER C 500 -31.43 -42.05 21.48
CA SER C 500 -31.05 -42.79 22.68
C SER C 500 -30.95 -41.85 23.89
N SER C 501 -31.02 -42.46 25.08
CA SER C 501 -30.86 -41.70 26.31
C SER C 501 -29.47 -41.05 26.38
N VAL C 502 -28.45 -41.79 25.93
CA VAL C 502 -27.08 -41.27 25.91
C VAL C 502 -27.02 -39.98 25.11
N TYR C 503 -27.55 -40.00 23.89
CA TYR C 503 -27.48 -38.80 23.06
C TYR C 503 -28.45 -37.73 23.51
N ASP C 504 -29.54 -38.08 24.19
CA ASP C 504 -30.41 -37.05 24.74
C ASP C 504 -29.67 -36.24 25.80
N LYS C 505 -29.03 -36.93 26.76
CA LYS C 505 -28.20 -36.24 27.75
C LYS C 505 -27.05 -35.47 27.10
N TYR C 506 -26.40 -36.10 26.11
CA TYR C 506 -25.26 -35.49 25.42
C TYR C 506 -25.66 -34.18 24.76
N PHE C 507 -26.75 -34.19 23.99
CA PHE C 507 -27.18 -32.95 23.35
C PHE C 507 -27.59 -31.91 24.39
N LYS C 508 -28.36 -32.31 25.39
CA LYS C 508 -28.86 -31.31 26.33
C LYS C 508 -27.76 -30.71 27.20
N ILE C 509 -26.57 -31.29 27.21
CA ILE C 509 -25.46 -30.64 27.94
C ILE C 509 -25.19 -29.24 27.39
N THR C 510 -25.15 -29.09 26.06
CA THR C 510 -24.80 -27.82 25.44
C THR C 510 -25.97 -27.13 24.74
N ALA C 511 -27.18 -27.69 24.82
CA ALA C 511 -28.30 -27.14 24.09
C ALA C 511 -28.76 -25.82 24.70
N LYS C 512 -29.54 -25.07 23.92
CA LYS C 512 -30.04 -23.76 24.29
C LYS C 512 -31.41 -23.91 24.93
N LYS C 513 -31.51 -23.67 26.24
CA LYS C 513 -32.76 -23.77 26.95
C LYS C 513 -33.64 -22.57 26.64
N MET C 514 -34.82 -22.80 26.05
CA MET C 514 -35.68 -21.70 25.62
C MET C 514 -36.74 -21.35 26.66
N SER C 515 -37.56 -22.32 27.04
CA SER C 515 -38.59 -22.11 28.05
C SER C 515 -38.73 -23.39 28.85
N LYS C 516 -39.83 -23.49 29.60
CA LYS C 516 -40.05 -24.66 30.43
C LYS C 516 -40.18 -25.90 29.55
N ASN C 517 -39.34 -26.90 29.82
CA ASN C 517 -39.29 -28.17 29.07
C ASN C 517 -39.11 -27.95 27.58
N ILE C 518 -38.40 -26.91 27.16
CA ILE C 518 -38.18 -26.67 25.75
C ILE C 518 -36.71 -26.33 25.49
N TYR C 519 -36.10 -27.06 24.58
CA TYR C 519 -34.76 -26.79 24.08
C TYR C 519 -34.82 -26.41 22.61
N ASP C 520 -33.83 -25.63 22.17
CA ASP C 520 -33.67 -25.33 20.75
C ASP C 520 -32.98 -26.50 20.07
N TYR C 521 -33.64 -27.07 19.07
CA TYR C 521 -33.04 -28.09 18.20
C TYR C 521 -32.83 -27.44 16.85
N TYR C 522 -31.71 -26.74 16.71
CA TYR C 522 -31.33 -26.02 15.52
C TYR C 522 -30.05 -26.61 14.94
N PRO C 523 -29.85 -26.48 13.62
CA PRO C 523 -28.64 -27.04 13.01
C PRO C 523 -27.35 -26.51 13.62
N ASN C 524 -27.34 -25.26 14.10
CA ASN C 524 -26.10 -24.68 14.60
C ASN C 524 -25.58 -25.41 15.83
N LYS C 525 -26.38 -26.27 16.45
CA LYS C 525 -25.88 -27.19 17.45
C LYS C 525 -26.13 -28.65 17.09
N VAL C 526 -27.23 -28.97 16.40
CA VAL C 526 -27.50 -30.35 16.04
C VAL C 526 -26.43 -30.89 15.09
N MET C 527 -26.02 -30.08 14.12
CA MET C 527 -24.98 -30.51 13.20
C MET C 527 -23.63 -30.69 13.87
N LYS C 528 -23.45 -30.18 15.08
CA LYS C 528 -22.22 -30.38 15.83
C LYS C 528 -22.22 -31.68 16.64
N ILE C 529 -23.32 -32.44 16.62
CA ILE C 529 -23.37 -33.71 17.33
C ILE C 529 -22.38 -34.68 16.70
N ARG C 530 -21.50 -35.24 17.52
CA ARG C 530 -20.50 -36.15 17.01
C ARG C 530 -21.03 -37.58 17.00
N ILE C 531 -20.57 -38.36 16.03
CA ILE C 531 -21.06 -39.70 15.74
C ILE C 531 -19.88 -40.67 15.75
N PHE C 532 -20.16 -41.94 16.04
CA PHE C 532 -19.15 -42.98 16.04
C PHE C 532 -19.60 -44.11 15.11
N ARG C 533 -18.68 -45.05 14.88
CA ARG C 533 -18.96 -46.22 14.06
C ARG C 533 -17.99 -47.32 14.46
N ASP C 534 -18.50 -48.42 14.99
CA ASP C 534 -17.66 -49.49 15.52
C ASP C 534 -18.37 -50.83 15.34
N ASN C 535 -17.92 -51.85 16.06
CA ASN C 535 -18.42 -53.21 15.86
C ASN C 535 -19.88 -53.38 16.29
N ASN C 536 -20.40 -52.49 17.12
CA ASN C 536 -21.80 -52.62 17.55
C ASN C 536 -22.77 -52.02 16.53
N TYR C 537 -22.28 -51.60 15.37
CA TYR C 537 -23.12 -50.92 14.39
C TYR C 537 -24.28 -51.81 13.94
N GLU C 538 -23.99 -53.07 13.62
CA GLU C 538 -24.99 -53.94 13.02
C GLU C 538 -26.15 -54.20 13.98
N GLU C 539 -25.84 -54.45 15.25
CA GLU C 539 -26.91 -54.72 16.21
C GLU C 539 -27.71 -53.46 16.54
N ILE C 540 -27.05 -52.31 16.63
CA ILE C 540 -27.79 -51.07 16.87
C ILE C 540 -28.75 -50.81 15.72
N GLU C 541 -28.28 -50.99 14.48
CA GLU C 541 -29.15 -50.80 13.32
C GLU C 541 -30.30 -51.80 13.33
N ASN C 542 -30.02 -53.06 13.68
CA ASN C 542 -31.08 -54.06 13.71
C ASN C 542 -32.13 -53.71 14.75
N LEU C 543 -31.70 -53.27 15.94
CA LEU C 543 -32.64 -52.86 16.97
C LEU C 543 -33.48 -51.68 16.51
N SER C 544 -32.85 -50.71 15.86
CA SER C 544 -33.61 -49.58 15.34
C SER C 544 -34.64 -50.03 14.32
N LYS C 545 -34.27 -50.96 13.44
CA LYS C 545 -35.21 -51.46 12.45
C LYS C 545 -36.39 -52.18 13.11
N GLN C 546 -36.11 -52.95 14.16
CA GLN C 546 -37.21 -53.60 14.89
C GLN C 546 -38.13 -52.58 15.55
N ILE C 547 -37.55 -51.53 16.14
CA ILE C 547 -38.37 -50.49 16.77
C ILE C 547 -39.25 -49.82 15.73
N ILE C 548 -38.68 -49.46 14.58
CA ILE C 548 -39.46 -48.85 13.52
C ILE C 548 -40.57 -49.79 13.05
N SER C 549 -40.24 -51.08 12.91
CA SER C 549 -41.26 -52.05 12.50
C SER C 549 -42.42 -52.08 13.49
N ILE C 550 -42.11 -52.06 14.79
CA ILE C 550 -43.17 -52.11 15.79
C ILE C 550 -44.00 -50.83 15.77
N LEU C 551 -43.35 -49.67 15.61
CA LEU C 551 -44.06 -48.41 15.67
C LEU C 551 -45.00 -48.21 14.49
N LEU C 552 -44.78 -48.92 13.38
CA LEU C 552 -45.61 -48.79 12.19
C LEU C 552 -46.70 -49.86 12.13
N ASN C 553 -46.85 -50.65 13.19
CA ASN C 553 -47.81 -51.75 13.22
C ASN C 553 -49.15 -51.27 13.79
N LYS C 554 -50.18 -52.11 13.62
CA LYS C 554 -51.50 -51.78 14.14
C LYS C 554 -51.57 -51.93 15.65
N SER C 555 -51.06 -53.04 16.19
CA SER C 555 -51.12 -53.35 17.61
C SER C 555 -49.73 -53.16 18.22
N ILE C 556 -49.45 -51.93 18.66
CA ILE C 556 -48.12 -51.57 19.14
C ILE C 556 -47.98 -52.02 20.59
N ASP C 557 -46.96 -52.83 20.86
CA ASP C 557 -46.63 -53.27 22.22
C ASP C 557 -45.47 -52.39 22.71
N LYS C 558 -45.79 -51.41 23.56
CA LYS C 558 -44.78 -50.44 24.00
C LYS C 558 -43.70 -51.09 24.85
N GLY C 559 -44.02 -52.18 25.57
CA GLY C 559 -43.02 -52.82 26.40
C GLY C 559 -41.87 -53.41 25.59
N LYS C 560 -42.20 -54.04 24.45
CA LYS C 560 -41.17 -54.55 23.56
C LYS C 560 -40.29 -53.43 23.04
N VAL C 561 -40.90 -52.29 22.71
CA VAL C 561 -40.14 -51.13 22.25
C VAL C 561 -39.18 -50.66 23.35
N GLU C 562 -39.67 -50.58 24.59
CA GLU C 562 -38.83 -50.11 25.69
C GLU C 562 -37.64 -51.05 25.91
N LYS C 563 -37.89 -52.37 25.89
CA LYS C 563 -36.79 -53.31 26.05
C LYS C 563 -35.76 -53.16 24.92
N LEU C 564 -36.23 -53.00 23.68
CA LEU C 564 -35.30 -52.82 22.57
C LEU C 564 -34.49 -51.54 22.72
N GLN C 565 -35.14 -50.46 23.16
CA GLN C 565 -34.44 -49.21 23.38
C GLN C 565 -33.37 -49.36 24.44
N ILE C 566 -33.68 -50.09 25.52
CA ILE C 566 -32.71 -50.28 26.59
C ILE C 566 -31.50 -51.06 26.11
N LYS C 567 -31.73 -52.12 25.33
CA LYS C 567 -30.60 -52.89 24.78
C LYS C 567 -29.73 -52.02 23.88
N MET C 568 -30.37 -51.18 23.05
CA MET C 568 -29.60 -50.27 22.20
C MET C 568 -28.79 -49.29 23.04
N ASP C 569 -29.38 -48.76 24.11
CA ASP C 569 -28.67 -47.83 24.99
C ASP C 569 -27.45 -48.50 25.61
N ASN C 570 -27.59 -49.76 26.02
CA ASN C 570 -26.45 -50.50 26.57
C ASN C 570 -25.35 -50.65 25.53
N LEU C 571 -25.72 -50.95 24.29
CA LEU C 571 -24.71 -51.06 23.23
C LEU C 571 -23.99 -49.73 23.01
N ILE C 572 -24.74 -48.62 23.02
CA ILE C 572 -24.13 -47.31 22.80
C ILE C 572 -23.18 -46.96 23.94
N MET C 573 -23.60 -47.21 25.18
CA MET C 573 -22.73 -46.95 26.32
C MET C 573 -21.46 -47.79 26.28
N ASP C 574 -21.59 -49.07 25.90
CA ASP C 574 -20.40 -49.90 25.72
C ASP C 574 -19.49 -49.33 24.64
N SER C 575 -20.08 -48.84 23.54
CA SER C 575 -19.28 -48.29 22.45
C SER C 575 -18.50 -47.07 22.89
N LEU C 576 -19.12 -46.17 23.65
CA LEU C 576 -18.49 -44.92 24.00
C LEU C 576 -17.72 -44.97 25.32
N GLY C 577 -17.71 -46.11 25.99
CA GLY C 577 -17.01 -46.21 27.26
C GLY C 577 -17.70 -45.50 28.40
N ILE C 578 -19.01 -45.34 28.33
CA ILE C 578 -19.76 -44.73 29.41
C ILE C 578 -20.24 -45.84 30.35
C1 EDO J . 30.76 39.17 -8.95
O1 EDO J . 31.87 40.07 -8.75
C2 EDO J . 29.83 39.71 -10.03
O2 EDO J . 30.52 39.88 -11.27
K K K . 42.38 54.08 38.43
K K L . 43.61 30.45 -9.72
C2 QA2 M . 41.70 24.38 8.41
C1 QA2 M . 41.54 22.19 9.36
O1 QA2 M . 41.99 21.37 10.44
N QA2 M . 39.10 22.44 9.85
C QA2 M . 42.57 23.23 8.93
O QA2 M . 43.41 23.68 9.98
C10 QA2 M . 34.58 20.28 9.78
C11 QA2 M . 34.87 18.84 10.17
C12 QA2 M . 34.85 17.88 9.00
C13 QA2 M . 34.45 16.56 9.18
C14 QA2 M . 34.43 15.68 8.11
C15 QA2 M . 34.81 16.09 6.83
C16 QA2 M . 35.20 17.43 6.67
C17 QA2 M . 35.23 18.30 7.73
C3 QA2 M . 41.62 24.48 6.90
C4 QA2 M . 40.41 23.09 9.85
C5 QA2 M . 38.56 21.63 8.89
C6 QA2 M . 37.05 21.83 10.37
C7 QA2 M . 38.12 22.58 10.82
C8 QA2 M . 37.05 23.21 12.64
C9 QA2 M . 35.89 21.85 11.19
N1 QA2 M . 37.34 21.25 9.15
N2 QA2 M . 38.19 23.29 11.94
N3 QA2 M . 35.93 22.56 12.33
N4 QA2 M . 34.76 21.17 10.91
N5 QA2 M . 34.79 15.22 5.76
O2 QA2 M . 42.34 25.62 6.43
O3 QA2 M . 40.37 24.17 8.95
C1 EDO N . 0.41 -59.51 -0.86
O1 EDO N . 1.77 -59.54 -0.38
C2 EDO N . -0.46 -58.62 0.03
O2 EDO N . -0.36 -59.02 1.41
C1 EDO O . 6.92 6.86 -26.55
O1 EDO O . 7.97 7.42 -27.36
C2 EDO O . 7.19 7.05 -25.06
O2 EDO O . 7.22 8.45 -24.73
C1 EDO P . -15.00 0.00 -49.85
O1 EDO P . -13.99 0.51 -48.97
C2 EDO P . -15.54 -1.33 -49.34
O2 EDO P . -16.57 -1.14 -48.36
K K Q . -11.12 -14.42 -14.40
K K R . 11.55 -61.64 -4.07
K K S . -15.35 27.91 -9.07
C1 EDO T . 20.74 -35.94 -9.76
O1 EDO T . 20.09 -35.32 -8.64
C2 EDO T . 19.72 -36.25 -10.85
O2 EDO T . 19.15 -35.02 -11.34
C2 QA2 U . -0.31 -21.53 -0.16
C1 QA2 U . 0.37 -20.51 1.91
O1 QA2 U . 0.47 -20.79 3.29
N QA2 U . 2.76 -20.27 1.14
C QA2 U . -0.77 -21.30 1.27
O QA2 U . -0.96 -22.54 1.94
C10 QA2 U . 6.90 -17.44 0.99
C11 QA2 U . 6.84 -16.82 2.36
C12 QA2 U . 6.41 -15.37 2.35
C13 QA2 U . 7.16 -14.41 3.01
C14 QA2 U . 6.75 -13.09 3.04
C15 QA2 U . 5.57 -12.69 2.39
C16 QA2 U . 4.83 -13.67 1.72
C17 QA2 U . 5.25 -14.99 1.70
C3 QA2 U . -1.01 -20.70 -1.22
C4 QA2 U . 1.56 -21.08 1.14
C5 QA2 U . 2.87 -18.90 1.06
C6 QA2 U . 4.87 -19.61 1.13
C7 QA2 U . 4.06 -20.73 1.20
C8 QA2 U . 5.80 -22.09 1.30
C9 QA2 U . 6.27 -19.83 1.15
N1 QA2 U . 4.09 -18.45 1.05
N2 QA2 U . 4.47 -22.00 1.28
N3 QA2 U . 6.70 -21.11 1.24
N4 QA2 U . 7.20 -18.86 1.07
N5 QA2 U . 5.15 -11.38 2.44
O2 QA2 U . -0.98 -19.31 -0.88
O3 QA2 U . 1.11 -21.24 -0.18
C1 EDO V . -42.18 -31.77 19.96
O1 EDO V . -41.37 -32.44 20.93
C2 EDO V . -43.06 -32.78 19.25
O2 EDO V . -42.26 -33.60 18.38
K K W . -39.59 -18.88 31.07
K K X . -57.37 -31.69 -5.37
C2 QA2 Y . -36.34 -0.13 30.37
C1 QA2 Y . -37.16 1.56 28.89
O1 QA2 Y . -37.78 2.84 28.84
N QA2 Y . -34.89 1.88 27.86
C QA2 Y . -37.55 0.78 30.14
O QA2 Y . -37.79 1.60 31.27
C10 QA2 Y . -32.30 2.31 23.60
C11 QA2 Y . -33.40 3.15 22.98
C12 QA2 Y . -34.12 2.45 21.85
C13 QA2 Y . -33.73 2.65 20.53
C14 QA2 Y . -34.42 2.08 19.48
C15 QA2 Y . -35.54 1.27 19.73
C16 QA2 Y . -35.92 1.07 21.05
C17 QA2 Y . -35.22 1.65 22.09
C3 QA2 Y . -36.48 -1.54 29.83
C4 QA2 Y . -35.65 1.70 29.10
C5 QA2 Y . -35.14 1.31 26.64
C6 QA2 Y . -33.37 2.44 26.37
C7 QA2 Y . -33.75 2.62 27.69
C8 QA2 Y . -32.00 3.92 28.11
C9 QA2 Y . -32.18 3.09 25.96
N1 QA2 Y . -34.27 1.61 25.72
N2 QA2 Y . -33.10 3.35 28.61
N3 QA2 Y . -31.51 3.83 26.87
N4 QA2 Y . -31.68 3.03 24.71
N5 QA2 Y . -36.24 0.70 18.68
O2 QA2 Y . -37.47 -2.27 30.54
O3 QA2 Y . -35.22 0.51 29.72
C1 EDO Z . 7.75 9.06 -21.67
O1 EDO Z . 7.78 7.69 -21.25
C2 EDO Z . 7.01 9.90 -20.63
O2 EDO Z . 7.02 11.28 -21.03
C1 EDO AA . -42.94 -17.13 16.87
O1 EDO AA . -41.77 -17.02 17.68
C2 EDO AA . -43.42 -18.58 16.84
O2 EDO AA . -44.82 -18.63 16.53
#